data_3CPQ
# 
_entry.id   3CPQ 
# 
_audit_conform.dict_name       mmcif_pdbx.dic 
_audit_conform.dict_version    5.380 
_audit_conform.dict_location   http://mmcif.pdb.org/dictionaries/ascii/mmcif_pdbx.dic 
# 
loop_
_database_2.database_id 
_database_2.database_code 
_database_2.pdbx_database_accession 
_database_2.pdbx_DOI 
PDB   3CPQ         pdb_00003cpq 10.2210/pdb3cpq/pdb 
RCSB  RCSB047064   ?            ?                   
WWPDB D_1000047064 ?            ?                   
# 
_pdbx_database_status.status_code                     REL 
_pdbx_database_status.entry_id                        3CPQ 
_pdbx_database_status.recvd_initial_deposition_date   2008-04-01 
_pdbx_database_status.deposit_site                    RCSB 
_pdbx_database_status.process_site                    PDBJ 
_pdbx_database_status.status_code_sf                  REL 
_pdbx_database_status.status_code_mr                  ? 
_pdbx_database_status.SG_entry                        Y 
_pdbx_database_status.pdb_format_compatible           Y 
_pdbx_database_status.status_code_cs                  ? 
_pdbx_database_status.status_code_nmr_data            ? 
_pdbx_database_status.methods_development_category    ? 
# 
loop_
_audit_author.name 
_audit_author.pdbx_ordinal 
'Jeyakanthan, J.'                                        1 
'Sarani, R.'                                             2 
'Mridula, P.'                                            3 
'Sekar, K.'                                              4 
'Kuramitsu, S.'                                          5 
'Yokoyama, S.'                                           6 
'RIKEN Structural Genomics/Proteomics Initiative (RSGI)' 7 
# 
_citation.id                        primary 
_citation.title                     
'Crystal Structure of L30e a ribosomal protein from Methanocaldococcus jannaschii DSM2661 (MJ1044)' 
_citation.journal_abbrev            'To be Published' 
_citation.journal_volume            ? 
_citation.page_first                ? 
_citation.page_last                 ? 
_citation.year                      ? 
_citation.journal_id_ASTM           ? 
_citation.country                   ? 
_citation.journal_id_ISSN           ? 
_citation.journal_id_CSD            0353 
_citation.book_publisher            ? 
_citation.pdbx_database_id_PubMed   ? 
_citation.pdbx_database_id_DOI      ? 
# 
loop_
_citation_author.citation_id 
_citation_author.name 
_citation_author.ordinal 
_citation_author.identifier_ORCID 
primary 'Jeyakanthan, J.' 1 ? 
primary 'Sarani, R.'      2 ? 
primary 'Mridula, P.'     3 ? 
primary 'Sekar, K.'       4 ? 
primary 'Kuramitsu, S.'   5 ? 
primary 'Yokoyama, S.'    6 ? 
# 
_cell.entry_id           3CPQ 
_cell.length_a           46.115 
_cell.length_b           46.115 
_cell.length_c           98.509 
_cell.angle_alpha        90.00 
_cell.angle_beta         90.00 
_cell.angle_gamma        90.00 
_cell.Z_PDB              8 
_cell.pdbx_unique_axis   ? 
_cell.length_a_esd       ? 
_cell.length_b_esd       ? 
_cell.length_c_esd       ? 
_cell.angle_alpha_esd    ? 
_cell.angle_beta_esd     ? 
_cell.angle_gamma_esd    ? 
# 
_symmetry.entry_id                         3CPQ 
_symmetry.space_group_name_H-M             'P 43' 
_symmetry.pdbx_full_space_group_name_H-M   ? 
_symmetry.cell_setting                     ? 
_symmetry.Int_Tables_number                78 
_symmetry.space_group_name_Hall            ? 
# 
loop_
_entity.id 
_entity.type 
_entity.src_method 
_entity.pdbx_description 
_entity.formula_weight 
_entity.pdbx_number_of_molecules 
_entity.pdbx_ec 
_entity.pdbx_mutation 
_entity.pdbx_fragment 
_entity.details 
1 polymer man '50S ribosomal protein L30e' 12154.249 2   ? ? ? ? 
2 water   nat water                        18.015    127 ? ? ? ? 
# 
_entity_poly.entity_id                      1 
_entity_poly.type                           'polypeptide(L)' 
_entity_poly.nstd_linkage                   no 
_entity_poly.nstd_monomer                   no 
_entity_poly.pdbx_seq_one_letter_code       
;MRRRENMDVNKAIRTAVDTGKVILGSKRTIKFVKHGEGKLVVLAGNIPKDLEEDVKYYAKLSNIPVYQHKITSLELGAVC
GKPFPVAALLVLDEGLSNIMELVEKKEGGE
;
_entity_poly.pdbx_seq_one_letter_code_can   
;MRRRENMDVNKAIRTAVDTGKVILGSKRTIKFVKHGEGKLVVLAGNIPKDLEEDVKYYAKLSNIPVYQHKITSLELGAVC
GKPFPVAALLVLDEGLSNIMELVEKKEGGE
;
_entity_poly.pdbx_strand_id                 A,B 
_entity_poly.pdbx_target_identifier         ? 
# 
loop_
_entity_poly_seq.entity_id 
_entity_poly_seq.num 
_entity_poly_seq.mon_id 
_entity_poly_seq.hetero 
1 1   MET n 
1 2   ARG n 
1 3   ARG n 
1 4   ARG n 
1 5   GLU n 
1 6   ASN n 
1 7   MET n 
1 8   ASP n 
1 9   VAL n 
1 10  ASN n 
1 11  LYS n 
1 12  ALA n 
1 13  ILE n 
1 14  ARG n 
1 15  THR n 
1 16  ALA n 
1 17  VAL n 
1 18  ASP n 
1 19  THR n 
1 20  GLY n 
1 21  LYS n 
1 22  VAL n 
1 23  ILE n 
1 24  LEU n 
1 25  GLY n 
1 26  SER n 
1 27  LYS n 
1 28  ARG n 
1 29  THR n 
1 30  ILE n 
1 31  LYS n 
1 32  PHE n 
1 33  VAL n 
1 34  LYS n 
1 35  HIS n 
1 36  GLY n 
1 37  GLU n 
1 38  GLY n 
1 39  LYS n 
1 40  LEU n 
1 41  VAL n 
1 42  VAL n 
1 43  LEU n 
1 44  ALA n 
1 45  GLY n 
1 46  ASN n 
1 47  ILE n 
1 48  PRO n 
1 49  LYS n 
1 50  ASP n 
1 51  LEU n 
1 52  GLU n 
1 53  GLU n 
1 54  ASP n 
1 55  VAL n 
1 56  LYS n 
1 57  TYR n 
1 58  TYR n 
1 59  ALA n 
1 60  LYS n 
1 61  LEU n 
1 62  SER n 
1 63  ASN n 
1 64  ILE n 
1 65  PRO n 
1 66  VAL n 
1 67  TYR n 
1 68  GLN n 
1 69  HIS n 
1 70  LYS n 
1 71  ILE n 
1 72  THR n 
1 73  SER n 
1 74  LEU n 
1 75  GLU n 
1 76  LEU n 
1 77  GLY n 
1 78  ALA n 
1 79  VAL n 
1 80  CYS n 
1 81  GLY n 
1 82  LYS n 
1 83  PRO n 
1 84  PHE n 
1 85  PRO n 
1 86  VAL n 
1 87  ALA n 
1 88  ALA n 
1 89  LEU n 
1 90  LEU n 
1 91  VAL n 
1 92  LEU n 
1 93  ASP n 
1 94  GLU n 
1 95  GLY n 
1 96  LEU n 
1 97  SER n 
1 98  ASN n 
1 99  ILE n 
1 100 MET n 
1 101 GLU n 
1 102 LEU n 
1 103 VAL n 
1 104 GLU n 
1 105 LYS n 
1 106 LYS n 
1 107 GLU n 
1 108 GLY n 
1 109 GLY n 
1 110 GLU n 
# 
_entity_src_gen.entity_id                          1 
_entity_src_gen.pdbx_src_id                        1 
_entity_src_gen.pdbx_alt_source_flag               sample 
_entity_src_gen.pdbx_seq_type                      ? 
_entity_src_gen.pdbx_beg_seq_num                   ? 
_entity_src_gen.pdbx_end_seq_num                   ? 
_entity_src_gen.gene_src_common_name               'Methanococcus jannaschii' 
_entity_src_gen.gene_src_genus                     ? 
_entity_src_gen.pdbx_gene_src_gene                 ? 
_entity_src_gen.gene_src_species                   ? 
_entity_src_gen.gene_src_strain                    DSM2661 
_entity_src_gen.gene_src_tissue                    ? 
_entity_src_gen.gene_src_tissue_fraction           ? 
_entity_src_gen.gene_src_details                   ? 
_entity_src_gen.pdbx_gene_src_fragment             ? 
_entity_src_gen.pdbx_gene_src_scientific_name      'Methanocaldococcus jannaschii' 
_entity_src_gen.pdbx_gene_src_ncbi_taxonomy_id     2190 
_entity_src_gen.pdbx_gene_src_variant              ? 
_entity_src_gen.pdbx_gene_src_cell_line            ? 
_entity_src_gen.pdbx_gene_src_atcc                 ? 
_entity_src_gen.pdbx_gene_src_organ                ? 
_entity_src_gen.pdbx_gene_src_organelle            ? 
_entity_src_gen.pdbx_gene_src_cell                 ? 
_entity_src_gen.pdbx_gene_src_cellular_location    ? 
_entity_src_gen.host_org_common_name               ? 
_entity_src_gen.pdbx_host_org_scientific_name      'Escherichia coli' 
_entity_src_gen.pdbx_host_org_ncbi_taxonomy_id     562 
_entity_src_gen.host_org_genus                     ? 
_entity_src_gen.pdbx_host_org_gene                 ? 
_entity_src_gen.pdbx_host_org_organ                ? 
_entity_src_gen.host_org_species                   ? 
_entity_src_gen.pdbx_host_org_tissue               ? 
_entity_src_gen.pdbx_host_org_tissue_fraction      ? 
_entity_src_gen.pdbx_host_org_strain               'ROSETTA(DE3)' 
_entity_src_gen.pdbx_host_org_variant              ? 
_entity_src_gen.pdbx_host_org_cell_line            ? 
_entity_src_gen.pdbx_host_org_atcc                 ? 
_entity_src_gen.pdbx_host_org_culture_collection   ? 
_entity_src_gen.pdbx_host_org_cell                 ? 
_entity_src_gen.pdbx_host_org_organelle            ? 
_entity_src_gen.pdbx_host_org_cellular_location    ? 
_entity_src_gen.pdbx_host_org_vector_type          PLASMID 
_entity_src_gen.pdbx_host_org_vector               ? 
_entity_src_gen.host_org_details                   ? 
_entity_src_gen.expression_system_id               ? 
_entity_src_gen.plasmid_name                       PET21A 
_entity_src_gen.plasmid_details                    ? 
_entity_src_gen.pdbx_description                   ? 
# 
_struct_ref.id                         1 
_struct_ref.db_name                    UNP 
_struct_ref.db_code                    RL30E_METJA 
_struct_ref.pdbx_db_accession          P54061 
_struct_ref.entity_id                  1 
_struct_ref.pdbx_seq_one_letter_code   
;MRRRENMDVNKAIRTAVDTGKVILGSKRTIKFVKHGEGKLVVLAGNIPKDLEEDVKYYAKLSNIPVYQHKITSLELGAVC
GKPFPVAALLVLDEGLSNIMELVEKKEGGE
;
_struct_ref.pdbx_align_begin           1 
_struct_ref.pdbx_db_isoform            ? 
# 
loop_
_struct_ref_seq.align_id 
_struct_ref_seq.ref_id 
_struct_ref_seq.pdbx_PDB_id_code 
_struct_ref_seq.pdbx_strand_id 
_struct_ref_seq.seq_align_beg 
_struct_ref_seq.pdbx_seq_align_beg_ins_code 
_struct_ref_seq.seq_align_end 
_struct_ref_seq.pdbx_seq_align_end_ins_code 
_struct_ref_seq.pdbx_db_accession 
_struct_ref_seq.db_align_beg 
_struct_ref_seq.pdbx_db_align_beg_ins_code 
_struct_ref_seq.db_align_end 
_struct_ref_seq.pdbx_db_align_end_ins_code 
_struct_ref_seq.pdbx_auth_seq_align_beg 
_struct_ref_seq.pdbx_auth_seq_align_end 
1 1 3CPQ A 1 ? 110 ? P54061 1 ? 110 ? 1 110 
2 1 3CPQ B 1 ? 110 ? P54061 1 ? 110 ? 1 110 
# 
loop_
_chem_comp.id 
_chem_comp.type 
_chem_comp.mon_nstd_flag 
_chem_comp.name 
_chem_comp.pdbx_synonyms 
_chem_comp.formula 
_chem_comp.formula_weight 
ALA 'L-peptide linking' y ALANINE         ? 'C3 H7 N O2'     89.093  
ARG 'L-peptide linking' y ARGININE        ? 'C6 H15 N4 O2 1' 175.209 
ASN 'L-peptide linking' y ASPARAGINE      ? 'C4 H8 N2 O3'    132.118 
ASP 'L-peptide linking' y 'ASPARTIC ACID' ? 'C4 H7 N O4'     133.103 
CYS 'L-peptide linking' y CYSTEINE        ? 'C3 H7 N O2 S'   121.158 
GLN 'L-peptide linking' y GLUTAMINE       ? 'C5 H10 N2 O3'   146.144 
GLU 'L-peptide linking' y 'GLUTAMIC ACID' ? 'C5 H9 N O4'     147.129 
GLY 'peptide linking'   y GLYCINE         ? 'C2 H5 N O2'     75.067  
HIS 'L-peptide linking' y HISTIDINE       ? 'C6 H10 N3 O2 1' 156.162 
HOH non-polymer         . WATER           ? 'H2 O'           18.015  
ILE 'L-peptide linking' y ISOLEUCINE      ? 'C6 H13 N O2'    131.173 
LEU 'L-peptide linking' y LEUCINE         ? 'C6 H13 N O2'    131.173 
LYS 'L-peptide linking' y LYSINE          ? 'C6 H15 N2 O2 1' 147.195 
MET 'L-peptide linking' y METHIONINE      ? 'C5 H11 N O2 S'  149.211 
PHE 'L-peptide linking' y PHENYLALANINE   ? 'C9 H11 N O2'    165.189 
PRO 'L-peptide linking' y PROLINE         ? 'C5 H9 N O2'     115.130 
SER 'L-peptide linking' y SERINE          ? 'C3 H7 N O3'     105.093 
THR 'L-peptide linking' y THREONINE       ? 'C4 H9 N O3'     119.119 
TYR 'L-peptide linking' y TYROSINE        ? 'C9 H11 N O3'    181.189 
VAL 'L-peptide linking' y VALINE          ? 'C5 H11 N O2'    117.146 
# 
_exptl.entry_id          3CPQ 
_exptl.method            'X-RAY DIFFRACTION' 
_exptl.crystals_number   1 
# 
_exptl_crystal.id                    1 
_exptl_crystal.density_meas          ? 
_exptl_crystal.density_Matthews      2.15 
_exptl_crystal.density_percent_sol   42.91 
_exptl_crystal.description           ? 
_exptl_crystal.F_000                 ? 
_exptl_crystal.preparation           ? 
# 
_exptl_crystal_grow.crystal_id      1 
_exptl_crystal_grow.method          MICROBATCH 
_exptl_crystal_grow.temp            291 
_exptl_crystal_grow.temp_details    ? 
_exptl_crystal_grow.pH              6.0 
_exptl_crystal_grow.pdbx_details    '40% PEG400, 0.1 MES, 5% PEG3000, pH 6.0, MICROBATCH, temperature 291K' 
_exptl_crystal_grow.pdbx_pH_range   . 
# 
_diffrn.id                     1 
_diffrn.ambient_temp           100 
_diffrn.ambient_temp_details   ? 
_diffrn.crystal_id             1 
# 
_diffrn_detector.diffrn_id              1 
_diffrn_detector.detector               'IMAGE PLATE' 
_diffrn_detector.type                   RIGAKU 
_diffrn_detector.pdbx_collection_date   2007-06-13 
_diffrn_detector.details                'RH Coated Bent-Cyrindrical MIRROR' 
# 
_diffrn_radiation.diffrn_id                        1 
_diffrn_radiation.wavelength_id                    1 
_diffrn_radiation.pdbx_monochromatic_or_laue_m_l   M 
_diffrn_radiation.monochromator                    'SI 1 1 1 DOUBLE CRYSTAL MONOCHROMATOR' 
_diffrn_radiation.pdbx_diffrn_protocol             'SINGLE WAVELENGTH' 
_diffrn_radiation.pdbx_scattering_type             x-ray 
# 
_diffrn_radiation_wavelength.id           1 
_diffrn_radiation_wavelength.wavelength   1.0 
_diffrn_radiation_wavelength.wt           1.0 
# 
_diffrn_source.diffrn_id                   1 
_diffrn_source.source                      SYNCHROTRON 
_diffrn_source.type                        'SPRING-8 BEAMLINE BL26B1' 
_diffrn_source.pdbx_synchrotron_site       SPring-8 
_diffrn_source.pdbx_synchrotron_beamline   BL26B1 
_diffrn_source.pdbx_wavelength             ? 
_diffrn_source.pdbx_wavelength_list        1.0 
# 
_reflns.entry_id                     3CPQ 
_reflns.observed_criterion_sigma_I   ? 
_reflns.observed_criterion_sigma_F   ? 
_reflns.d_resolution_low             50.0 
_reflns.d_resolution_high            1.9 
_reflns.number_obs                   16282 
_reflns.number_all                   ? 
_reflns.percent_possible_obs         100 
_reflns.pdbx_Rmerge_I_obs            0.067 
_reflns.pdbx_Rsym_value              0.088 
_reflns.pdbx_netI_over_sigmaI        ? 
_reflns.B_iso_Wilson_estimate        19.5 
_reflns.pdbx_redundancy              ? 
_reflns.R_free_details               ? 
_reflns.limit_h_max                  ? 
_reflns.limit_h_min                  ? 
_reflns.limit_k_max                  ? 
_reflns.limit_k_min                  ? 
_reflns.limit_l_max                  ? 
_reflns.limit_l_min                  ? 
_reflns.observed_criterion_F_max     ? 
_reflns.observed_criterion_F_min     ? 
_reflns.pdbx_chi_squared             ? 
_reflns.pdbx_scaling_rejects         ? 
_reflns.pdbx_diffrn_id               1 
_reflns.pdbx_ordinal                 1 
# 
_reflns_shell.d_res_high             1.9 
_reflns_shell.d_res_low              1.97 
_reflns_shell.percent_possible_all   100 
_reflns_shell.Rmerge_I_obs           0.478 
_reflns_shell.pdbx_Rsym_value        0.541 
_reflns_shell.meanI_over_sigI_obs    ? 
_reflns_shell.pdbx_redundancy        ? 
_reflns_shell.percent_possible_obs   ? 
_reflns_shell.number_unique_all      1595 
_reflns_shell.number_measured_all    ? 
_reflns_shell.number_measured_obs    ? 
_reflns_shell.number_unique_obs      ? 
_reflns_shell.pdbx_chi_squared       ? 
_reflns_shell.pdbx_diffrn_id         ? 
_reflns_shell.pdbx_ordinal           1 
# 
_refine.entry_id                                 3CPQ 
_refine.ls_number_reflns_obs                     15776 
_refine.ls_number_reflns_all                     ? 
_refine.pdbx_ls_sigma_I                          ? 
_refine.pdbx_ls_sigma_F                          0.0 
_refine.pdbx_data_cutoff_high_absF               984491.78 
_refine.pdbx_data_cutoff_low_absF                0.000000 
_refine.pdbx_data_cutoff_high_rms_absF           ? 
_refine.ls_d_res_low                             46.12 
_refine.ls_d_res_high                            1.90 
_refine.ls_percent_reflns_obs                    97.2 
_refine.ls_R_factor_obs                          0.202 
_refine.ls_R_factor_all                          ? 
_refine.ls_R_factor_R_work                       0.202 
_refine.ls_R_factor_R_free                       0.227 
_refine.ls_R_factor_R_free_error                 0.008 
_refine.ls_R_factor_R_free_error_details         ? 
_refine.ls_percent_reflns_R_free                 4.8 
_refine.ls_number_reflns_R_free                  765 
_refine.ls_number_parameters                     ? 
_refine.ls_number_restraints                     ? 
_refine.occupancy_min                            ? 
_refine.occupancy_max                            ? 
_refine.correlation_coeff_Fo_to_Fc               ? 
_refine.correlation_coeff_Fo_to_Fc_free          ? 
_refine.B_iso_mean                               26.8 
_refine.aniso_B[1][1]                            2.49 
_refine.aniso_B[2][2]                            2.35 
_refine.aniso_B[3][3]                            -4.84 
_refine.aniso_B[1][2]                            0.00 
_refine.aniso_B[1][3]                            0.00 
_refine.aniso_B[2][3]                            0.00 
_refine.solvent_model_details                    'FLAT MODEL' 
_refine.solvent_model_param_ksol                 0.37649 
_refine.solvent_model_param_bsol                 64.0661 
_refine.pdbx_solvent_vdw_probe_radii             ? 
_refine.pdbx_solvent_ion_probe_radii             ? 
_refine.pdbx_solvent_shrinkage_radii             ? 
_refine.pdbx_ls_cross_valid_method               THROUGHOUT 
_refine.details                                  ? 
_refine.pdbx_starting_model                      'PDB ENTRY 1W41' 
_refine.pdbx_method_to_determine_struct          'MOLECULAR REPLACEMENT' 
_refine.pdbx_isotropic_thermal_model             RESTRAINED 
_refine.pdbx_stereochemistry_target_values       'Engh & Huber' 
_refine.pdbx_stereochem_target_val_spec_case     ? 
_refine.pdbx_R_Free_selection_details            RANDOM 
_refine.pdbx_overall_ESU_R                       ? 
_refine.pdbx_overall_ESU_R_Free                  ? 
_refine.overall_SU_ML                            ? 
_refine.overall_SU_B                             ? 
_refine.ls_redundancy_reflns_obs                 ? 
_refine.B_iso_min                                ? 
_refine.B_iso_max                                ? 
_refine.overall_SU_R_Cruickshank_DPI             ? 
_refine.overall_SU_R_free                        ? 
_refine.ls_wR_factor_R_free                      ? 
_refine.ls_wR_factor_R_work                      ? 
_refine.overall_FOM_free_R_set                   ? 
_refine.overall_FOM_work_R_set                   ? 
_refine.pdbx_overall_phase_error                 ? 
_refine.pdbx_refine_id                           'X-RAY DIFFRACTION' 
_refine.pdbx_diffrn_id                           1 
_refine.pdbx_TLS_residual_ADP_flag               ? 
_refine.pdbx_overall_SU_R_free_Cruickshank_DPI   ? 
_refine.pdbx_overall_SU_R_Blow_DPI               ? 
_refine.pdbx_overall_SU_R_free_Blow_DPI          ? 
# 
_refine_analyze.entry_id                        3CPQ 
_refine_analyze.Luzzati_coordinate_error_obs    0.20 
_refine_analyze.Luzzati_sigma_a_obs             0.09 
_refine_analyze.Luzzati_d_res_low_obs           5.00 
_refine_analyze.Luzzati_coordinate_error_free   0.25 
_refine_analyze.Luzzati_sigma_a_free            0.13 
_refine_analyze.Luzzati_d_res_low_free          ? 
_refine_analyze.number_disordered_residues      ? 
_refine_analyze.occupancy_sum_hydrogen          ? 
_refine_analyze.occupancy_sum_non_hydrogen      ? 
_refine_analyze.pdbx_Luzzati_d_res_high_obs     ? 
_refine_analyze.pdbx_refine_id                  'X-RAY DIFFRACTION' 
# 
_refine_hist.pdbx_refine_id                   'X-RAY DIFFRACTION' 
_refine_hist.cycle_id                         LAST 
_refine_hist.pdbx_number_atoms_protein        1532 
_refine_hist.pdbx_number_atoms_nucleic_acid   0 
_refine_hist.pdbx_number_atoms_ligand         0 
_refine_hist.number_atoms_solvent             127 
_refine_hist.number_atoms_total               1659 
_refine_hist.d_res_high                       1.90 
_refine_hist.d_res_low                        46.12 
# 
loop_
_refine_ls_restr.type 
_refine_ls_restr.dev_ideal 
_refine_ls_restr.dev_ideal_target 
_refine_ls_restr.weight 
_refine_ls_restr.number 
_refine_ls_restr.pdbx_refine_id 
_refine_ls_restr.pdbx_restraint_function 
c_bond_d           0.005 ? ? ? 'X-RAY DIFFRACTION' ? 
c_angle_deg        1.0   ? ? ? 'X-RAY DIFFRACTION' ? 
c_dihedral_angle_d 21.7  ? ? ? 'X-RAY DIFFRACTION' ? 
c_improper_angle_d 0.83  ? ? ? 'X-RAY DIFFRACTION' ? 
# 
_refine_ls_shell.pdbx_total_number_of_bins_used   8 
_refine_ls_shell.d_res_high                       1.90 
_refine_ls_shell.d_res_low                        1.99 
_refine_ls_shell.number_reflns_R_work             1755 
_refine_ls_shell.R_factor_R_work                  0.232 
_refine_ls_shell.percent_reflns_obs               91.3 
_refine_ls_shell.R_factor_R_free                  0.25 
_refine_ls_shell.R_factor_R_free_error            0.027 
_refine_ls_shell.percent_reflns_R_free            4.6 
_refine_ls_shell.number_reflns_R_free             84 
_refine_ls_shell.number_reflns_all                ? 
_refine_ls_shell.R_factor_all                     ? 
_refine_ls_shell.number_reflns_obs                ? 
_refine_ls_shell.redundancy_reflns_obs            ? 
_refine_ls_shell.pdbx_refine_id                   'X-RAY DIFFRACTION' 
# 
loop_
_pdbx_xplor_file.serial_no 
_pdbx_xplor_file.param_file 
_pdbx_xplor_file.topol_file 
_pdbx_xplor_file.pdbx_refine_id 
1 protein_rep.param protein.top      'X-RAY DIFFRACTION' 
3 ion.param         ion.top          'X-RAY DIFFRACTION' 
5 water_rep.param   water_protin.top 'X-RAY DIFFRACTION' 
# 
_struct.entry_id                  3CPQ 
_struct.title                     
'Crystal Structure of L30e a ribosomal protein from Methanocaldococcus jannaschii DSM2661 (MJ1044)' 
_struct.pdbx_model_details        ? 
_struct.pdbx_CASP_flag            ? 
_struct.pdbx_model_type_details   ? 
# 
_struct_keywords.entry_id        3CPQ 
_struct_keywords.pdbx_keywords   'RIBOSOMAL PROTEIN' 
_struct_keywords.text            
;ribosomal, RNA-protein, elongation factor, Ribonucleoprotein, Ribosomal protein, Structural Genomics, NPPSFA, National Project on Protein Structural and Functional Analyses, RIKEN Structural Genomics/Proteomics Initiative, RSGI
;
# 
loop_
_struct_asym.id 
_struct_asym.pdbx_blank_PDB_chainid_flag 
_struct_asym.pdbx_modified 
_struct_asym.entity_id 
_struct_asym.details 
A N N 1 ? 
B N N 1 ? 
C N N 2 ? 
D N N 2 ? 
# 
_struct_biol.id        1 
_struct_biol.details   ? 
# 
loop_
_struct_conf.conf_type_id 
_struct_conf.id 
_struct_conf.pdbx_PDB_helix_id 
_struct_conf.beg_label_comp_id 
_struct_conf.beg_label_asym_id 
_struct_conf.beg_label_seq_id 
_struct_conf.pdbx_beg_PDB_ins_code 
_struct_conf.end_label_comp_id 
_struct_conf.end_label_asym_id 
_struct_conf.end_label_seq_id 
_struct_conf.pdbx_end_PDB_ins_code 
_struct_conf.beg_auth_comp_id 
_struct_conf.beg_auth_asym_id 
_struct_conf.beg_auth_seq_id 
_struct_conf.end_auth_comp_id 
_struct_conf.end_auth_asym_id 
_struct_conf.end_auth_seq_id 
_struct_conf.pdbx_PDB_helix_class 
_struct_conf.details 
_struct_conf.pdbx_PDB_helix_length 
HELX_P HELX_P1  1  MET A 7  ? GLY A 20  ? MET A 7  GLY A 20  1 ? 14 
HELX_P HELX_P2  2  GLY A 25 ? HIS A 35  ? GLY A 25 HIS A 35  1 ? 11 
HELX_P HELX_P3  3  PRO A 48 ? SER A 62  ? PRO A 48 SER A 62  1 ? 15 
HELX_P HELX_P4  4  THR A 72 ? CYS A 80  ? THR A 72 CYS A 80  1 ? 9  
HELX_P HELX_P5  5  ASN A 98 ? LYS A 105 ? ASN A 98 LYS A 105 1 ? 8  
HELX_P HELX_P6  6  MET B 7  ? GLY B 20  ? MET B 7  GLY B 20  1 ? 14 
HELX_P HELX_P7  7  GLY B 25 ? HIS B 35  ? GLY B 25 HIS B 35  1 ? 11 
HELX_P HELX_P8  8  PRO B 48 ? SER B 62  ? PRO B 48 SER B 62  1 ? 15 
HELX_P HELX_P9  9  THR B 72 ? CYS B 80  ? THR B 72 CYS B 80  1 ? 9  
HELX_P HELX_P10 10 ASN B 98 ? LYS B 105 ? ASN B 98 LYS B 105 1 ? 8  
# 
_struct_conf_type.id          HELX_P 
_struct_conf_type.criteria    ? 
_struct_conf_type.reference   ? 
# 
loop_
_struct_sheet.id 
_struct_sheet.type 
_struct_sheet.number_strands 
_struct_sheet.details 
A ? 4 ? 
B ? 4 ? 
# 
loop_
_struct_sheet_order.sheet_id 
_struct_sheet_order.range_id_1 
_struct_sheet_order.range_id_2 
_struct_sheet_order.offset 
_struct_sheet_order.sense 
A 1 2 ? anti-parallel 
A 2 3 ? anti-parallel 
A 3 4 ? parallel      
B 1 2 ? anti-parallel 
B 2 3 ? anti-parallel 
B 3 4 ? parallel      
# 
loop_
_struct_sheet_range.sheet_id 
_struct_sheet_range.id 
_struct_sheet_range.beg_label_comp_id 
_struct_sheet_range.beg_label_asym_id 
_struct_sheet_range.beg_label_seq_id 
_struct_sheet_range.pdbx_beg_PDB_ins_code 
_struct_sheet_range.end_label_comp_id 
_struct_sheet_range.end_label_asym_id 
_struct_sheet_range.end_label_seq_id 
_struct_sheet_range.pdbx_end_PDB_ins_code 
_struct_sheet_range.beg_auth_comp_id 
_struct_sheet_range.beg_auth_asym_id 
_struct_sheet_range.beg_auth_seq_id 
_struct_sheet_range.end_auth_comp_id 
_struct_sheet_range.end_auth_asym_id 
_struct_sheet_range.end_auth_seq_id 
A 1 LYS A 21 ? LEU A 24 ? LYS A 21 LEU A 24 
A 2 ALA A 88 ? ASP A 93 ? ALA A 88 ASP A 93 
A 3 LEU A 40 ? LEU A 43 ? LEU A 40 LEU A 43 
A 4 VAL A 66 ? GLN A 68 ? VAL A 66 GLN A 68 
B 1 LYS B 21 ? LEU B 24 ? LYS B 21 LEU B 24 
B 2 ALA B 88 ? ASP B 93 ? ALA B 88 ASP B 93 
B 3 LEU B 40 ? LEU B 43 ? LEU B 40 LEU B 43 
B 4 VAL B 66 ? GLN B 68 ? VAL B 66 GLN B 68 
# 
loop_
_pdbx_struct_sheet_hbond.sheet_id 
_pdbx_struct_sheet_hbond.range_id_1 
_pdbx_struct_sheet_hbond.range_id_2 
_pdbx_struct_sheet_hbond.range_1_label_atom_id 
_pdbx_struct_sheet_hbond.range_1_label_comp_id 
_pdbx_struct_sheet_hbond.range_1_label_asym_id 
_pdbx_struct_sheet_hbond.range_1_label_seq_id 
_pdbx_struct_sheet_hbond.range_1_PDB_ins_code 
_pdbx_struct_sheet_hbond.range_1_auth_atom_id 
_pdbx_struct_sheet_hbond.range_1_auth_comp_id 
_pdbx_struct_sheet_hbond.range_1_auth_asym_id 
_pdbx_struct_sheet_hbond.range_1_auth_seq_id 
_pdbx_struct_sheet_hbond.range_2_label_atom_id 
_pdbx_struct_sheet_hbond.range_2_label_comp_id 
_pdbx_struct_sheet_hbond.range_2_label_asym_id 
_pdbx_struct_sheet_hbond.range_2_label_seq_id 
_pdbx_struct_sheet_hbond.range_2_PDB_ins_code 
_pdbx_struct_sheet_hbond.range_2_auth_atom_id 
_pdbx_struct_sheet_hbond.range_2_auth_comp_id 
_pdbx_struct_sheet_hbond.range_2_auth_asym_id 
_pdbx_struct_sheet_hbond.range_2_auth_seq_id 
A 1 2 N ILE A 23 ? N ILE A 23 O LEU A 90 ? O LEU A 90 
A 2 3 O VAL A 91 ? O VAL A 91 N LEU A 40 ? N LEU A 40 
A 3 4 N VAL A 41 ? N VAL A 41 O TYR A 67 ? O TYR A 67 
B 1 2 N ILE B 23 ? N ILE B 23 O LEU B 90 ? O LEU B 90 
B 2 3 O VAL B 91 ? O VAL B 91 N LEU B 40 ? N LEU B 40 
B 3 4 N VAL B 41 ? N VAL B 41 O TYR B 67 ? O TYR B 67 
# 
_atom_sites.entry_id                    3CPQ 
_atom_sites.fract_transf_matrix[1][1]   0.01463573 
_atom_sites.fract_transf_matrix[1][2]   0.00913536 
_atom_sites.fract_transf_matrix[1][3]   0.01313697 
_atom_sites.fract_transf_matrix[2][1]   -0.01313022 
_atom_sites.fract_transf_matrix[2][2]   0.01703185 
_atom_sites.fract_transf_matrix[2][3]   0.00278438 
_atom_sites.fract_transf_matrix[3][1]   -0.00428091 
_atom_sites.fract_transf_matrix[3][2]   -0.00460324 
_atom_sites.fract_transf_matrix[3][3]   0.00797037 
_atom_sites.fract_transf_vector[1]      0.082755 
_atom_sites.fract_transf_vector[2]      0.587582 
_atom_sites.fract_transf_vector[3]      0.707730 
# 
loop_
_atom_type.symbol 
C 
N 
O 
S 
# 
loop_
_atom_site.group_PDB 
_atom_site.id 
_atom_site.type_symbol 
_atom_site.label_atom_id 
_atom_site.label_alt_id 
_atom_site.label_comp_id 
_atom_site.label_asym_id 
_atom_site.label_entity_id 
_atom_site.label_seq_id 
_atom_site.pdbx_PDB_ins_code 
_atom_site.Cartn_x 
_atom_site.Cartn_y 
_atom_site.Cartn_z 
_atom_site.occupancy 
_atom_site.B_iso_or_equiv 
_atom_site.pdbx_formal_charge 
_atom_site.auth_seq_id 
_atom_site.auth_comp_id 
_atom_site.auth_asym_id 
_atom_site.auth_atom_id 
_atom_site.pdbx_PDB_model_num 
ATOM   1    N N   . MET A 1 7   ? 12.894  -11.115 13.932  1.00 63.30 ? 7   MET A N   1 
ATOM   2    C CA  . MET A 1 7   ? 14.030  -11.383 14.863  1.00 61.38 ? 7   MET A CA  1 
ATOM   3    C C   . MET A 1 7   ? 15.373  -11.333 14.143  1.00 57.83 ? 7   MET A C   1 
ATOM   4    O O   . MET A 1 7   ? 16.102  -10.347 14.238  1.00 55.68 ? 7   MET A O   1 
ATOM   5    C CB  . MET A 1 7   ? 13.860  -12.755 15.523  1.00 66.19 ? 7   MET A CB  1 
ATOM   6    C CG  . MET A 1 7   ? 12.825  -12.795 16.634  1.00 72.57 ? 7   MET A CG  1 
ATOM   7    S SD  . MET A 1 7   ? 13.337  -11.841 18.080  1.00 82.83 ? 7   MET A SD  1 
ATOM   8    C CE  . MET A 1 7   ? 14.249  -13.084 19.003  1.00 88.70 ? 7   MET A CE  1 
ATOM   9    N N   . ASP A 1 8   ? 15.694  -12.406 13.428  1.00 52.95 ? 8   ASP A N   1 
ATOM   10   C CA  . ASP A 1 8   ? 16.949  -12.488 12.696  1.00 47.23 ? 8   ASP A CA  1 
ATOM   11   C C   . ASP A 1 8   ? 17.031  -11.430 11.606  1.00 38.81 ? 8   ASP A C   1 
ATOM   12   O O   . ASP A 1 8   ? 18.055  -10.768 11.461  1.00 35.65 ? 8   ASP A O   1 
ATOM   13   C CB  . ASP A 1 8   ? 17.110  -13.881 12.084  1.00 54.95 ? 8   ASP A CB  1 
ATOM   14   C CG  . ASP A 1 8   ? 17.405  -14.943 13.126  1.00 60.79 ? 8   ASP A CG  1 
ATOM   15   O OD1 . ASP A 1 8   ? 16.625  -15.062 14.097  1.00 67.80 ? 8   ASP A OD1 1 
ATOM   16   O OD2 . ASP A 1 8   ? 18.417  -15.661 12.973  1.00 66.96 ? 8   ASP A OD2 1 
ATOM   17   N N   . VAL A 1 9   ? 15.950  -11.272 10.847  1.00 31.52 ? 9   VAL A N   1 
ATOM   18   C CA  . VAL A 1 9   ? 15.910  -10.283 9.774   1.00 28.32 ? 9   VAL A CA  1 
ATOM   19   C C   . VAL A 1 9   ? 16.156  -8.881  10.312  1.00 26.61 ? 9   VAL A C   1 
ATOM   20   O O   . VAL A 1 9   ? 16.921  -8.111  9.728   1.00 26.33 ? 9   VAL A O   1 
ATOM   21   C CB  . VAL A 1 9   ? 14.549  -10.298 9.045   1.00 31.11 ? 9   VAL A CB  1 
ATOM   22   C CG1 . VAL A 1 9   ? 14.463  -9.131  8.067   1.00 31.81 ? 9   VAL A CG1 1 
ATOM   23   C CG2 . VAL A 1 9   ? 14.378  -11.612 8.303   1.00 34.05 ? 9   VAL A CG2 1 
ATOM   24   N N   . ASN A 1 10  ? 15.508  -8.548  11.425  1.00 24.54 ? 10  ASN A N   1 
ATOM   25   C CA  . ASN A 1 10  ? 15.676  -7.225  12.016  1.00 22.54 ? 10  ASN A CA  1 
ATOM   26   C C   . ASN A 1 10  ? 17.110  -7.015  12.489  1.00 23.96 ? 10  ASN A C   1 
ATOM   27   O O   . ASN A 1 10  ? 17.670  -5.931  12.330  1.00 21.05 ? 10  ASN A O   1 
ATOM   28   C CB  . ASN A 1 10  ? 14.697  -7.026  13.176  1.00 24.40 ? 10  ASN A CB  1 
ATOM   29   C CG  . ASN A 1 10  ? 13.251  -7.024  12.720  1.00 27.05 ? 10  ASN A CG  1 
ATOM   30   O OD1 . ASN A 1 10  ? 12.942  -6.582  11.617  1.00 25.80 ? 10  ASN A OD1 1 
ATOM   31   N ND2 . ASN A 1 10  ? 12.355  -7.510  13.573  1.00 28.42 ? 10  ASN A ND2 1 
ATOM   32   N N   . LYS A 1 11  ? 17.706  -8.050  13.072  1.00 22.75 ? 11  LYS A N   1 
ATOM   33   C CA  . LYS A 1 11  ? 19.084  -7.953  13.541  1.00 25.14 ? 11  LYS A CA  1 
ATOM   34   C C   . LYS A 1 11  ? 19.995  -7.723  12.342  1.00 21.45 ? 11  LYS A C   1 
ATOM   35   O O   . LYS A 1 11  ? 20.935  -6.928  12.402  1.00 22.12 ? 11  LYS A O   1 
ATOM   36   C CB  . LYS A 1 11  ? 19.504  -9.240  14.259  1.00 26.96 ? 11  LYS A CB  1 
ATOM   37   C CG  . LYS A 1 11  ? 18.637  -9.607  15.450  1.00 37.63 ? 11  LYS A CG  1 
ATOM   38   C CD  . LYS A 1 11  ? 18.641  -8.510  16.498  1.00 43.18 ? 11  LYS A CD  1 
ATOM   39   C CE  . LYS A 1 11  ? 17.700  -8.843  17.644  1.00 48.30 ? 11  LYS A CE  1 
ATOM   40   N NZ  . LYS A 1 11  ? 17.694  -7.776  18.682  1.00 52.28 ? 11  LYS A NZ  1 
ATOM   41   N N   . ALA A 1 12  ? 19.709  -8.434  11.256  1.00 24.03 ? 12  ALA A N   1 
ATOM   42   C CA  . ALA A 1 12  ? 20.490  -8.328  10.027  1.00 20.58 ? 12  ALA A CA  1 
ATOM   43   C C   . ALA A 1 12  ? 20.374  -6.935  9.411   1.00 20.65 ? 12  ALA A C   1 
ATOM   44   O O   . ALA A 1 12  ? 21.353  -6.387  8.903   1.00 20.67 ? 12  ALA A O   1 
ATOM   45   C CB  . ALA A 1 12  ? 20.024  -9.381  9.030   1.00 24.29 ? 12  ALA A CB  1 
ATOM   46   N N   . ILE A 1 13  ? 19.176  -6.365  9.452   1.00 19.34 ? 13  ILE A N   1 
ATOM   47   C CA  . ILE A 1 13  ? 18.954  -5.031  8.900   1.00 18.48 ? 13  ILE A CA  1 
ATOM   48   C C   . ILE A 1 13  ? 19.754  -3.987  9.673   1.00 15.94 ? 13  ILE A C   1 
ATOM   49   O O   . ILE A 1 13  ? 20.438  -3.147  9.087   1.00 18.00 ? 13  ILE A O   1 
ATOM   50   C CB  . ILE A 1 13  ? 17.451  -4.647  8.937   1.00 18.57 ? 13  ILE A CB  1 
ATOM   51   C CG1 . ILE A 1 13  ? 16.669  -5.527  7.958   1.00 19.97 ? 13  ILE A CG1 1 
ATOM   52   C CG2 . ILE A 1 13  ? 17.280  -3.170  8.586   1.00 14.22 ? 13  ILE A CG2 1 
ATOM   53   C CD1 . ILE A 1 13  ? 15.160  -5.349  8.026   1.00 20.23 ? 13  ILE A CD1 1 
ATOM   54   N N   . ARG A 1 14  ? 19.674  -4.045  10.995  1.00 17.80 ? 14  ARG A N   1 
ATOM   55   C CA  . ARG A 1 14  ? 20.402  -3.091  11.821  1.00 14.97 ? 14  ARG A CA  1 
ATOM   56   C C   . ARG A 1 14  ? 21.909  -3.216  11.577  1.00 16.87 ? 14  ARG A C   1 
ATOM   57   O O   . ARG A 1 14  ? 22.624  -2.215  11.497  1.00 16.40 ? 14  ARG A O   1 
ATOM   58   C CB  . ARG A 1 14  ? 20.072  -3.326  13.301  1.00 19.27 ? 14  ARG A CB  1 
ATOM   59   C CG  . ARG A 1 14  ? 20.758  -2.357  14.260  1.00 23.95 ? 14  ARG A CG  1 
ATOM   60   C CD  . ARG A 1 14  ? 20.603  -0.918  13.795  1.00 24.36 ? 14  ARG A CD  1 
ATOM   61   N NE  . ARG A 1 14  ? 21.073  0.040   14.794  1.00 29.82 ? 14  ARG A NE  1 
ATOM   62   C CZ  . ARG A 1 14  ? 20.407  0.351   15.901  1.00 33.74 ? 14  ARG A CZ  1 
ATOM   63   N NH1 . ARG A 1 14  ? 19.237  -0.217  16.158  1.00 32.01 ? 14  ARG A NH1 1 
ATOM   64   N NH2 . ARG A 1 14  ? 20.913  1.229   16.755  1.00 35.40 ? 14  ARG A NH2 1 
ATOM   65   N N   . THR A 1 15  ? 22.389  -4.447  11.445  1.00 19.00 ? 15  THR A N   1 
ATOM   66   C CA  . THR A 1 15  ? 23.810  -4.677  11.201  1.00 21.75 ? 15  THR A CA  1 
ATOM   67   C C   . THR A 1 15  ? 24.264  -4.054  9.880   1.00 22.55 ? 15  THR A C   1 
ATOM   68   O O   . THR A 1 15  ? 25.376  -3.529  9.780   1.00 21.58 ? 15  THR A O   1 
ATOM   69   C CB  . THR A 1 15  ? 24.128  -6.182  11.166  1.00 24.26 ? 15  THR A CB  1 
ATOM   70   O OG1 . THR A 1 15  ? 23.775  -6.776  12.422  1.00 27.51 ? 15  THR A OG1 1 
ATOM   71   C CG2 . THR A 1 15  ? 25.610  -6.405  10.894  1.00 23.29 ? 15  THR A CG2 1 
ATOM   72   N N   . ALA A 1 16  ? 23.401  -4.112  8.867   1.00 21.21 ? 16  ALA A N   1 
ATOM   73   C CA  . ALA A 1 16  ? 23.734  -3.554  7.559   1.00 21.20 ? 16  ALA A CA  1 
ATOM   74   C C   . ALA A 1 16  ? 23.780  -2.033  7.627   1.00 19.99 ? 16  ALA A C   1 
ATOM   75   O O   . ALA A 1 16  ? 24.637  -1.396  7.010   1.00 20.16 ? 16  ALA A O   1 
ATOM   76   C CB  . ALA A 1 16  ? 22.712  -4.006  6.518   1.00 17.47 ? 16  ALA A CB  1 
ATOM   77   N N   . VAL A 1 17  ? 22.846  -1.456  8.374   1.00 22.24 ? 17  VAL A N   1 
ATOM   78   C CA  . VAL A 1 17  ? 22.773  -0.011  8.546   1.00 19.99 ? 17  VAL A CA  1 
ATOM   79   C C   . VAL A 1 17  ? 24.010  0.505   9.285   1.00 22.70 ? 17  VAL A C   1 
ATOM   80   O O   . VAL A 1 17  ? 24.593  1.526   8.909   1.00 21.57 ? 17  VAL A O   1 
ATOM   81   C CB  . VAL A 1 17  ? 21.525  0.388   9.370   1.00 22.09 ? 17  VAL A CB  1 
ATOM   82   C CG1 . VAL A 1 17  ? 21.577  1.863   9.715   1.00 20.78 ? 17  VAL A CG1 1 
ATOM   83   C CG2 . VAL A 1 17  ? 20.252  0.070   8.587   1.00 18.74 ? 17  VAL A CG2 1 
ATOM   84   N N   . ASP A 1 18  ? 24.398  -0.207  10.340  1.00 22.28 ? 18  ASP A N   1 
ATOM   85   C CA  . ASP A 1 18  ? 25.548  0.186   11.156  1.00 28.26 ? 18  ASP A CA  1 
ATOM   86   C C   . ASP A 1 18  ? 26.923  -0.155  10.586  1.00 26.79 ? 18  ASP A C   1 
ATOM   87   O O   . ASP A 1 18  ? 27.862  0.625   10.737  1.00 31.29 ? 18  ASP A O   1 
ATOM   88   C CB  . ASP A 1 18  ? 25.449  -0.422  12.560  1.00 26.51 ? 18  ASP A CB  1 
ATOM   89   C CG  . ASP A 1 18  ? 24.316  0.163   13.371  1.00 28.24 ? 18  ASP A CG  1 
ATOM   90   O OD1 . ASP A 1 18  ? 23.880  1.290   13.059  1.00 30.19 ? 18  ASP A OD1 1 
ATOM   91   O OD2 . ASP A 1 18  ? 23.874  -0.499  14.331  1.00 31.42 ? 18  ASP A OD2 1 
ATOM   92   N N   . THR A 1 19  ? 27.054  -1.310  9.943   1.00 26.52 ? 19  THR A N   1 
ATOM   93   C CA  . THR A 1 19  ? 28.354  -1.699  9.404   1.00 24.68 ? 19  THR A CA  1 
ATOM   94   C C   . THR A 1 19  ? 28.496  -1.540  7.895   1.00 25.84 ? 19  THR A C   1 
ATOM   95   O O   . THR A 1 19  ? 29.608  -1.588  7.368   1.00 25.11 ? 19  THR A O   1 
ATOM   96   C CB  . THR A 1 19  ? 28.707  -3.163  9.779   1.00 27.29 ? 19  THR A CB  1 
ATOM   97   O OG1 . THR A 1 19  ? 27.892  -4.071  9.029   1.00 21.74 ? 19  THR A OG1 1 
ATOM   98   C CG2 . THR A 1 19  ? 28.475  -3.399  11.265  1.00 28.96 ? 19  THR A CG2 1 
ATOM   99   N N   . GLY A 1 20  ? 27.383  -1.346  7.194   1.00 24.11 ? 20  GLY A N   1 
ATOM   100  C CA  . GLY A 1 20  ? 27.461  -1.203  5.750   1.00 20.74 ? 20  GLY A CA  1 
ATOM   101  C C   . GLY A 1 20  ? 26.961  0.139   5.265   1.00 21.74 ? 20  GLY A C   1 
ATOM   102  O O   . GLY A 1 20  ? 27.296  1.178   5.828   1.00 24.43 ? 20  GLY A O   1 
ATOM   103  N N   . LYS A 1 21  ? 26.165  0.115   4.201   1.00 21.46 ? 21  LYS A N   1 
ATOM   104  C CA  . LYS A 1 21  ? 25.590  1.329   3.645   1.00 20.94 ? 21  LYS A CA  1 
ATOM   105  C C   . LYS A 1 21  ? 24.159  1.030   3.229   1.00 17.48 ? 21  LYS A C   1 
ATOM   106  O O   . LYS A 1 21  ? 23.920  0.233   2.325   1.00 21.20 ? 21  LYS A O   1 
ATOM   107  C CB  . LYS A 1 21  ? 26.390  1.809   2.430   1.00 22.83 ? 21  LYS A CB  1 
ATOM   108  C CG  . LYS A 1 21  ? 25.768  3.009   1.721   1.00 25.49 ? 21  LYS A CG  1 
ATOM   109  C CD  . LYS A 1 21  ? 25.550  4.185   2.668   1.00 31.57 ? 21  LYS A CD  1 
ATOM   110  C CE  . LYS A 1 21  ? 26.863  4.743   3.208   1.00 35.80 ? 21  LYS A CE  1 
ATOM   111  N NZ  . LYS A 1 21  ? 27.694  5.384   2.146   1.00 35.94 ? 21  LYS A NZ  1 
ATOM   112  N N   . VAL A 1 22  ? 23.214  1.676   3.901   1.00 19.19 ? 22  VAL A N   1 
ATOM   113  C CA  . VAL A 1 22  ? 21.795  1.485   3.614   1.00 15.73 ? 22  VAL A CA  1 
ATOM   114  C C   . VAL A 1 22  ? 21.122  2.826   3.350   1.00 15.21 ? 22  VAL A C   1 
ATOM   115  O O   . VAL A 1 22  ? 21.275  3.773   4.125   1.00 21.77 ? 22  VAL A O   1 
ATOM   116  C CB  . VAL A 1 22  ? 21.087  0.802   4.805   1.00 15.74 ? 22  VAL A CB  1 
ATOM   117  C CG1 . VAL A 1 22  ? 19.587  0.719   4.551   1.00 14.17 ? 22  VAL A CG1 1 
ATOM   118  C CG2 . VAL A 1 22  ? 21.673  -0.590  5.024   1.00 14.93 ? 22  VAL A CG2 1 
ATOM   119  N N   . ILE A 1 23  ? 20.384  2.901   2.249   1.00 16.66 ? 23  ILE A N   1 
ATOM   120  C CA  . ILE A 1 23  ? 19.660  4.113   1.885   1.00 16.68 ? 23  ILE A CA  1 
ATOM   121  C C   . ILE A 1 23  ? 18.277  3.985   2.518   1.00 17.67 ? 23  ILE A C   1 
ATOM   122  O O   . ILE A 1 23  ? 17.591  2.982   2.320   1.00 15.63 ? 23  ILE A O   1 
ATOM   123  C CB  . ILE A 1 23  ? 19.515  4.237   0.354   1.00 18.67 ? 23  ILE A CB  1 
ATOM   124  C CG1 . ILE A 1 23  ? 20.898  4.427   -0.282  1.00 17.75 ? 23  ILE A CG1 1 
ATOM   125  C CG2 . ILE A 1 23  ? 18.572  5.397   0.003   1.00 16.46 ? 23  ILE A CG2 1 
ATOM   126  C CD1 . ILE A 1 23  ? 21.642  5.659   0.203   1.00 19.21 ? 23  ILE A CD1 1 
ATOM   127  N N   . LEU A 1 24  ? 17.878  4.994   3.284   1.00 18.10 ? 24  LEU A N   1 
ATOM   128  C CA  . LEU A 1 24  ? 16.584  4.971   3.967   1.00 21.46 ? 24  LEU A CA  1 
ATOM   129  C C   . LEU A 1 24  ? 15.547  5.871   3.307   1.00 21.13 ? 24  LEU A C   1 
ATOM   130  O O   . LEU A 1 24  ? 15.840  7.017   2.958   1.00 22.69 ? 24  LEU A O   1 
ATOM   131  C CB  . LEU A 1 24  ? 16.762  5.403   5.427   1.00 19.48 ? 24  LEU A CB  1 
ATOM   132  C CG  . LEU A 1 24  ? 17.855  4.718   6.251   1.00 18.33 ? 24  LEU A CG  1 
ATOM   133  C CD1 . LEU A 1 24  ? 17.864  5.291   7.667   1.00 21.67 ? 24  LEU A CD1 1 
ATOM   134  C CD2 . LEU A 1 24  ? 17.607  3.217   6.285   1.00 20.47 ? 24  LEU A CD2 1 
ATOM   135  N N   . GLY A 1 25  ? 14.332  5.354   3.140   1.00 19.50 ? 25  GLY A N   1 
ATOM   136  C CA  . GLY A 1 25  ? 13.275  6.151   2.542   1.00 20.34 ? 25  GLY A CA  1 
ATOM   137  C C   . GLY A 1 25  ? 12.754  5.593   1.239   1.00 21.78 ? 25  GLY A C   1 
ATOM   138  O O   . GLY A 1 25  ? 13.531  5.117   0.409   1.00 19.50 ? 25  GLY A O   1 
ATOM   139  N N   . SER A 1 26  ? 11.438  5.659   1.051   1.00 20.06 ? 26  SER A N   1 
ATOM   140  C CA  . SER A 1 26  ? 10.811  5.147   -0.162  1.00 19.40 ? 26  SER A CA  1 
ATOM   141  C C   . SER A 1 26  ? 11.236  5.921   -1.407  1.00 22.96 ? 26  SER A C   1 
ATOM   142  O O   . SER A 1 26  ? 11.555  5.324   -2.435  1.00 21.93 ? 26  SER A O   1 
ATOM   143  C CB  . SER A 1 26  ? 9.280   5.177   -0.018  1.00 19.15 ? 26  SER A CB  1 
ATOM   144  O OG  . SER A 1 26  ? 8.813   6.496   0.200   1.00 26.81 ? 26  SER A OG  1 
ATOM   145  N N   . LYS A 1 27  ? 11.246  7.249   -1.311  1.00 22.90 ? 27  LYS A N   1 
ATOM   146  C CA  . LYS A 1 27  ? 11.632  8.090   -2.440  1.00 23.38 ? 27  LYS A CA  1 
ATOM   147  C C   . LYS A 1 27  ? 13.087  7.863   -2.856  1.00 22.65 ? 27  LYS A C   1 
ATOM   148  O O   . LYS A 1 27  ? 13.389  7.733   -4.041  1.00 18.38 ? 27  LYS A O   1 
ATOM   149  C CB  . LYS A 1 27  ? 11.434  9.567   -2.092  1.00 27.56 ? 27  LYS A CB  1 
ATOM   150  C CG  . LYS A 1 27  ? 10.006  9.934   -1.724  1.00 30.66 ? 27  LYS A CG  1 
ATOM   151  C CD  . LYS A 1 27  ? 9.048   9.659   -2.869  1.00 31.46 ? 27  LYS A CD  1 
ATOM   152  C CE  . LYS A 1 27  ? 7.627   10.047  -2.486  1.00 38.00 ? 27  LYS A CE  1 
ATOM   153  N NZ  . LYS A 1 27  ? 7.554   11.471  -2.055  1.00 36.32 ? 27  LYS A NZ  1 
ATOM   154  N N   . ARG A 1 28  ? 13.986  7.822   -1.881  1.00 22.12 ? 28  ARG A N   1 
ATOM   155  C CA  . ARG A 1 28  ? 15.396  7.609   -2.177  1.00 22.41 ? 28  ARG A CA  1 
ATOM   156  C C   . ARG A 1 28  ? 15.625  6.202   -2.713  1.00 21.17 ? 28  ARG A C   1 
ATOM   157  O O   . ARG A 1 28  ? 16.397  6.013   -3.653  1.00 20.16 ? 28  ARG A O   1 
ATOM   158  C CB  . ARG A 1 28  ? 16.247  7.830   -0.927  1.00 24.80 ? 28  ARG A CB  1 
ATOM   159  C CG  . ARG A 1 28  ? 16.142  9.234   -0.351  1.00 32.96 ? 28  ARG A CG  1 
ATOM   160  C CD  . ARG A 1 28  ? 17.078  9.399   0.828   1.00 40.11 ? 28  ARG A CD  1 
ATOM   161  N NE  . ARG A 1 28  ? 18.477  9.370   0.413   1.00 45.86 ? 28  ARG A NE  1 
ATOM   162  C CZ  . ARG A 1 28  ? 19.494  9.175   1.245   1.00 52.56 ? 28  ARG A CZ  1 
ATOM   163  N NH1 . ARG A 1 28  ? 19.262  8.989   2.538   1.00 56.56 ? 28  ARG A NH1 1 
ATOM   164  N NH2 . ARG A 1 28  ? 20.740  9.179   0.792   1.00 52.32 ? 28  ARG A NH2 1 
ATOM   165  N N   . THR A 1 29  ? 14.960  5.217   -2.112  1.00 17.89 ? 29  THR A N   1 
ATOM   166  C CA  . THR A 1 29  ? 15.103  3.830   -2.555  1.00 15.12 ? 29  THR A CA  1 
ATOM   167  C C   . THR A 1 29  ? 14.740  3.710   -4.029  1.00 16.91 ? 29  THR A C   1 
ATOM   168  O O   . THR A 1 29  ? 15.482  3.127   -4.821  1.00 18.09 ? 29  THR A O   1 
ATOM   169  C CB  . THR A 1 29  ? 14.199  2.885   -1.723  1.00 16.59 ? 29  THR A CB  1 
ATOM   170  O OG1 . THR A 1 29  ? 14.691  2.829   -0.380  1.00 13.19 ? 29  THR A OG1 1 
ATOM   171  C CG2 . THR A 1 29  ? 14.184  1.475   -2.317  1.00 14.39 ? 29  THR A CG2 1 
ATOM   172  N N   . ILE A 1 30  ? 13.593  4.271   -4.397  1.00 16.53 ? 30  ILE A N   1 
ATOM   173  C CA  . ILE A 1 30  ? 13.137  4.228   -5.783  1.00 16.42 ? 30  ILE A CA  1 
ATOM   174  C C   . ILE A 1 30  ? 14.143  4.926   -6.694  1.00 17.46 ? 30  ILE A C   1 
ATOM   175  O O   . ILE A 1 30  ? 14.459  4.433   -7.780  1.00 18.08 ? 30  ILE A O   1 
ATOM   176  C CB  . ILE A 1 30  ? 11.755  4.918   -5.931  1.00 19.57 ? 30  ILE A CB  1 
ATOM   177  C CG1 . ILE A 1 30  ? 10.689  4.098   -5.199  1.00 20.76 ? 30  ILE A CG1 1 
ATOM   178  C CG2 . ILE A 1 30  ? 11.395  5.077   -7.400  1.00 24.00 ? 30  ILE A CG2 1 
ATOM   179  C CD1 . ILE A 1 30  ? 9.308   4.743   -5.198  1.00 24.31 ? 30  ILE A CD1 1 
ATOM   180  N N   . LYS A 1 31  ? 14.641  6.075   -6.252  1.00 19.75 ? 31  LYS A N   1 
ATOM   181  C CA  . LYS A 1 31  ? 15.609  6.830   -7.041  1.00 21.49 ? 31  LYS A CA  1 
ATOM   182  C C   . LYS A 1 31  ? 16.844  5.986   -7.330  1.00 21.20 ? 31  LYS A C   1 
ATOM   183  O O   . LYS A 1 31  ? 17.279  5.872   -8.476  1.00 20.76 ? 31  LYS A O   1 
ATOM   184  C CB  . LYS A 1 31  ? 16.024  8.102   -6.300  1.00 25.26 ? 31  LYS A CB  1 
ATOM   185  C CG  . LYS A 1 31  ? 17.039  8.943   -7.062  1.00 32.77 ? 31  LYS A CG  1 
ATOM   186  C CD  . LYS A 1 31  ? 17.494  10.146  -6.248  1.00 37.51 ? 31  LYS A CD  1 
ATOM   187  C CE  . LYS A 1 31  ? 18.469  11.007  -7.037  1.00 41.04 ? 31  LYS A CE  1 
ATOM   188  N NZ  . LYS A 1 31  ? 17.845  11.541  -8.284  1.00 37.08 ? 31  LYS A NZ  1 
ATOM   189  N N   . PHE A 1 32  ? 17.408  5.392   -6.284  1.00 16.37 ? 32  PHE A N   1 
ATOM   190  C CA  . PHE A 1 32  ? 18.591  4.554   -6.440  1.00 19.37 ? 32  PHE A CA  1 
ATOM   191  C C   . PHE A 1 32  ? 18.332  3.330   -7.313  1.00 18.33 ? 32  PHE A C   1 
ATOM   192  O O   . PHE A 1 32  ? 19.117  3.025   -8.208  1.00 18.48 ? 32  PHE A O   1 
ATOM   193  C CB  . PHE A 1 32  ? 19.111  4.122   -5.070  1.00 19.00 ? 32  PHE A CB  1 
ATOM   194  C CG  . PHE A 1 32  ? 20.054  5.108   -4.448  1.00 16.56 ? 32  PHE A CG  1 
ATOM   195  C CD1 . PHE A 1 32  ? 21.433  4.940   -4.572  1.00 16.37 ? 32  PHE A CD1 1 
ATOM   196  C CD2 . PHE A 1 32  ? 19.572  6.225   -3.776  1.00 15.84 ? 32  PHE A CD2 1 
ATOM   197  C CE1 . PHE A 1 32  ? 22.319  5.878   -4.043  1.00 16.10 ? 32  PHE A CE1 1 
ATOM   198  C CE2 . PHE A 1 32  ? 20.448  7.172   -3.243  1.00 22.20 ? 32  PHE A CE2 1 
ATOM   199  C CZ  . PHE A 1 32  ? 21.827  6.997   -3.374  1.00 19.19 ? 32  PHE A CZ  1 
ATOM   200  N N   . VAL A 1 33  ? 17.235  2.626   -7.062  1.00 18.71 ? 33  VAL A N   1 
ATOM   201  C CA  . VAL A 1 33  ? 16.929  1.443   -7.860  1.00 19.36 ? 33  VAL A CA  1 
ATOM   202  C C   . VAL A 1 33  ? 16.654  1.816   -9.311  1.00 21.48 ? 33  VAL A C   1 
ATOM   203  O O   . VAL A 1 33  ? 17.020  1.081   -10.231 1.00 20.27 ? 33  VAL A O   1 
ATOM   204  C CB  . VAL A 1 33  ? 15.715  0.677   -7.298  1.00 22.79 ? 33  VAL A CB  1 
ATOM   205  C CG1 . VAL A 1 33  ? 15.319  -0.441  -8.246  1.00 26.12 ? 33  VAL A CG1 1 
ATOM   206  C CG2 . VAL A 1 33  ? 16.063  0.092   -5.934  1.00 20.27 ? 33  VAL A CG2 1 
ATOM   207  N N   . LYS A 1 34  ? 16.013  2.959   -9.517  1.00 21.49 ? 34  LYS A N   1 
ATOM   208  C CA  . LYS A 1 34  ? 15.716  3.418   -10.867 1.00 23.59 ? 34  LYS A CA  1 
ATOM   209  C C   . LYS A 1 34  ? 17.035  3.600   -11.626 1.00 23.22 ? 34  LYS A C   1 
ATOM   210  O O   . LYS A 1 34  ? 17.081  3.429   -12.839 1.00 24.79 ? 34  LYS A O   1 
ATOM   211  C CB  . LYS A 1 34  ? 14.936  4.742   -10.819 1.00 29.17 ? 34  LYS A CB  1 
ATOM   212  C CG  . LYS A 1 34  ? 14.040  4.986   -12.028 1.00 38.29 ? 34  LYS A CG  1 
ATOM   213  C CD  . LYS A 1 34  ? 13.292  6.325   -11.948 1.00 43.22 ? 34  LYS A CD  1 
ATOM   214  C CE  . LYS A 1 34  ? 12.345  6.389   -10.755 1.00 47.96 ? 34  LYS A CE  1 
ATOM   215  N NZ  . LYS A 1 34  ? 11.559  7.662   -10.729 1.00 51.58 ? 34  LYS A NZ  1 
ATOM   216  N N   . HIS A 1 35  ? 18.102  3.950   -10.907 1.00 20.12 ? 35  HIS A N   1 
ATOM   217  C CA  . HIS A 1 35  ? 19.417  4.140   -11.526 1.00 20.26 ? 35  HIS A CA  1 
ATOM   218  C C   . HIS A 1 35  ? 20.238  2.858   -11.550 1.00 20.57 ? 35  HIS A C   1 
ATOM   219  O O   . HIS A 1 35  ? 21.429  2.882   -11.860 1.00 22.47 ? 35  HIS A O   1 
ATOM   220  C CB  . HIS A 1 35  ? 20.231  5.209   -10.798 1.00 21.31 ? 35  HIS A CB  1 
ATOM   221  C CG  . HIS A 1 35  ? 19.800  6.610   -11.083 1.00 23.32 ? 35  HIS A CG  1 
ATOM   222  N ND1 . HIS A 1 35  ? 18.718  7.198   -10.460 1.00 22.38 ? 35  HIS A ND1 1 
ATOM   223  C CD2 . HIS A 1 35  ? 20.305  7.545   -11.919 1.00 23.76 ? 35  HIS A CD2 1 
ATOM   224  C CE1 . HIS A 1 35  ? 18.580  8.434   -10.900 1.00 22.94 ? 35  HIS A CE1 1 
ATOM   225  N NE2 . HIS A 1 35  ? 19.530  8.671   -11.788 1.00 23.43 ? 35  HIS A NE2 1 
ATOM   226  N N   . GLY A 1 36  ? 19.600  1.746   -11.197 1.00 17.16 ? 36  GLY A N   1 
ATOM   227  C CA  . GLY A 1 36  ? 20.275  0.462   -11.212 1.00 19.59 ? 36  GLY A CA  1 
ATOM   228  C C   . GLY A 1 36  ? 21.193  0.149   -10.040 1.00 21.75 ? 36  GLY A C   1 
ATOM   229  O O   . GLY A 1 36  ? 21.922  -0.848  -10.089 1.00 21.20 ? 36  GLY A O   1 
ATOM   230  N N   . GLU A 1 37  ? 21.176  0.970   -8.989  1.00 20.29 ? 37  GLU A N   1 
ATOM   231  C CA  . GLU A 1 37  ? 22.042  0.719   -7.837  1.00 18.77 ? 37  GLU A CA  1 
ATOM   232  C C   . GLU A 1 37  ? 21.313  -0.061  -6.739  1.00 19.65 ? 37  GLU A C   1 
ATOM   233  O O   . GLU A 1 37  ? 20.082  -0.023  -6.646  1.00 16.45 ? 37  GLU A O   1 
ATOM   234  C CB  . GLU A 1 37  ? 22.570  2.043   -7.259  1.00 18.97 ? 37  GLU A CB  1 
ATOM   235  C CG  . GLU A 1 37  ? 23.355  2.911   -8.253  1.00 22.94 ? 37  GLU A CG  1 
ATOM   236  C CD  . GLU A 1 37  ? 24.199  3.988   -7.570  1.00 25.23 ? 37  GLU A CD  1 
ATOM   237  O OE1 . GLU A 1 37  ? 23.955  4.276   -6.380  1.00 18.08 ? 37  GLU A OE1 1 
ATOM   238  O OE2 . GLU A 1 37  ? 25.103  4.557   -8.229  1.00 22.45 ? 37  GLU A OE2 1 
ATOM   239  N N   . GLY A 1 38  ? 22.080  -0.782  -5.924  1.00 17.65 ? 38  GLY A N   1 
ATOM   240  C CA  . GLY A 1 38  ? 21.494  -1.538  -4.827  1.00 19.31 ? 38  GLY A CA  1 
ATOM   241  C C   . GLY A 1 38  ? 21.602  -3.049  -4.905  1.00 21.01 ? 38  GLY A C   1 
ATOM   242  O O   . GLY A 1 38  ? 21.695  -3.627  -5.988  1.00 17.95 ? 38  GLY A O   1 
ATOM   243  N N   . LYS A 1 39  ? 21.560  -3.689  -3.739  1.00 19.42 ? 39  LYS A N   1 
ATOM   244  C CA  . LYS A 1 39  ? 21.665  -5.140  -3.651  1.00 20.64 ? 39  LYS A CA  1 
ATOM   245  C C   . LYS A 1 39  ? 20.387  -5.802  -3.148  1.00 19.85 ? 39  LYS A C   1 
ATOM   246  O O   . LYS A 1 39  ? 20.081  -6.940  -3.504  1.00 15.83 ? 39  LYS A O   1 
ATOM   247  C CB  . LYS A 1 39  ? 22.807  -5.522  -2.704  1.00 26.24 ? 39  LYS A CB  1 
ATOM   248  C CG  . LYS A 1 39  ? 24.184  -5.044  -3.134  1.00 32.13 ? 39  LYS A CG  1 
ATOM   249  C CD  . LYS A 1 39  ? 25.250  -5.600  -2.207  1.00 36.50 ? 39  LYS A CD  1 
ATOM   250  C CE  . LYS A 1 39  ? 26.647  -5.378  -2.760  1.00 42.33 ? 39  LYS A CE  1 
ATOM   251  N NZ  . LYS A 1 39  ? 27.663  -6.083  -1.928  1.00 44.67 ? 39  LYS A NZ  1 
ATOM   252  N N   . LEU A 1 40  ? 19.650  -5.084  -2.307  1.00 16.48 ? 40  LEU A N   1 
ATOM   253  C CA  . LEU A 1 40  ? 18.431  -5.631  -1.728  1.00 16.47 ? 40  LEU A CA  1 
ATOM   254  C C   . LEU A 1 40  ? 17.482  -4.548  -1.244  1.00 16.32 ? 40  LEU A C   1 
ATOM   255  O O   . LEU A 1 40  ? 17.897  -3.581  -0.608  1.00 16.36 ? 40  LEU A O   1 
ATOM   256  C CB  . LEU A 1 40  ? 18.782  -6.531  -0.540  1.00 19.04 ? 40  LEU A CB  1 
ATOM   257  C CG  . LEU A 1 40  ? 17.594  -6.981  0.318   1.00 18.61 ? 40  LEU A CG  1 
ATOM   258  C CD1 . LEU A 1 40  ? 16.826  -8.074  -0.409  1.00 19.33 ? 40  LEU A CD1 1 
ATOM   259  C CD2 . LEU A 1 40  ? 18.079  -7.470  1.662   1.00 16.62 ? 40  LEU A CD2 1 
ATOM   260  N N   . VAL A 1 41  ? 16.202  -4.724  -1.544  1.00 16.48 ? 41  VAL A N   1 
ATOM   261  C CA  . VAL A 1 41  ? 15.191  -3.781  -1.103  1.00 14.17 ? 41  VAL A CA  1 
ATOM   262  C C   . VAL A 1 41  ? 14.372  -4.418  0.007   1.00 13.83 ? 41  VAL A C   1 
ATOM   263  O O   . VAL A 1 41  ? 14.025  -5.592  -0.076  1.00 15.10 ? 41  VAL A O   1 
ATOM   264  C CB  . VAL A 1 41  ? 14.209  -3.412  -2.238  1.00 17.44 ? 41  VAL A CB  1 
ATOM   265  C CG1 . VAL A 1 41  ? 13.053  -2.591  -1.668  1.00 15.55 ? 41  VAL A CG1 1 
ATOM   266  C CG2 . VAL A 1 41  ? 14.930  -2.638  -3.338  1.00 14.57 ? 41  VAL A CG2 1 
ATOM   267  N N   . VAL A 1 42  ? 14.092  -3.650  1.055   1.00 12.68 ? 42  VAL A N   1 
ATOM   268  C CA  . VAL A 1 42  ? 13.243  -4.130  2.142   1.00 12.59 ? 42  VAL A CA  1 
ATOM   269  C C   . VAL A 1 42  ? 12.099  -3.127  2.252   1.00 12.20 ? 42  VAL A C   1 
ATOM   270  O O   . VAL A 1 42  ? 12.326  -1.919  2.316   1.00 11.09 ? 42  VAL A O   1 
ATOM   271  C CB  . VAL A 1 42  ? 13.979  -4.200  3.492   1.00 16.03 ? 42  VAL A CB  1 
ATOM   272  C CG1 . VAL A 1 42  ? 12.984  -4.526  4.606   1.00 17.13 ? 42  VAL A CG1 1 
ATOM   273  C CG2 . VAL A 1 42  ? 15.049  -5.273  3.438   1.00 14.86 ? 42  VAL A CG2 1 
ATOM   274  N N   . LEU A 1 43  ? 10.872  -3.637  2.247   1.00 13.43 ? 43  LEU A N   1 
ATOM   275  C CA  . LEU A 1 43  ? 9.677   -2.802  2.329   1.00 12.91 ? 43  LEU A CA  1 
ATOM   276  C C   . LEU A 1 43  ? 8.937   -3.010  3.647   1.00 15.28 ? 43  LEU A C   1 
ATOM   277  O O   . LEU A 1 43  ? 8.855   -4.133  4.143   1.00 14.06 ? 43  LEU A O   1 
ATOM   278  C CB  . LEU A 1 43  ? 8.721   -3.143  1.180   1.00 15.02 ? 43  LEU A CB  1 
ATOM   279  C CG  . LEU A 1 43  ? 9.239   -3.004  -0.255  1.00 18.48 ? 43  LEU A CG  1 
ATOM   280  C CD1 . LEU A 1 43  ? 8.144   -3.399  -1.232  1.00 21.54 ? 43  LEU A CD1 1 
ATOM   281  C CD2 . LEU A 1 43  ? 9.676   -1.570  -0.508  1.00 18.55 ? 43  LEU A CD2 1 
ATOM   282  N N   . ALA A 1 44  ? 8.396   -1.930  4.205   1.00 14.16 ? 44  ALA A N   1 
ATOM   283  C CA  . ALA A 1 44  ? 7.629   -2.021  5.444   1.00 13.81 ? 44  ALA A CA  1 
ATOM   284  C C   . ALA A 1 44  ? 6.235   -2.549  5.078   1.00 15.36 ? 44  ALA A C   1 
ATOM   285  O O   . ALA A 1 44  ? 5.826   -2.477  3.923   1.00 15.22 ? 44  ALA A O   1 
ATOM   286  C CB  . ALA A 1 44  ? 7.519   -0.643  6.103   1.00 13.92 ? 44  ALA A CB  1 
ATOM   287  N N   . GLY A 1 45  ? 5.514   -3.070  6.065   1.00 15.48 ? 45  GLY A N   1 
ATOM   288  C CA  . GLY A 1 45  ? 4.192   -3.617  5.819   1.00 14.62 ? 45  GLY A CA  1 
ATOM   289  C C   . GLY A 1 45  ? 3.101   -2.625  5.459   1.00 19.76 ? 45  GLY A C   1 
ATOM   290  O O   . GLY A 1 45  ? 2.105   -3.001  4.844   1.00 21.35 ? 45  GLY A O   1 
ATOM   291  N N   . ASN A 1 46  ? 3.275   -1.360  5.832   1.00 19.77 ? 46  ASN A N   1 
ATOM   292  C CA  . ASN A 1 46  ? 2.262   -0.352  5.537   1.00 19.81 ? 46  ASN A CA  1 
ATOM   293  C C   . ASN A 1 46  ? 2.710   0.645   4.480   1.00 19.89 ? 46  ASN A C   1 
ATOM   294  O O   . ASN A 1 46  ? 2.263   1.786   4.457   1.00 20.08 ? 46  ASN A O   1 
ATOM   295  C CB  . ASN A 1 46  ? 1.837   0.376   6.826   1.00 17.82 ? 46  ASN A CB  1 
ATOM   296  C CG  . ASN A 1 46  ? 2.999   1.054   7.537   1.00 22.86 ? 46  ASN A CG  1 
ATOM   297  O OD1 . ASN A 1 46  ? 4.164   0.873   7.177   1.00 20.28 ? 46  ASN A OD1 1 
ATOM   298  N ND2 . ASN A 1 46  ? 2.680   1.838   8.563   1.00 24.57 ? 46  ASN A ND2 1 
ATOM   299  N N   . ILE A 1 47  ? 3.595   0.205   3.595   1.00 17.76 ? 47  ILE A N   1 
ATOM   300  C CA  . ILE A 1 47  ? 4.073   1.063   2.524   1.00 18.51 ? 47  ILE A CA  1 
ATOM   301  C C   . ILE A 1 47  ? 2.912   1.308   1.549   1.00 20.34 ? 47  ILE A C   1 
ATOM   302  O O   . ILE A 1 47  ? 2.130   0.393   1.261   1.00 18.72 ? 47  ILE A O   1 
ATOM   303  C CB  . ILE A 1 47  ? 5.239   0.389   1.763   1.00 16.98 ? 47  ILE A CB  1 
ATOM   304  C CG1 . ILE A 1 47  ? 5.722   1.306   0.637   1.00 21.01 ? 47  ILE A CG1 1 
ATOM   305  C CG2 . ILE A 1 47  ? 4.788   -0.963  1.208   1.00 14.17 ? 47  ILE A CG2 1 
ATOM   306  C CD1 . ILE A 1 47  ? 6.900   0.759   -0.130  1.00 20.40 ? 47  ILE A CD1 1 
ATOM   307  N N   . PRO A 1 48  ? 2.761   2.551   1.057   1.00 20.54 ? 48  PRO A N   1 
ATOM   308  C CA  . PRO A 1 48  ? 1.672   2.827   0.113   1.00 19.26 ? 48  PRO A CA  1 
ATOM   309  C C   . PRO A 1 48  ? 1.798   1.895   -1.086  1.00 19.14 ? 48  PRO A C   1 
ATOM   310  O O   . PRO A 1 48  ? 2.900   1.653   -1.589  1.00 18.46 ? 48  PRO A O   1 
ATOM   311  C CB  . PRO A 1 48  ? 1.899   4.287   -0.252  1.00 18.51 ? 48  PRO A CB  1 
ATOM   312  C CG  . PRO A 1 48  ? 2.399   4.854   1.036   1.00 21.65 ? 48  PRO A CG  1 
ATOM   313  C CD  . PRO A 1 48  ? 3.397   3.806   1.499   1.00 21.25 ? 48  PRO A CD  1 
ATOM   314  N N   . LYS A 1 49  ? 0.665   1.376   -1.540  1.00 15.46 ? 49  LYS A N   1 
ATOM   315  C CA  . LYS A 1 49  ? 0.616   0.439   -2.652  1.00 18.00 ? 49  LYS A CA  1 
ATOM   316  C C   . LYS A 1 49  ? 1.297   0.912   -3.935  1.00 20.91 ? 49  LYS A C   1 
ATOM   317  O O   . LYS A 1 49  ? 1.958   0.124   -4.619  1.00 17.14 ? 49  LYS A O   1 
ATOM   318  C CB  . LYS A 1 49  ? -0.843  0.086   -2.954  1.00 18.50 ? 49  LYS A CB  1 
ATOM   319  C CG  . LYS A 1 49  ? -1.024  -0.845  -4.132  1.00 25.06 ? 49  LYS A CG  1 
ATOM   320  C CD  . LYS A 1 49  ? -2.494  -0.948  -4.512  1.00 28.32 ? 49  LYS A CD  1 
ATOM   321  C CE  . LYS A 1 49  ? -2.684  -1.865  -5.705  1.00 29.20 ? 49  LYS A CE  1 
ATOM   322  N NZ  . LYS A 1 49  ? -2.142  -3.219  -5.410  1.00 38.61 ? 49  LYS A NZ  1 
ATOM   323  N N   . ASP A 1 50  ? 1.123   2.185   -4.278  1.00 20.10 ? 50  ASP A N   1 
ATOM   324  C CA  . ASP A 1 50  ? 1.732   2.695   -5.494  1.00 21.31 ? 50  ASP A CA  1 
ATOM   325  C C   . ASP A 1 50  ? 3.252   2.700   -5.384  1.00 20.82 ? 50  ASP A C   1 
ATOM   326  O O   . ASP A 1 50  ? 3.944   2.324   -6.330  1.00 18.89 ? 50  ASP A O   1 
ATOM   327  C CB  . ASP A 1 50  ? 1.187   4.091   -5.826  1.00 19.87 ? 50  ASP A CB  1 
ATOM   328  C CG  . ASP A 1 50  ? 1.439   5.104   -4.732  1.00 20.09 ? 50  ASP A CG  1 
ATOM   329  O OD1 . ASP A 1 50  ? 1.522   4.718   -3.548  1.00 20.02 ? 50  ASP A OD1 1 
ATOM   330  O OD2 . ASP A 1 50  ? 1.538   6.303   -5.063  1.00 22.17 ? 50  ASP A OD2 1 
ATOM   331  N N   . LEU A 1 51  ? 3.770   3.101   -4.226  1.00 20.92 ? 51  LEU A N   1 
ATOM   332  C CA  . LEU A 1 51  ? 5.216   3.120   -4.021  1.00 19.36 ? 51  LEU A CA  1 
ATOM   333  C C   . LEU A 1 51  ? 5.741   1.687   -4.063  1.00 18.73 ? 51  LEU A C   1 
ATOM   334  O O   . LEU A 1 51  ? 6.802   1.420   -4.627  1.00 18.35 ? 51  LEU A O   1 
ATOM   335  C CB  . LEU A 1 51  ? 5.559   3.776   -2.677  1.00 18.55 ? 51  LEU A CB  1 
ATOM   336  C CG  . LEU A 1 51  ? 5.276   5.281   -2.600  1.00 23.22 ? 51  LEU A CG  1 
ATOM   337  C CD1 . LEU A 1 51  ? 5.599   5.822   -1.210  1.00 21.38 ? 51  LEU A CD1 1 
ATOM   338  C CD2 . LEU A 1 51  ? 6.111   5.991   -3.648  1.00 29.77 ? 51  LEU A CD2 1 
ATOM   339  N N   . GLU A 1 52  ? 4.985   0.766   -3.471  1.00 18.87 ? 52  GLU A N   1 
ATOM   340  C CA  . GLU A 1 52  ? 5.362   -0.647  -3.447  1.00 18.85 ? 52  GLU A CA  1 
ATOM   341  C C   . GLU A 1 52  ? 5.507   -1.169  -4.875  1.00 20.63 ? 52  GLU A C   1 
ATOM   342  O O   . GLU A 1 52  ? 6.475   -1.851  -5.211  1.00 18.80 ? 52  GLU A O   1 
ATOM   343  C CB  . GLU A 1 52  ? 4.288   -1.471  -2.728  1.00 20.40 ? 52  GLU A CB  1 
ATOM   344  C CG  . GLU A 1 52  ? 4.628   -2.956  -2.603  1.00 21.94 ? 52  GLU A CG  1 
ATOM   345  C CD  . GLU A 1 52  ? 3.395   -3.843  -2.549  1.00 32.08 ? 52  GLU A CD  1 
ATOM   346  O OE1 . GLU A 1 52  ? 2.317   -3.353  -2.147  1.00 33.83 ? 52  GLU A OE1 1 
ATOM   347  O OE2 . GLU A 1 52  ? 3.506   -5.036  -2.900  1.00 29.08 ? 52  GLU A OE2 1 
ATOM   348  N N   . GLU A 1 53  ? 4.531   -0.849  -5.718  1.00 21.19 ? 53  GLU A N   1 
ATOM   349  C CA  . GLU A 1 53  ? 4.560   -1.299  -7.103  1.00 20.38 ? 53  GLU A CA  1 
ATOM   350  C C   . GLU A 1 53  ? 5.691   -0.641  -7.881  1.00 20.00 ? 53  GLU A C   1 
ATOM   351  O O   . GLU A 1 53  ? 6.334   -1.283  -8.711  1.00 20.57 ? 53  GLU A O   1 
ATOM   352  C CB  . GLU A 1 53  ? 3.217   -1.009  -7.775  1.00 25.25 ? 53  GLU A CB  1 
ATOM   353  C CG  . GLU A 1 53  ? 2.040   -1.634  -7.052  1.00 30.29 ? 53  GLU A CG  1 
ATOM   354  C CD  . GLU A 1 53  ? 0.710   -1.224  -7.649  1.00 40.16 ? 53  GLU A CD  1 
ATOM   355  O OE1 . GLU A 1 53  ? 0.522   -0.014  -7.910  1.00 39.30 ? 53  GLU A OE1 1 
ATOM   356  O OE2 . GLU A 1 53  ? -0.148  -2.109  -7.849  1.00 42.45 ? 53  GLU A OE2 1 
ATOM   357  N N   . ASP A 1 54  ? 5.939   0.638   -7.624  1.00 19.59 ? 54  ASP A N   1 
ATOM   358  C CA  . ASP A 1 54  ? 7.020   1.324   -8.321  1.00 22.08 ? 54  ASP A CA  1 
ATOM   359  C C   . ASP A 1 54  ? 8.348   0.660   -7.967  1.00 25.99 ? 54  ASP A C   1 
ATOM   360  O O   . ASP A 1 54  ? 9.143   0.334   -8.847  1.00 24.85 ? 54  ASP A O   1 
ATOM   361  C CB  . ASP A 1 54  ? 7.070   2.807   -7.943  1.00 21.21 ? 54  ASP A CB  1 
ATOM   362  C CG  . ASP A 1 54  ? 5.890   3.592   -8.489  1.00 30.78 ? 54  ASP A CG  1 
ATOM   363  O OD1 . ASP A 1 54  ? 5.198   3.083   -9.398  1.00 24.53 ? 54  ASP A OD1 1 
ATOM   364  O OD2 . ASP A 1 54  ? 5.664   4.724   -8.016  1.00 32.52 ? 54  ASP A OD2 1 
ATOM   365  N N   . VAL A 1 55  ? 8.578   0.454   -6.674  1.00 21.13 ? 55  VAL A N   1 
ATOM   366  C CA  . VAL A 1 55  ? 9.813   -0.174  -6.214  1.00 23.23 ? 55  VAL A CA  1 
ATOM   367  C C   . VAL A 1 55  ? 10.029  -1.540  -6.856  1.00 21.49 ? 55  VAL A C   1 
ATOM   368  O O   . VAL A 1 55  ? 11.108  -1.825  -7.366  1.00 20.85 ? 55  VAL A O   1 
ATOM   369  C CB  . VAL A 1 55  ? 9.823   -0.356  -4.672  1.00 23.44 ? 55  VAL A CB  1 
ATOM   370  C CG1 . VAL A 1 55  ? 11.033  -1.186  -4.250  1.00 27.63 ? 55  VAL A CG1 1 
ATOM   371  C CG2 . VAL A 1 55  ? 9.870   1.002   -3.989  1.00 27.20 ? 55  VAL A CG2 1 
ATOM   372  N N   . LYS A 1 56  ? 9.003   -2.383  -6.824  1.00 21.79 ? 56  LYS A N   1 
ATOM   373  C CA  . LYS A 1 56  ? 9.103   -3.721  -7.396  1.00 23.15 ? 56  LYS A CA  1 
ATOM   374  C C   . LYS A 1 56  ? 9.344   -3.701  -8.898  1.00 25.96 ? 56  LYS A C   1 
ATOM   375  O O   . LYS A 1 56  ? 10.027  -4.578  -9.432  1.00 25.45 ? 56  LYS A O   1 
ATOM   376  C CB  . LYS A 1 56  ? 7.841   -4.525  -7.085  1.00 23.36 ? 56  LYS A CB  1 
ATOM   377  C CG  . LYS A 1 56  ? 7.689   -4.853  -5.613  1.00 24.06 ? 56  LYS A CG  1 
ATOM   378  C CD  . LYS A 1 56  ? 6.434   -5.665  -5.357  1.00 28.65 ? 56  LYS A CD  1 
ATOM   379  C CE  . LYS A 1 56  ? 6.313   -6.033  -3.890  1.00 37.78 ? 56  LYS A CE  1 
ATOM   380  N NZ  . LYS A 1 56  ? 5.148   -6.932  -3.662  1.00 42.53 ? 56  LYS A NZ  1 
ATOM   381  N N   . TYR A 1 57  ? 8.781   -2.704  -9.574  1.00 25.47 ? 57  TYR A N   1 
ATOM   382  C CA  . TYR A 1 57  ? 8.954   -2.580  -11.016 1.00 24.84 ? 57  TYR A CA  1 
ATOM   383  C C   . TYR A 1 57  ? 10.412  -2.287  -11.347 1.00 24.85 ? 57  TYR A C   1 
ATOM   384  O O   . TYR A 1 57  ? 11.042  -3.022  -12.106 1.00 21.54 ? 57  TYR A O   1 
ATOM   385  C CB  . TYR A 1 57  ? 8.074   -1.458  -11.572 1.00 28.94 ? 57  TYR A CB  1 
ATOM   386  C CG  . TYR A 1 57  ? 8.351   -1.157  -13.030 1.00 29.87 ? 57  TYR A CG  1 
ATOM   387  C CD1 . TYR A 1 57  ? 8.028   -2.081  -14.028 1.00 30.74 ? 57  TYR A CD1 1 
ATOM   388  C CD2 . TYR A 1 57  ? 8.971   0.033   -13.410 1.00 31.56 ? 57  TYR A CD2 1 
ATOM   389  C CE1 . TYR A 1 57  ? 8.317   -1.827  -15.368 1.00 34.58 ? 57  TYR A CE1 1 
ATOM   390  C CE2 . TYR A 1 57  ? 9.267   0.297   -14.749 1.00 34.56 ? 57  TYR A CE2 1 
ATOM   391  C CZ  . TYR A 1 57  ? 8.938   -0.638  -15.720 1.00 34.31 ? 57  TYR A CZ  1 
ATOM   392  O OH  . TYR A 1 57  ? 9.231   -0.384  -17.040 1.00 38.72 ? 57  TYR A OH  1 
ATOM   393  N N   . TYR A 1 58  ? 10.946  -1.210  -10.781 1.00 19.25 ? 58  TYR A N   1 
ATOM   394  C CA  . TYR A 1 58  ? 12.336  -0.844  -11.027 1.00 22.15 ? 58  TYR A CA  1 
ATOM   395  C C   . TYR A 1 58  ? 13.331  -1.875  -10.496 1.00 24.80 ? 58  TYR A C   1 
ATOM   396  O O   . TYR A 1 58  ? 14.356  -2.137  -11.131 1.00 24.59 ? 58  TYR A O   1 
ATOM   397  C CB  . TYR A 1 58  ? 12.629  0.526   -10.424 1.00 25.79 ? 58  TYR A CB  1 
ATOM   398  C CG  . TYR A 1 58  ? 11.922  1.645   -11.148 1.00 26.66 ? 58  TYR A CG  1 
ATOM   399  C CD1 . TYR A 1 58  ? 12.173  1.892   -12.499 1.00 35.35 ? 58  TYR A CD1 1 
ATOM   400  C CD2 . TYR A 1 58  ? 10.989  2.443   -10.495 1.00 31.81 ? 58  TYR A CD2 1 
ATOM   401  C CE1 . TYR A 1 58  ? 11.510  2.909   -13.181 1.00 37.73 ? 58  TYR A CE1 1 
ATOM   402  C CE2 . TYR A 1 58  ? 10.319  3.465   -11.168 1.00 37.34 ? 58  TYR A CE2 1 
ATOM   403  C CZ  . TYR A 1 58  ? 10.585  3.692   -12.510 1.00 37.83 ? 58  TYR A CZ  1 
ATOM   404  O OH  . TYR A 1 58  ? 9.921   4.697   -13.179 1.00 41.09 ? 58  TYR A OH  1 
ATOM   405  N N   . ALA A 1 59  ? 13.041  -2.461  -9.337  1.00 22.11 ? 59  ALA A N   1 
ATOM   406  C CA  . ALA A 1 59  ? 13.943  -3.464  -8.775  1.00 22.61 ? 59  ALA A CA  1 
ATOM   407  C C   . ALA A 1 59  ? 14.036  -4.621  -9.767  1.00 22.24 ? 59  ALA A C   1 
ATOM   408  O O   . ALA A 1 59  ? 15.124  -5.116  -10.068 1.00 22.20 ? 59  ALA A O   1 
ATOM   409  C CB  . ALA A 1 59  ? 13.421  -3.959  -7.424  1.00 22.63 ? 59  ALA A CB  1 
ATOM   410  N N   . LYS A 1 60  ? 12.887  -5.034  -10.286 1.00 27.47 ? 60  LYS A N   1 
ATOM   411  C CA  . LYS A 1 60  ? 12.829  -6.126  -11.250 1.00 32.01 ? 60  LYS A CA  1 
ATOM   412  C C   . LYS A 1 60  ? 13.706  -5.821  -12.465 1.00 28.81 ? 60  LYS A C   1 
ATOM   413  O O   . LYS A 1 60  ? 14.429  -6.691  -12.948 1.00 29.22 ? 60  LYS A O   1 
ATOM   414  C CB  . LYS A 1 60  ? 11.381  -6.351  -11.697 1.00 36.51 ? 60  LYS A CB  1 
ATOM   415  C CG  . LYS A 1 60  ? 11.181  -7.575  -12.576 1.00 43.42 ? 60  LYS A CG  1 
ATOM   416  C CD  . LYS A 1 60  ? 9.744   -7.668  -13.075 1.00 49.48 ? 60  LYS A CD  1 
ATOM   417  C CE  . LYS A 1 60  ? 9.529   -8.904  -13.938 1.00 52.64 ? 60  LYS A CE  1 
ATOM   418  N NZ  . LYS A 1 60  ? 9.711   -10.166 -13.166 1.00 56.23 ? 60  LYS A NZ  1 
ATOM   419  N N   . LEU A 1 61  ? 13.649  -4.583  -12.947 1.00 29.42 ? 61  LEU A N   1 
ATOM   420  C CA  . LEU A 1 61  ? 14.436  -4.187  -14.110 1.00 28.29 ? 61  LEU A CA  1 
ATOM   421  C C   . LEU A 1 61  ? 15.948  -4.360  -13.938 1.00 31.83 ? 61  LEU A C   1 
ATOM   422  O O   . LEU A 1 61  ? 16.649  -4.659  -14.907 1.00 33.68 ? 61  LEU A O   1 
ATOM   423  C CB  . LEU A 1 61  ? 14.119  -2.737  -14.499 1.00 30.61 ? 61  LEU A CB  1 
ATOM   424  C CG  . LEU A 1 61  ? 12.714  -2.449  -15.040 1.00 30.36 ? 61  LEU A CG  1 
ATOM   425  C CD1 . LEU A 1 61  ? 12.558  -0.957  -15.282 1.00 31.81 ? 61  LEU A CD1 1 
ATOM   426  C CD2 . LEU A 1 61  ? 12.485  -3.225  -16.338 1.00 36.72 ? 61  LEU A CD2 1 
ATOM   427  N N   . SER A 1 62  ? 16.454  -4.175  -12.719 1.00 25.62 ? 62  SER A N   1 
ATOM   428  C CA  . SER A 1 62  ? 17.888  -4.321  -12.463 1.00 25.87 ? 62  SER A CA  1 
ATOM   429  C C   . SER A 1 62  ? 18.199  -5.596  -11.671 1.00 24.53 ? 62  SER A C   1 
ATOM   430  O O   . SER A 1 62  ? 19.277  -5.719  -11.085 1.00 22.74 ? 62  SER A O   1 
ATOM   431  C CB  . SER A 1 62  ? 18.419  -3.103  -11.696 1.00 26.00 ? 62  SER A CB  1 
ATOM   432  O OG  . SER A 1 62  ? 18.282  -1.914  -12.454 1.00 30.79 ? 62  SER A OG  1 
ATOM   433  N N   . ASN A 1 63  ? 17.255  -6.538  -11.670 1.00 21.86 ? 63  ASN A N   1 
ATOM   434  C CA  . ASN A 1 63  ? 17.393  -7.807  -10.960 1.00 24.96 ? 63  ASN A CA  1 
ATOM   435  C C   . ASN A 1 63  ? 17.807  -7.634  -9.499  1.00 27.03 ? 63  ASN A C   1 
ATOM   436  O O   . ASN A 1 63  ? 18.716  -8.314  -9.017  1.00 25.17 ? 63  ASN A O   1 
ATOM   437  C CB  . ASN A 1 63  ? 18.403  -8.723  -11.657 1.00 33.56 ? 63  ASN A CB  1 
ATOM   438  C CG  . ASN A 1 63  ? 17.892  -9.261  -12.977 1.00 40.00 ? 63  ASN A CG  1 
ATOM   439  O OD1 . ASN A 1 63  ? 16.694  -9.468  -13.156 1.00 47.05 ? 63  ASN A OD1 1 
ATOM   440  N ND2 . ASN A 1 63  ? 18.810  -9.501  -13.910 1.00 45.27 ? 63  ASN A ND2 1 
ATOM   441  N N   . ILE A 1 64  ? 17.141  -6.723  -8.800  1.00 22.78 ? 64  ILE A N   1 
ATOM   442  C CA  . ILE A 1 64  ? 17.428  -6.479  -7.389  1.00 19.20 ? 64  ILE A CA  1 
ATOM   443  C C   . ILE A 1 64  ? 16.320  -7.128  -6.564  1.00 20.04 ? 64  ILE A C   1 
ATOM   444  O O   . ILE A 1 64  ? 15.149  -6.780  -6.719  1.00 16.69 ? 64  ILE A O   1 
ATOM   445  C CB  . ILE A 1 64  ? 17.463  -4.953  -7.100  1.00 21.54 ? 64  ILE A CB  1 
ATOM   446  C CG1 . ILE A 1 64  ? 18.591  -4.293  -7.907  1.00 22.08 ? 64  ILE A CG1 1 
ATOM   447  C CG2 . ILE A 1 64  ? 17.646  -4.700  -5.611  1.00 20.94 ? 64  ILE A CG2 1 
ATOM   448  C CD1 . ILE A 1 64  ? 18.603  -2.773  -7.859  1.00 19.13 ? 64  ILE A CD1 1 
ATOM   449  N N   . PRO A 1 65  ? 16.676  -8.080  -5.677  1.00 18.40 ? 65  PRO A N   1 
ATOM   450  C CA  . PRO A 1 65  ? 15.638  -8.727  -4.870  1.00 20.67 ? 65  PRO A CA  1 
ATOM   451  C C   . PRO A 1 65  ? 14.910  -7.757  -3.943  1.00 19.48 ? 65  PRO A C   1 
ATOM   452  O O   . PRO A 1 65  ? 15.477  -6.751  -3.504  1.00 17.49 ? 65  PRO A O   1 
ATOM   453  C CB  . PRO A 1 65  ? 16.412  -9.808  -4.111  1.00 22.48 ? 65  PRO A CB  1 
ATOM   454  C CG  . PRO A 1 65  ? 17.760  -9.191  -3.935  1.00 24.69 ? 65  PRO A CG  1 
ATOM   455  C CD  . PRO A 1 65  ? 18.016  -8.561  -5.300  1.00 21.48 ? 65  PRO A CD  1 
ATOM   456  N N   . VAL A 1 66  ? 13.650  -8.075  -3.662  1.00 17.47 ? 66  VAL A N   1 
ATOM   457  C CA  . VAL A 1 66  ? 12.813  -7.254  -2.792  1.00 19.30 ? 66  VAL A CA  1 
ATOM   458  C C   . VAL A 1 66  ? 12.220  -8.120  -1.686  1.00 21.03 ? 66  VAL A C   1 
ATOM   459  O O   . VAL A 1 66  ? 11.537  -9.106  -1.958  1.00 21.66 ? 66  VAL A O   1 
ATOM   460  C CB  . VAL A 1 66  ? 11.646  -6.607  -3.580  1.00 19.26 ? 66  VAL A CB  1 
ATOM   461  C CG1 . VAL A 1 66  ? 10.720  -5.854  -2.625  1.00 21.05 ? 66  VAL A CG1 1 
ATOM   462  C CG2 . VAL A 1 66  ? 12.193  -5.661  -4.645  1.00 19.60 ? 66  VAL A CG2 1 
ATOM   463  N N   . TYR A 1 67  ? 12.488  -7.755  -0.439  1.00 18.00 ? 67  TYR A N   1 
ATOM   464  C CA  . TYR A 1 67  ? 11.951  -8.501  0.691   1.00 17.21 ? 67  TYR A CA  1 
ATOM   465  C C   . TYR A 1 67  ? 10.803  -7.681  1.274   1.00 18.87 ? 67  TYR A C   1 
ATOM   466  O O   . TYR A 1 67  ? 10.985  -6.518  1.631   1.00 17.12 ? 67  TYR A O   1 
ATOM   467  C CB  . TYR A 1 67  ? 13.028  -8.709  1.761   1.00 16.85 ? 67  TYR A CB  1 
ATOM   468  C CG  . TYR A 1 67  ? 12.522  -9.429  2.997   1.00 19.74 ? 67  TYR A CG  1 
ATOM   469  C CD1 . TYR A 1 67  ? 12.243  -10.795 2.968   1.00 23.44 ? 67  TYR A CD1 1 
ATOM   470  C CD2 . TYR A 1 67  ? 12.288  -8.737  4.181   1.00 20.45 ? 67  TYR A CD2 1 
ATOM   471  C CE1 . TYR A 1 67  ? 11.740  -11.455 4.094   1.00 26.38 ? 67  TYR A CE1 1 
ATOM   472  C CE2 . TYR A 1 67  ? 11.783  -9.385  5.313   1.00 25.17 ? 67  TYR A CE2 1 
ATOM   473  C CZ  . TYR A 1 67  ? 11.510  -10.742 5.261   1.00 28.30 ? 67  TYR A CZ  1 
ATOM   474  O OH  . TYR A 1 67  ? 10.986  -11.377 6.367   1.00 29.86 ? 67  TYR A OH  1 
ATOM   475  N N   . GLN A 1 68  ? 9.624   -8.284  1.356   1.00 16.95 ? 68  GLN A N   1 
ATOM   476  C CA  . GLN A 1 68  ? 8.457   -7.601  1.912   1.00 17.91 ? 68  GLN A CA  1 
ATOM   477  C C   . GLN A 1 68  ? 8.396   -7.929  3.393   1.00 19.87 ? 68  GLN A C   1 
ATOM   478  O O   . GLN A 1 68  ? 8.188   -9.085  3.768   1.00 20.93 ? 68  GLN A O   1 
ATOM   479  C CB  . GLN A 1 68  ? 7.171   -8.072  1.217   1.00 20.21 ? 68  GLN A CB  1 
ATOM   480  C CG  . GLN A 1 68  ? 5.892   -7.419  1.756   1.00 22.53 ? 68  GLN A CG  1 
ATOM   481  C CD  . GLN A 1 68  ? 5.855   -5.916  1.537   1.00 21.33 ? 68  GLN A CD  1 
ATOM   482  O OE1 . GLN A 1 68  ? 5.812   -5.447  0.402   1.00 27.08 ? 68  GLN A OE1 1 
ATOM   483  N NE2 . GLN A 1 68  ? 5.873   -5.155  2.624   1.00 17.98 ? 68  GLN A NE2 1 
ATOM   484  N N   . HIS A 1 69  ? 8.596   -6.919  4.232   1.00 21.45 ? 69  HIS A N   1 
ATOM   485  C CA  . HIS A 1 69  ? 8.560   -7.134  5.671   1.00 20.05 ? 69  HIS A CA  1 
ATOM   486  C C   . HIS A 1 69  ? 7.121   -6.972  6.149   1.00 21.28 ? 69  HIS A C   1 
ATOM   487  O O   . HIS A 1 69  ? 6.258   -6.493  5.407   1.00 19.78 ? 69  HIS A O   1 
ATOM   488  C CB  . HIS A 1 69  ? 9.474   -6.128  6.383   1.00 21.39 ? 69  HIS A CB  1 
ATOM   489  C CG  . HIS A 1 69  ? 10.064  -6.644  7.663   1.00 19.32 ? 69  HIS A CG  1 
ATOM   490  N ND1 . HIS A 1 69  ? 9.393   -7.506  8.501   1.00 19.63 ? 69  HIS A ND1 1 
ATOM   491  C CD2 . HIS A 1 69  ? 11.254  -6.388  8.261   1.00 19.07 ? 69  HIS A CD2 1 
ATOM   492  C CE1 . HIS A 1 69  ? 10.144  -7.760  9.562   1.00 21.31 ? 69  HIS A CE1 1 
ATOM   493  N NE2 . HIS A 1 69  ? 11.276  -7.094  9.439   1.00 19.30 ? 69  HIS A NE2 1 
ATOM   494  N N   . LYS A 1 70  ? 6.863   -7.373  7.386   1.00 19.59 ? 70  LYS A N   1 
ATOM   495  C CA  . LYS A 1 70  ? 5.527   -7.278  7.950   1.00 19.32 ? 70  LYS A CA  1 
ATOM   496  C C   . LYS A 1 70  ? 5.420   -6.110  8.918   1.00 21.63 ? 70  LYS A C   1 
ATOM   497  O O   . LYS A 1 70  ? 4.327   -5.593  9.162   1.00 22.88 ? 70  LYS A O   1 
ATOM   498  C CB  . LYS A 1 70  ? 5.188   -8.570  8.692   1.00 24.03 ? 70  LYS A CB  1 
ATOM   499  C CG  . LYS A 1 70  ? 6.080   -8.804  9.905   1.00 32.08 ? 70  LYS A CG  1 
ATOM   500  C CD  . LYS A 1 70  ? 5.902   -10.194 10.498  1.00 38.95 ? 70  LYS A CD  1 
ATOM   501  C CE  . LYS A 1 70  ? 6.582   -10.301 11.860  1.00 42.44 ? 70  LYS A CE  1 
ATOM   502  N NZ  . LYS A 1 70  ? 8.030   -9.954  11.807  1.00 46.26 ? 70  LYS A NZ  1 
ATOM   503  N N   . ILE A 1 71  ? 6.549   -5.686  9.473   1.00 15.91 ? 71  ILE A N   1 
ATOM   504  C CA  . ILE A 1 71  ? 6.506   -4.589  10.432  1.00 15.40 ? 71  ILE A CA  1 
ATOM   505  C C   . ILE A 1 71  ? 6.201   -3.248  9.770   1.00 16.82 ? 71  ILE A C   1 
ATOM   506  O O   . ILE A 1 71  ? 6.439   -3.060  8.579   1.00 17.55 ? 71  ILE A O   1 
ATOM   507  C CB  . ILE A 1 71  ? 7.814   -4.504  11.253  1.00 17.94 ? 71  ILE A CB  1 
ATOM   508  C CG1 . ILE A 1 71  ? 8.998   -4.119  10.361  1.00 14.76 ? 71  ILE A CG1 1 
ATOM   509  C CG2 . ILE A 1 71  ? 8.070   -5.849  11.933  1.00 16.86 ? 71  ILE A CG2 1 
ATOM   510  C CD1 . ILE A 1 71  ? 10.296  -3.908  11.146  1.00 15.79 ? 71  ILE A CD1 1 
ATOM   511  N N   . THR A 1 72  ? 5.652   -2.325  10.554  1.00 19.80 ? 72  THR A N   1 
ATOM   512  C CA  . THR A 1 72  ? 5.280   -1.004  10.051  1.00 14.35 ? 72  THR A CA  1 
ATOM   513  C C   . THR A 1 72  ? 6.485   -0.106  9.777   1.00 15.56 ? 72  THR A C   1 
ATOM   514  O O   . THR A 1 72  ? 7.593   -0.370  10.246  1.00 16.59 ? 72  THR A O   1 
ATOM   515  C CB  . THR A 1 72  ? 4.364   -0.269  11.055  1.00 20.92 ? 72  THR A CB  1 
ATOM   516  O OG1 . THR A 1 72  ? 5.136   0.158   12.181  1.00 18.49 ? 72  THR A OG1 1 
ATOM   517  C CG2 . THR A 1 72  ? 3.259   -1.188  11.535  1.00 21.93 ? 72  THR A CG2 1 
ATOM   518  N N   . SER A 1 73  ? 6.250   0.963   9.022   1.00 15.09 ? 73  SER A N   1 
ATOM   519  C CA  . SER A 1 73  ? 7.302   1.920   8.688   1.00 15.55 ? 73  SER A CA  1 
ATOM   520  C C   . SER A 1 73  ? 7.969   2.502   9.939   1.00 17.60 ? 73  SER A C   1 
ATOM   521  O O   . SER A 1 73  ? 9.191   2.668   9.979   1.00 16.12 ? 73  SER A O   1 
ATOM   522  C CB  . SER A 1 73  ? 6.728   3.057   7.837   1.00 17.95 ? 73  SER A CB  1 
ATOM   523  O OG  . SER A 1 73  ? 6.213   2.554   6.615   1.00 21.78 ? 73  SER A OG  1 
ATOM   524  N N   . LEU A 1 74  ? 7.183   2.806   10.968  1.00 14.94 ? 74  LEU A N   1 
ATOM   525  C CA  . LEU A 1 74  ? 7.782   3.357   12.181  1.00 17.90 ? 74  LEU A CA  1 
ATOM   526  C C   . LEU A 1 74  ? 8.601   2.267   12.868  1.00 17.12 ? 74  LEU A C   1 
ATOM   527  O O   . LEU A 1 74  ? 9.663   2.541   13.426  1.00 19.28 ? 74  LEU A O   1 
ATOM   528  C CB  . LEU A 1 74  ? 6.710   3.913   13.127  1.00 16.03 ? 74  LEU A CB  1 
ATOM   529  C CG  . LEU A 1 74  ? 7.216   4.873   14.210  1.00 20.93 ? 74  LEU A CG  1 
ATOM   530  C CD1 . LEU A 1 74  ? 7.945   6.052   13.572  1.00 14.91 ? 74  LEU A CD1 1 
ATOM   531  C CD2 . LEU A 1 74  ? 6.037   5.369   15.043  1.00 18.68 ? 74  LEU A CD2 1 
ATOM   532  N N   . GLU A 1 75  ? 8.122   1.027   12.813  1.00 16.30 ? 75  GLU A N   1 
ATOM   533  C CA  . GLU A 1 75  ? 8.861   -0.084  13.408  1.00 14.54 ? 75  GLU A CA  1 
ATOM   534  C C   . GLU A 1 75  ? 10.169  -0.308  12.656  1.00 18.37 ? 75  GLU A C   1 
ATOM   535  O O   . GLU A 1 75  ? 11.214  -0.523  13.269  1.00 16.32 ? 75  GLU A O   1 
ATOM   536  C CB  . GLU A 1 75  ? 8.051   -1.375  13.352  1.00 16.01 ? 75  GLU A CB  1 
ATOM   537  C CG  . GLU A 1 75  ? 7.016   -1.537  14.446  1.00 20.51 ? 75  GLU A CG  1 
ATOM   538  C CD  . GLU A 1 75  ? 6.385   -2.911  14.411  1.00 21.81 ? 75  GLU A CD  1 
ATOM   539  O OE1 . GLU A 1 75  ? 5.662   -3.216  13.435  1.00 17.79 ? 75  GLU A OE1 1 
ATOM   540  O OE2 . GLU A 1 75  ? 6.627   -3.691  15.353  1.00 20.70 ? 75  GLU A OE2 1 
ATOM   541  N N   . LEU A 1 76  ? 10.111  -0.267  11.326  1.00 14.32 ? 76  LEU A N   1 
ATOM   542  C CA  . LEU A 1 76  ? 11.317  -0.477  10.521  1.00 17.36 ? 76  LEU A CA  1 
ATOM   543  C C   . LEU A 1 76  ? 12.331  0.625   10.819  1.00 17.26 ? 76  LEU A C   1 
ATOM   544  O O   . LEU A 1 76  ? 13.528  0.373   10.910  1.00 19.02 ? 76  LEU A O   1 
ATOM   545  C CB  . LEU A 1 76  ? 10.974  -0.499  9.024   1.00 14.98 ? 76  LEU A CB  1 
ATOM   546  C CG  . LEU A 1 76  ? 12.143  -0.783  8.064   1.00 16.29 ? 76  LEU A CG  1 
ATOM   547  C CD1 . LEU A 1 76  ? 12.843  -2.081  8.471   1.00 15.85 ? 76  LEU A CD1 1 
ATOM   548  C CD2 . LEU A 1 76  ? 11.627  -0.884  6.623   1.00 16.88 ? 76  LEU A CD2 1 
ATOM   549  N N   . GLY A 1 77  ? 11.840  1.848   10.977  1.00 16.77 ? 77  GLY A N   1 
ATOM   550  C CA  . GLY A 1 77  ? 12.726  2.950   11.288  1.00 19.48 ? 77  GLY A CA  1 
ATOM   551  C C   . GLY A 1 77  ? 13.464  2.655   12.582  1.00 18.66 ? 77  GLY A C   1 
ATOM   552  O O   . GLY A 1 77  ? 14.671  2.857   12.671  1.00 20.71 ? 77  GLY A O   1 
ATOM   553  N N   . ALA A 1 78  ? 12.739  2.164   13.585  1.00 18.71 ? 78  ALA A N   1 
ATOM   554  C CA  . ALA A 1 78  ? 13.340  1.837   14.878  1.00 20.17 ? 78  ALA A CA  1 
ATOM   555  C C   . ALA A 1 78  ? 14.370  0.716   14.731  1.00 24.22 ? 78  ALA A C   1 
ATOM   556  O O   . ALA A 1 78  ? 15.407  0.726   15.390  1.00 23.61 ? 78  ALA A O   1 
ATOM   557  C CB  . ALA A 1 78  ? 12.256  1.429   15.876  1.00 20.94 ? 78  ALA A CB  1 
ATOM   558  N N   . VAL A 1 79  ? 14.079  -0.256  13.871  1.00 21.92 ? 79  VAL A N   1 
ATOM   559  C CA  . VAL A 1 79  ? 15.011  -1.353  13.642  1.00 19.51 ? 79  VAL A CA  1 
ATOM   560  C C   . VAL A 1 79  ? 16.316  -0.774  13.098  1.00 21.15 ? 79  VAL A C   1 
ATOM   561  O O   . VAL A 1 79  ? 17.404  -1.274  13.395  1.00 22.13 ? 79  VAL A O   1 
ATOM   562  C CB  . VAL A 1 79  ? 14.436  -2.383  12.627  1.00 20.40 ? 79  VAL A CB  1 
ATOM   563  C CG1 . VAL A 1 79  ? 15.555  -3.275  12.079  1.00 14.47 ? 79  VAL A CG1 1 
ATOM   564  C CG2 . VAL A 1 79  ? 13.379  -3.247  13.310  1.00 16.54 ? 79  VAL A CG2 1 
ATOM   565  N N   . CYS A 1 80  ? 16.199  0.291   12.311  1.00 19.84 ? 80  CYS A N   1 
ATOM   566  C CA  . CYS A 1 80  ? 17.365  0.944   11.720  1.00 20.94 ? 80  CYS A CA  1 
ATOM   567  C C   . CYS A 1 80  ? 18.039  1.899   12.695  1.00 23.59 ? 80  CYS A C   1 
ATOM   568  O O   . CYS A 1 80  ? 19.042  2.529   12.362  1.00 22.93 ? 80  CYS A O   1 
ATOM   569  C CB  . CYS A 1 80  ? 16.959  1.708   10.458  1.00 20.70 ? 80  CYS A CB  1 
ATOM   570  S SG  . CYS A 1 80  ? 16.449  0.632   9.108   1.00 21.20 ? 80  CYS A SG  1 
ATOM   571  N N   . GLY A 1 81  ? 17.477  1.998   13.898  1.00 23.11 ? 81  GLY A N   1 
ATOM   572  C CA  . GLY A 1 81  ? 18.024  2.876   14.916  1.00 24.73 ? 81  GLY A CA  1 
ATOM   573  C C   . GLY A 1 81  ? 17.597  4.318   14.729  1.00 26.87 ? 81  GLY A C   1 
ATOM   574  O O   . GLY A 1 81  ? 18.251  5.232   15.227  1.00 28.89 ? 81  GLY A O   1 
ATOM   575  N N   . LYS A 1 82  ? 16.491  4.526   14.021  1.00 24.78 ? 82  LYS A N   1 
ATOM   576  C CA  . LYS A 1 82  ? 15.996  5.872   13.758  1.00 25.65 ? 82  LYS A CA  1 
ATOM   577  C C   . LYS A 1 82  ? 14.651  6.137   14.421  1.00 26.12 ? 82  LYS A C   1 
ATOM   578  O O   . LYS A 1 82  ? 13.844  5.224   14.589  1.00 26.01 ? 82  LYS A O   1 
ATOM   579  C CB  . LYS A 1 82  ? 15.859  6.090   12.251  1.00 24.08 ? 82  LYS A CB  1 
ATOM   580  C CG  . LYS A 1 82  ? 17.083  5.675   11.448  1.00 21.41 ? 82  LYS A CG  1 
ATOM   581  C CD  . LYS A 1 82  ? 18.323  6.440   11.879  1.00 28.20 ? 82  LYS A CD  1 
ATOM   582  C CE  . LYS A 1 82  ? 19.531  6.030   11.050  1.00 29.69 ? 82  LYS A CE  1 
ATOM   583  N NZ  . LYS A 1 82  ? 20.753  6.786   11.443  1.00 36.14 ? 82  LYS A NZ  1 
ATOM   584  N N   . PRO A 1 83  ? 14.398  7.397   14.810  1.00 25.46 ? 83  PRO A N   1 
ATOM   585  C CA  . PRO A 1 83  ? 13.135  7.771   15.454  1.00 29.00 ? 83  PRO A CA  1 
ATOM   586  C C   . PRO A 1 83  ? 12.055  8.125   14.434  1.00 28.70 ? 83  PRO A C   1 
ATOM   587  O O   . PRO A 1 83  ? 10.924  8.450   14.801  1.00 31.08 ? 83  PRO A O   1 
ATOM   588  C CB  . PRO A 1 83  ? 13.534  8.971   16.309  1.00 28.85 ? 83  PRO A CB  1 
ATOM   589  C CG  . PRO A 1 83  ? 14.546  9.653   15.433  1.00 26.86 ? 83  PRO A CG  1 
ATOM   590  C CD  . PRO A 1 83  ? 15.390  8.482   14.942  1.00 27.69 ? 83  PRO A CD  1 
ATOM   591  N N   . PHE A 1 84  ? 12.409  8.069   13.152  1.00 26.99 ? 84  PHE A N   1 
ATOM   592  C CA  . PHE A 1 84  ? 11.463  8.392   12.089  1.00 23.23 ? 84  PHE A CA  1 
ATOM   593  C C   . PHE A 1 84  ? 11.059  7.151   11.290  1.00 21.06 ? 84  PHE A C   1 
ATOM   594  O O   . PHE A 1 84  ? 11.754  6.136   11.313  1.00 22.18 ? 84  PHE A O   1 
ATOM   595  C CB  . PHE A 1 84  ? 12.059  9.465   11.161  1.00 24.77 ? 84  PHE A CB  1 
ATOM   596  C CG  . PHE A 1 84  ? 13.397  9.096   10.567  1.00 24.60 ? 84  PHE A CG  1 
ATOM   597  C CD1 . PHE A 1 84  ? 13.491  8.158   9.542   1.00 28.47 ? 84  PHE A CD1 1 
ATOM   598  C CD2 . PHE A 1 84  ? 14.565  9.703   11.023  1.00 26.63 ? 84  PHE A CD2 1 
ATOM   599  C CE1 . PHE A 1 84  ? 14.727  7.829   8.980   1.00 25.46 ? 84  PHE A CE1 1 
ATOM   600  C CE2 . PHE A 1 84  ? 15.806  9.382   10.468  1.00 24.40 ? 84  PHE A CE2 1 
ATOM   601  C CZ  . PHE A 1 84  ? 15.886  8.445   9.444   1.00 24.13 ? 84  PHE A CZ  1 
ATOM   602  N N   . PRO A 1 85  ? 9.921   7.217   10.579  1.00 19.56 ? 85  PRO A N   1 
ATOM   603  C CA  . PRO A 1 85  ? 9.408   6.107   9.766   1.00 21.69 ? 85  PRO A CA  1 
ATOM   604  C C   . PRO A 1 85  ? 10.248  5.862   8.515   1.00 22.04 ? 85  PRO A C   1 
ATOM   605  O O   . PRO A 1 85  ? 10.758  6.802   7.903   1.00 20.52 ? 85  PRO A O   1 
ATOM   606  C CB  . PRO A 1 85  ? 7.997   6.563   9.393   1.00 24.08 ? 85  PRO A CB  1 
ATOM   607  C CG  . PRO A 1 85  ? 7.662   7.603   10.437  1.00 28.27 ? 85  PRO A CG  1 
ATOM   608  C CD  . PRO A 1 85  ? 8.960   8.331   10.589  1.00 21.77 ? 85  PRO A CD  1 
ATOM   609  N N   . VAL A 1 86  ? 10.375  4.592   8.144   1.00 19.18 ? 86  VAL A N   1 
ATOM   610  C CA  . VAL A 1 86  ? 11.124  4.180   6.959   1.00 15.62 ? 86  VAL A CA  1 
ATOM   611  C C   . VAL A 1 86  ? 10.231  3.152   6.269   1.00 14.86 ? 86  VAL A C   1 
ATOM   612  O O   . VAL A 1 86  ? 10.120  2.024   6.734   1.00 13.95 ? 86  VAL A O   1 
ATOM   613  C CB  . VAL A 1 86  ? 12.472  3.515   7.348   1.00 19.76 ? 86  VAL A CB  1 
ATOM   614  C CG1 . VAL A 1 86  ? 13.171  2.977   6.095   1.00 16.45 ? 86  VAL A CG1 1 
ATOM   615  C CG2 . VAL A 1 86  ? 13.369  4.529   8.065   1.00 18.38 ? 86  VAL A CG2 1 
ATOM   616  N N   . ALA A 1 87  ? 9.583   3.559   5.178   1.00 13.30 ? 87  ALA A N   1 
ATOM   617  C CA  . ALA A 1 87  ? 8.668   2.680   4.447   1.00 15.15 ? 87  ALA A CA  1 
ATOM   618  C C   . ALA A 1 87  ? 9.408   1.717   3.530   1.00 15.95 ? 87  ALA A C   1 
ATOM   619  O O   . ALA A 1 87  ? 8.884   0.667   3.161   1.00 11.76 ? 87  ALA A O   1 
ATOM   620  C CB  . ALA A 1 87  ? 7.678   3.516   3.637   1.00 15.59 ? 87  ALA A CB  1 
ATOM   621  N N   . ALA A 1 88  ? 10.626  2.090   3.162   1.00 14.89 ? 88  ALA A N   1 
ATOM   622  C CA  . ALA A 1 88  ? 11.459  1.260   2.302   1.00 12.50 ? 88  ALA A CA  1 
ATOM   623  C C   . ALA A 1 88  ? 12.909  1.644   2.521   1.00 17.66 ? 88  ALA A C   1 
ATOM   624  O O   . ALA A 1 88  ? 13.209  2.788   2.873   1.00 14.19 ? 88  ALA A O   1 
ATOM   625  C CB  . ALA A 1 88  ? 11.087  1.477   0.837   1.00 13.93 ? 88  ALA A CB  1 
ATOM   626  N N   . LEU A 1 89  ? 13.804  0.682   2.327   1.00 12.67 ? 89  LEU A N   1 
ATOM   627  C CA  . LEU A 1 89  ? 15.227  0.932   2.468   1.00 14.07 ? 89  LEU A CA  1 
ATOM   628  C C   . LEU A 1 89  ? 15.952  0.127   1.402   1.00 15.01 ? 89  LEU A C   1 
ATOM   629  O O   . LEU A 1 89  ? 15.422  -0.860  0.889   1.00 15.97 ? 89  LEU A O   1 
ATOM   630  C CB  . LEU A 1 89  ? 15.717  0.549   3.872   1.00 14.42 ? 89  LEU A CB  1 
ATOM   631  C CG  . LEU A 1 89  ? 15.564  -0.888  4.372   1.00 17.52 ? 89  LEU A CG  1 
ATOM   632  C CD1 . LEU A 1 89  ? 16.635  -1.792  3.766   1.00 18.19 ? 89  LEU A CD1 1 
ATOM   633  C CD2 . LEU A 1 89  ? 15.687  -0.881  5.887   1.00 17.38 ? 89  LEU A CD2 1 
ATOM   634  N N   . LEU A 1 90  ? 17.155  0.565   1.055   1.00 14.71 ? 90  LEU A N   1 
ATOM   635  C CA  . LEU A 1 90  ? 17.940  -0.114  0.036   1.00 12.69 ? 90  LEU A CA  1 
ATOM   636  C C   . LEU A 1 90  ? 19.338  -0.407  0.557   1.00 14.41 ? 90  LEU A C   1 
ATOM   637  O O   . LEU A 1 90  ? 20.045  0.499   0.997   1.00 14.85 ? 90  LEU A O   1 
ATOM   638  C CB  . LEU A 1 90  ? 18.047  0.765   -1.217  1.00 11.31 ? 90  LEU A CB  1 
ATOM   639  C CG  . LEU A 1 90  ? 18.879  0.181   -2.369  1.00 13.33 ? 90  LEU A CG  1 
ATOM   640  C CD1 . LEU A 1 90  ? 18.138  -0.984  -2.993  1.00 13.88 ? 90  LEU A CD1 1 
ATOM   641  C CD2 . LEU A 1 90  ? 19.145  1.255   -3.411  1.00 14.99 ? 90  LEU A CD2 1 
ATOM   642  N N   . VAL A 1 91  ? 19.726  -1.676  0.526   1.00 15.36 ? 91  VAL A N   1 
ATOM   643  C CA  . VAL A 1 91  ? 21.060  -2.062  0.962   1.00 17.09 ? 91  VAL A CA  1 
ATOM   644  C C   . VAL A 1 91  ? 22.032  -1.834  -0.198  1.00 18.08 ? 91  VAL A C   1 
ATOM   645  O O   . VAL A 1 91  ? 21.931  -2.485  -1.240  1.00 19.21 ? 91  VAL A O   1 
ATOM   646  C CB  . VAL A 1 91  ? 21.114  -3.558  1.369   1.00 18.59 ? 91  VAL A CB  1 
ATOM   647  C CG1 . VAL A 1 91  ? 22.562  -3.981  1.617   1.00 20.25 ? 91  VAL A CG1 1 
ATOM   648  C CG2 . VAL A 1 91  ? 20.275  -3.791  2.626   1.00 19.17 ? 91  VAL A CG2 1 
ATOM   649  N N   . LEU A 1 92  ? 22.953  -0.891  -0.029  1.00 16.39 ? 92  LEU A N   1 
ATOM   650  C CA  . LEU A 1 92  ? 23.952  -0.625  -1.055  1.00 20.43 ? 92  LEU A CA  1 
ATOM   651  C C   . LEU A 1 92  ? 25.138  -1.545  -0.775  1.00 21.91 ? 92  LEU A C   1 
ATOM   652  O O   . LEU A 1 92  ? 25.768  -2.068  -1.693  1.00 22.20 ? 92  LEU A O   1 
ATOM   653  C CB  . LEU A 1 92  ? 24.395  0.843   -1.014  1.00 20.08 ? 92  LEU A CB  1 
ATOM   654  C CG  . LEU A 1 92  ? 23.384  1.872   -1.536  1.00 15.16 ? 92  LEU A CG  1 
ATOM   655  C CD1 . LEU A 1 92  ? 24.024  3.250   -1.530  1.00 16.18 ? 92  LEU A CD1 1 
ATOM   656  C CD2 . LEU A 1 92  ? 22.947  1.498   -2.948  1.00 16.55 ? 92  LEU A CD2 1 
ATOM   657  N N   . ASP A 1 93  ? 25.425  -1.737  0.507   1.00 18.02 ? 93  ASP A N   1 
ATOM   658  C CA  . ASP A 1 93  ? 26.508  -2.615  0.940   1.00 20.85 ? 93  ASP A CA  1 
ATOM   659  C C   . ASP A 1 93  ? 26.044  -3.273  2.238   1.00 18.77 ? 93  ASP A C   1 
ATOM   660  O O   . ASP A 1 93  ? 25.713  -2.583  3.203   1.00 19.53 ? 93  ASP A O   1 
ATOM   661  C CB  . ASP A 1 93  ? 27.788  -1.812  1.179   1.00 22.35 ? 93  ASP A CB  1 
ATOM   662  C CG  . ASP A 1 93  ? 28.986  -2.701  1.444   1.00 30.16 ? 93  ASP A CG  1 
ATOM   663  O OD1 . ASP A 1 93  ? 29.939  -2.674  0.637   1.00 33.92 ? 93  ASP A OD1 1 
ATOM   664  O OD2 . ASP A 1 93  ? 28.969  -3.434  2.454   1.00 24.26 ? 93  ASP A OD2 1 
ATOM   665  N N   . GLU A 1 94  ? 26.015  -4.603  2.251   1.00 19.75 ? 94  GLU A N   1 
ATOM   666  C CA  . GLU A 1 94  ? 25.562  -5.359  3.417   1.00 21.85 ? 94  GLU A CA  1 
ATOM   667  C C   . GLU A 1 94  ? 26.491  -5.279  4.628   1.00 23.44 ? 94  GLU A C   1 
ATOM   668  O O   . GLU A 1 94  ? 26.121  -5.696  5.726   1.00 21.86 ? 94  GLU A O   1 
ATOM   669  C CB  . GLU A 1 94  ? 25.364  -6.832  3.048   1.00 25.89 ? 94  GLU A CB  1 
ATOM   670  C CG  . GLU A 1 94  ? 26.661  -7.580  2.781   1.00 32.34 ? 94  GLU A CG  1 
ATOM   671  C CD  . GLU A 1 94  ? 27.146  -7.449  1.346   1.00 38.85 ? 94  GLU A CD  1 
ATOM   672  O OE1 . GLU A 1 94  ? 27.055  -6.340  0.767   1.00 35.68 ? 94  GLU A OE1 1 
ATOM   673  O OE2 . GLU A 1 94  ? 27.631  -8.463  0.803   1.00 39.57 ? 94  GLU A OE2 1 
ATOM   674  N N   . GLY A 1 95  ? 27.692  -4.746  4.437   1.00 22.19 ? 95  GLY A N   1 
ATOM   675  C CA  . GLY A 1 95  ? 28.626  -4.658  5.547   1.00 24.14 ? 95  GLY A CA  1 
ATOM   676  C C   . GLY A 1 95  ? 28.918  -6.038  6.111   1.00 23.02 ? 95  GLY A C   1 
ATOM   677  O O   . GLY A 1 95  ? 29.267  -6.953  5.366   1.00 25.06 ? 95  GLY A O   1 
ATOM   678  N N   . LEU A 1 96  ? 28.761  -6.191  7.423   1.00 25.42 ? 96  LEU A N   1 
ATOM   679  C CA  . LEU A 1 96  ? 29.010  -7.468  8.094   1.00 25.20 ? 96  LEU A CA  1 
ATOM   680  C C   . LEU A 1 96  ? 27.716  -8.258  8.300   1.00 27.15 ? 96  LEU A C   1 
ATOM   681  O O   . LEU A 1 96  ? 27.708  -9.292  8.969   1.00 25.77 ? 96  LEU A O   1 
ATOM   682  C CB  . LEU A 1 96  ? 29.663  -7.221  9.455   1.00 27.89 ? 96  LEU A CB  1 
ATOM   683  C CG  . LEU A 1 96  ? 31.003  -6.477  9.490   1.00 26.63 ? 96  LEU A CG  1 
ATOM   684  C CD1 . LEU A 1 96  ? 31.383  -6.193  10.932  1.00 28.80 ? 96  LEU A CD1 1 
ATOM   685  C CD2 . LEU A 1 96  ? 32.071  -7.308  8.810   1.00 26.16 ? 96  LEU A CD2 1 
ATOM   686  N N   . SER A 1 97  ? 26.623  -7.767  7.726   1.00 26.24 ? 97  SER A N   1 
ATOM   687  C CA  . SER A 1 97  ? 25.325  -8.418  7.868   1.00 25.15 ? 97  SER A CA  1 
ATOM   688  C C   . SER A 1 97  ? 25.141  -9.634  6.961   1.00 27.09 ? 97  SER A C   1 
ATOM   689  O O   . SER A 1 97  ? 25.740  -9.727  5.894   1.00 25.73 ? 97  SER A O   1 
ATOM   690  C CB  . SER A 1 97  ? 24.213  -7.410  7.581   1.00 21.98 ? 97  SER A CB  1 
ATOM   691  O OG  . SER A 1 97  ? 22.943  -8.025  7.669   1.00 26.71 ? 97  SER A OG  1 
ATOM   692  N N   . ASN A 1 98  ? 24.293  -10.561 7.392   1.00 26.89 ? 98  ASN A N   1 
ATOM   693  C CA  . ASN A 1 98  ? 24.007  -11.754 6.607   1.00 29.63 ? 98  ASN A CA  1 
ATOM   694  C C   . ASN A 1 98  ? 22.611  -11.596 6.007   1.00 28.92 ? 98  ASN A C   1 
ATOM   695  O O   . ASN A 1 98  ? 21.983  -12.572 5.593   1.00 29.70 ? 98  ASN A O   1 
ATOM   696  C CB  . ASN A 1 98  ? 24.065  -13.002 7.499   1.00 30.84 ? 98  ASN A CB  1 
ATOM   697  C CG  . ASN A 1 98  ? 22.989  -13.009 8.576   1.00 35.01 ? 98  ASN A CG  1 
ATOM   698  O OD1 . ASN A 1 98  ? 22.641  -11.968 9.136   1.00 32.68 ? 98  ASN A OD1 1 
ATOM   699  N ND2 . ASN A 1 98  ? 22.471  -14.193 8.883   1.00 38.02 ? 98  ASN A ND2 1 
ATOM   700  N N   . ILE A 1 99  ? 22.138  -10.354 5.952   1.00 28.66 ? 99  ILE A N   1 
ATOM   701  C CA  . ILE A 1 99  ? 20.811  -10.062 5.424   1.00 24.34 ? 99  ILE A CA  1 
ATOM   702  C C   . ILE A 1 99  ? 20.557  -10.701 4.058   1.00 25.07 ? 99  ILE A C   1 
ATOM   703  O O   . ILE A 1 99  ? 19.480  -11.239 3.816   1.00 24.75 ? 99  ILE A O   1 
ATOM   704  C CB  . ILE A 1 99  ? 20.561  -8.523  5.355   1.00 23.87 ? 99  ILE A CB  1 
ATOM   705  C CG1 . ILE A 1 99  ? 19.102  -8.242  4.991   1.00 20.88 ? 99  ILE A CG1 1 
ATOM   706  C CG2 . ILE A 1 99  ? 21.490  -7.879  4.336   1.00 22.78 ? 99  ILE A CG2 1 
ATOM   707  C CD1 . ILE A 1 99  ? 18.094  -8.808  5.982   1.00 28.86 ? 99  ILE A CD1 1 
ATOM   708  N N   . MET A 1 100 ? 21.546  -10.662 3.170   1.00 27.79 ? 100 MET A N   1 
ATOM   709  C CA  . MET A 1 100 ? 21.388  -11.253 1.842   1.00 30.73 ? 100 MET A CA  1 
ATOM   710  C C   . MET A 1 100 ? 21.058  -12.738 1.939   1.00 30.65 ? 100 MET A C   1 
ATOM   711  O O   . MET A 1 100 ? 20.177  -13.241 1.238   1.00 31.63 ? 100 MET A O   1 
ATOM   712  C CB  . MET A 1 100 ? 22.672  -11.084 1.021   1.00 33.13 ? 100 MET A CB  1 
ATOM   713  C CG  . MET A 1 100 ? 23.071  -9.642  0.774   1.00 40.50 ? 100 MET A CG  1 
ATOM   714  S SD  . MET A 1 100 ? 21.740  -8.733  -0.013  1.00 42.65 ? 100 MET A SD  1 
ATOM   715  C CE  . MET A 1 100 ? 21.890  -9.301  -1.715  1.00 41.45 ? 100 MET A CE  1 
ATOM   716  N N   . GLU A 1 101 ? 21.771  -13.439 2.812   1.00 32.04 ? 101 GLU A N   1 
ATOM   717  C CA  . GLU A 1 101 ? 21.554  -14.867 2.997   1.00 36.59 ? 101 GLU A CA  1 
ATOM   718  C C   . GLU A 1 101 ? 20.199  -15.158 3.624   1.00 33.04 ? 101 GLU A C   1 
ATOM   719  O O   . GLU A 1 101 ? 19.512  -16.092 3.213   1.00 31.79 ? 101 GLU A O   1 
ATOM   720  C CB  . GLU A 1 101 ? 22.666  -15.463 3.863   1.00 41.25 ? 101 GLU A CB  1 
ATOM   721  C CG  . GLU A 1 101 ? 24.010  -15.586 3.156   1.00 53.57 ? 101 GLU A CG  1 
ATOM   722  C CD  . GLU A 1 101 ? 24.462  -14.284 2.518   1.00 59.89 ? 101 GLU A CD  1 
ATOM   723  O OE1 . GLU A 1 101 ? 24.522  -13.260 3.231   1.00 64.50 ? 101 GLU A OE1 1 
ATOM   724  O OE2 . GLU A 1 101 ? 24.760  -14.285 1.304   1.00 65.69 ? 101 GLU A OE2 1 
ATOM   725  N N   . LEU A 1 102 ? 19.816  -14.364 4.620   1.00 32.04 ? 102 LEU A N   1 
ATOM   726  C CA  . LEU A 1 102 ? 18.532  -14.565 5.281   1.00 32.53 ? 102 LEU A CA  1 
ATOM   727  C C   . LEU A 1 102 ? 17.403  -14.416 4.276   1.00 34.39 ? 102 LEU A C   1 
ATOM   728  O O   . LEU A 1 102 ? 16.505  -15.254 4.212   1.00 36.16 ? 102 LEU A O   1 
ATOM   729  C CB  . LEU A 1 102 ? 18.330  -13.555 6.417   1.00 29.82 ? 102 LEU A CB  1 
ATOM   730  C CG  . LEU A 1 102 ? 19.194  -13.669 7.673   1.00 35.32 ? 102 LEU A CG  1 
ATOM   731  C CD1 . LEU A 1 102 ? 18.846  -12.534 8.621   1.00 30.22 ? 102 LEU A CD1 1 
ATOM   732  C CD2 . LEU A 1 102 ? 18.953  -15.013 8.347   1.00 34.76 ? 102 LEU A CD2 1 
ATOM   733  N N   . VAL A 1 103 ? 17.450  -13.341 3.497   1.00 32.24 ? 103 VAL A N   1 
ATOM   734  C CA  . VAL A 1 103 ? 16.427  -13.091 2.492   1.00 34.33 ? 103 VAL A CA  1 
ATOM   735  C C   . VAL A 1 103 ? 16.316  -14.228 1.480   1.00 35.08 ? 103 VAL A C   1 
ATOM   736  O O   . VAL A 1 103 ? 15.209  -14.586 1.067   1.00 36.78 ? 103 VAL A O   1 
ATOM   737  C CB  . VAL A 1 103 ? 16.691  -11.766 1.748   1.00 31.81 ? 103 VAL A CB  1 
ATOM   738  C CG1 . VAL A 1 103 ? 15.768  -11.633 0.542   1.00 35.65 ? 103 VAL A CG1 1 
ATOM   739  C CG2 . VAL A 1 103 ? 16.472  -10.603 2.697   1.00 30.48 ? 103 VAL A CG2 1 
ATOM   740  N N   . GLU A 1 104 ? 17.452  -14.806 1.086   1.00 35.18 ? 104 GLU A N   1 
ATOM   741  C CA  . GLU A 1 104 ? 17.417  -15.920 0.142   1.00 42.18 ? 104 GLU A CA  1 
ATOM   742  C C   . GLU A 1 104 ? 16.440  -16.922 0.754   1.00 47.49 ? 104 GLU A C   1 
ATOM   743  O O   . GLU A 1 104 ? 15.862  -17.765 0.064   1.00 45.12 ? 104 GLU A O   1 
ATOM   744  C CB  . GLU A 1 104 ? 18.815  -16.536 -0.039  1.00 40.13 ? 104 GLU A CB  1 
ATOM   745  C CG  . GLU A 1 104 ? 18.896  -17.542 -1.178  1.00 39.24 ? 104 GLU A CG  1 
ATOM   746  C CD  . GLU A 1 104 ? 20.322  -17.836 -1.603  1.00 38.89 ? 104 GLU A CD  1 
ATOM   747  O OE1 . GLU A 1 104 ? 21.015  -16.890 -2.031  1.00 35.95 ? 104 GLU A OE1 1 
ATOM   748  O OE2 . GLU A 1 104 ? 20.744  -19.008 -1.513  1.00 35.17 ? 104 GLU A OE2 1 
ATOM   749  N N   . LYS A 1 105 ? 16.257  -16.765 2.067   1.00 56.69 ? 105 LYS A N   1 
ATOM   750  C CA  . LYS A 1 105 ? 15.342  -17.557 2.889   1.00 62.89 ? 105 LYS A CA  1 
ATOM   751  C C   . LYS A 1 105 ? 15.692  -19.029 3.101   1.00 65.47 ? 105 LYS A C   1 
ATOM   752  O O   . LYS A 1 105 ? 16.879  -19.326 3.368   1.00 63.21 ? 105 LYS A O   1 
ATOM   753  C CB  . LYS A 1 105 ? 13.916  -17.410 2.350   1.00 61.77 ? 105 LYS A CB  1 
ATOM   754  C CG  . LYS A 1 105 ? 13.108  -16.317 3.052   1.00 66.10 ? 105 LYS A CG  1 
ATOM   755  C CD  . LYS A 1 105 ? 11.787  -16.088 2.337   1.00 67.58 ? 105 LYS A CD  1 
ATOM   756  C CE  . LYS A 1 105 ? 11.980  -15.284 1.056   1.00 67.36 ? 105 LYS A CE  1 
ATOM   757  N NZ  . LYS A 1 105 ? 12.009  -13.811 1.321   1.00 66.07 ? 105 LYS A NZ  1 
ATOM   758  N N   . MET B 1 7   ? -12.821 8.109   -15.669 1.00 55.96 ? 7   MET B N   1 
ATOM   759  C CA  . MET B 1 7   ? -13.874 9.155   -15.806 1.00 56.85 ? 7   MET B CA  1 
ATOM   760  C C   . MET B 1 7   ? -15.262 8.594   -15.514 1.00 53.42 ? 7   MET B C   1 
ATOM   761  O O   . MET B 1 7   ? -16.045 9.197   -14.778 1.00 50.73 ? 7   MET B O   1 
ATOM   762  C CB  . MET B 1 7   ? -13.856 9.741   -17.218 1.00 61.31 ? 7   MET B CB  1 
ATOM   763  C CG  . MET B 1 7   ? -12.610 10.542  -17.552 1.00 69.50 ? 7   MET B CG  1 
ATOM   764  S SD  . MET B 1 7   ? -12.632 11.124  -19.263 1.00 76.37 ? 7   MET B SD  1 
ATOM   765  C CE  . MET B 1 7   ? -13.845 12.434  -19.144 1.00 80.89 ? 7   MET B CE  1 
ATOM   766  N N   . ASP B 1 8   ? -15.564 7.441   -16.104 1.00 48.73 ? 8   ASP B N   1 
ATOM   767  C CA  . ASP B 1 8   ? -16.857 6.803   -15.903 1.00 44.42 ? 8   ASP B CA  1 
ATOM   768  C C   . ASP B 1 8   ? -16.984 6.347   -14.455 1.00 36.91 ? 8   ASP B C   1 
ATOM   769  O O   . ASP B 1 8   ? -17.985 6.620   -13.798 1.00 35.47 ? 8   ASP B O   1 
ATOM   770  C CB  . ASP B 1 8   ? -17.011 5.607   -16.846 1.00 50.92 ? 8   ASP B CB  1 
ATOM   771  C CG  . ASP B 1 8   ? -18.143 5.791   -17.840 1.00 57.06 ? 8   ASP B CG  1 
ATOM   772  O OD1 . ASP B 1 8   ? -19.138 5.039   -17.752 1.00 62.85 ? 8   ASP B OD1 1 
ATOM   773  O OD2 . ASP B 1 8   ? -18.040 6.687   -18.705 1.00 60.31 ? 8   ASP B OD2 1 
ATOM   774  N N   . VAL B 1 9   ? -15.958 5.659   -13.962 1.00 31.32 ? 9   VAL B N   1 
ATOM   775  C CA  . VAL B 1 9   ? -15.950 5.171   -12.588 1.00 26.37 ? 9   VAL B CA  1 
ATOM   776  C C   . VAL B 1 9   ? -16.055 6.322   -11.594 1.00 25.51 ? 9   VAL B C   1 
ATOM   777  O O   . VAL B 1 9   ? -16.797 6.240   -10.613 1.00 23.32 ? 9   VAL B O   1 
ATOM   778  C CB  . VAL B 1 9   ? -14.661 4.372   -12.285 1.00 30.48 ? 9   VAL B CB  1 
ATOM   779  C CG1 . VAL B 1 9   ? -14.599 4.016   -10.809 1.00 30.24 ? 9   VAL B CG1 1 
ATOM   780  C CG2 . VAL B 1 9   ? -14.628 3.108   -13.128 1.00 34.26 ? 9   VAL B CG2 1 
ATOM   781  N N   . ASN B 1 10  ? -15.315 7.399   -11.844 1.00 22.44 ? 10  ASN B N   1 
ATOM   782  C CA  . ASN B 1 10  ? -15.347 8.547   -10.944 1.00 23.59 ? 10  ASN B CA  1 
ATOM   783  C C   . ASN B 1 10  ? -16.733 9.184   -10.911 1.00 24.69 ? 10  ASN B C   1 
ATOM   784  O O   . ASN B 1 10  ? -17.198 9.622   -9.861  1.00 19.37 ? 10  ASN B O   1 
ATOM   785  C CB  . ASN B 1 10  ? -14.293 9.582   -11.349 1.00 26.08 ? 10  ASN B CB  1 
ATOM   786  C CG  . ASN B 1 10  ? -12.876 9.049   -11.214 1.00 27.97 ? 10  ASN B CG  1 
ATOM   787  O OD1 . ASN B 1 10  ? -12.608 8.178   -10.386 1.00 27.40 ? 10  ASN B OD1 1 
ATOM   788  N ND2 . ASN B 1 10  ? -11.961 9.578   -12.016 1.00 28.28 ? 10  ASN B ND2 1 
ATOM   789  N N   . LYS B 1 11  ? -17.393 9.237   -12.062 1.00 23.76 ? 11  LYS B N   1 
ATOM   790  C CA  . LYS B 1 11  ? -18.733 9.807   -12.116 1.00 25.97 ? 11  LYS B CA  1 
ATOM   791  C C   . LYS B 1 11  ? -19.677 8.918   -11.307 1.00 22.51 ? 11  LYS B C   1 
ATOM   792  O O   . LYS B 1 11  ? -20.531 9.408   -10.564 1.00 23.90 ? 11  LYS B O   1 
ATOM   793  C CB  . LYS B 1 11  ? -19.217 9.905   -13.567 1.00 26.62 ? 11  LYS B CB  1 
ATOM   794  C CG  . LYS B 1 11  ? -20.686 10.288  -13.691 1.00 34.57 ? 11  LYS B CG  1 
ATOM   795  C CD  . LYS B 1 11  ? -21.116 10.480  -15.138 1.00 39.96 ? 11  LYS B CD  1 
ATOM   796  C CE  . LYS B 1 11  ? -22.618 10.715  -15.229 1.00 43.12 ? 11  LYS B CE  1 
ATOM   797  N NZ  . LYS B 1 11  ? -23.076 11.814  -14.328 1.00 49.93 ? 11  LYS B NZ  1 
ATOM   798  N N   . ALA B 1 12  ? -19.507 7.606   -11.454 1.00 24.48 ? 12  ALA B N   1 
ATOM   799  C CA  . ALA B 1 12  ? -20.331 6.630   -10.750 1.00 22.09 ? 12  ALA B CA  1 
ATOM   800  C C   . ALA B 1 12  ? -20.123 6.708   -9.237  1.00 20.66 ? 12  ALA B C   1 
ATOM   801  O O   . ALA B 1 12  ? -21.065 6.553   -8.464  1.00 20.21 ? 12  ALA B O   1 
ATOM   802  C CB  . ALA B 1 12  ? -20.012 5.230   -11.251 1.00 24.28 ? 12  ALA B CB  1 
ATOM   803  N N   . ILE B 1 13  ? -18.883 6.946   -8.819  1.00 19.80 ? 13  ILE B N   1 
ATOM   804  C CA  . ILE B 1 13  ? -18.569 7.053   -7.397  1.00 19.23 ? 13  ILE B CA  1 
ATOM   805  C C   . ILE B 1 13  ? -19.237 8.285   -6.783  1.00 17.58 ? 13  ILE B C   1 
ATOM   806  O O   . ILE B 1 13  ? -19.843 8.209   -5.715  1.00 19.08 ? 13  ILE B O   1 
ATOM   807  C CB  . ILE B 1 13  ? -17.033 7.132   -7.168  1.00 20.24 ? 13  ILE B CB  1 
ATOM   808  C CG1 . ILE B 1 13  ? -16.389 5.786   -7.527  1.00 21.65 ? 13  ILE B CG1 1 
ATOM   809  C CG2 . ILE B 1 13  ? -16.733 7.506   -5.722  1.00 15.20 ? 13  ILE B CG2 1 
ATOM   810  C CD1 . ILE B 1 13  ? -14.863 5.783   -7.491  1.00 20.26 ? 13  ILE B CD1 1 
ATOM   811  N N   . ARG B 1 14  ? -19.132 9.420   -7.462  1.00 17.18 ? 14  ARG B N   1 
ATOM   812  C CA  . ARG B 1 14  ? -19.732 10.649  -6.954  1.00 17.14 ? 14  ARG B CA  1 
ATOM   813  C C   . ARG B 1 14  ? -21.253 10.507  -6.865  1.00 18.69 ? 14  ARG B C   1 
ATOM   814  O O   . ARG B 1 14  ? -21.878 10.950  -5.900  1.00 19.85 ? 14  ARG B O   1 
ATOM   815  C CB  . ARG B 1 14  ? -19.362 11.829  -7.860  1.00 19.49 ? 14  ARG B CB  1 
ATOM   816  C CG  . ARG B 1 14  ? -19.925 13.167  -7.404  1.00 23.44 ? 14  ARG B CG  1 
ATOM   817  C CD  . ARG B 1 14  ? -19.606 13.436  -5.944  1.00 25.35 ? 14  ARG B CD  1 
ATOM   818  N NE  . ARG B 1 14  ? -19.970 14.794  -5.546  1.00 32.49 ? 14  ARG B NE  1 
ATOM   819  C CZ  . ARG B 1 14  ? -19.265 15.880  -5.851  1.00 34.37 ? 14  ARG B CZ  1 
ATOM   820  N NH1 . ARG B 1 14  ? -18.147 15.775  -6.558  1.00 33.47 ? 14  ARG B NH1 1 
ATOM   821  N NH2 . ARG B 1 14  ? -19.679 17.075  -5.453  1.00 35.22 ? 14  ARG B NH2 1 
ATOM   822  N N   . THR B 1 15  ? -21.843 9.880   -7.874  1.00 20.94 ? 15  THR B N   1 
ATOM   823  C CA  . THR B 1 15  ? -23.287 9.675   -7.901  1.00 22.21 ? 15  THR B CA  1 
ATOM   824  C C   . THR B 1 15  ? -23.741 8.840   -6.705  1.00 22.78 ? 15  THR B C   1 
ATOM   825  O O   . THR B 1 15  ? -24.776 9.126   -6.096  1.00 19.62 ? 15  THR B O   1 
ATOM   826  C CB  . THR B 1 15  ? -23.717 8.963   -9.194  1.00 26.60 ? 15  THR B CB  1 
ATOM   827  O OG1 . THR B 1 15  ? -23.334 9.757   -10.326 1.00 26.66 ? 15  THR B OG1 1 
ATOM   828  C CG2 . THR B 1 15  ? -25.228 8.752   -9.208  1.00 25.32 ? 15  THR B CG2 1 
ATOM   829  N N   . ALA B 1 16  ? -22.964 7.809   -6.374  1.00 21.27 ? 16  ALA B N   1 
ATOM   830  C CA  . ALA B 1 16  ? -23.285 6.937   -5.245  1.00 20.46 ? 16  ALA B CA  1 
ATOM   831  C C   . ALA B 1 16  ? -23.203 7.711   -3.934  1.00 18.57 ? 16  ALA B C   1 
ATOM   832  O O   . ALA B 1 16  ? -24.042 7.548   -3.045  1.00 20.27 ? 16  ALA B O   1 
ATOM   833  C CB  . ALA B 1 16  ? -22.326 5.749   -5.212  1.00 17.00 ? 16  ALA B CB  1 
ATOM   834  N N   . VAL B 1 17  ? -22.183 8.554   -3.818  1.00 19.78 ? 17  VAL B N   1 
ATOM   835  C CA  . VAL B 1 17  ? -21.985 9.367   -2.624  1.00 19.36 ? 17  VAL B CA  1 
ATOM   836  C C   . VAL B 1 17  ? -23.114 10.378  -2.428  1.00 22.07 ? 17  VAL B C   1 
ATOM   837  O O   . VAL B 1 17  ? -23.593 10.571  -1.309  1.00 21.75 ? 17  VAL B O   1 
ATOM   838  C CB  . VAL B 1 17  ? -20.655 10.149  -2.694  1.00 19.72 ? 17  VAL B CB  1 
ATOM   839  C CG1 . VAL B 1 17  ? -20.575 11.133  -1.548  1.00 20.53 ? 17  VAL B CG1 1 
ATOM   840  C CG2 . VAL B 1 17  ? -19.476 9.183   -2.642  1.00 20.25 ? 17  VAL B CG2 1 
ATOM   841  N N   . ASP B 1 18  ? -23.530 11.025  -3.514  1.00 20.51 ? 18  ASP B N   1 
ATOM   842  C CA  . ASP B 1 18  ? -24.590 12.030  -3.436  1.00 25.61 ? 18  ASP B CA  1 
ATOM   843  C C   . ASP B 1 18  ? -26.020 11.490  -3.444  1.00 26.79 ? 18  ASP B C   1 
ATOM   844  O O   . ASP B 1 18  ? -26.913 12.112  -2.874  1.00 30.27 ? 18  ASP B O   1 
ATOM   845  C CB  . ASP B 1 18  ? -24.452 13.049  -4.572  1.00 25.84 ? 18  ASP B CB  1 
ATOM   846  C CG  . ASP B 1 18  ? -23.170 13.848  -4.492  1.00 30.01 ? 18  ASP B CG  1 
ATOM   847  O OD1 . ASP B 1 18  ? -22.679 14.079  -3.367  1.00 28.75 ? 18  ASP B OD1 1 
ATOM   848  O OD2 . ASP B 1 18  ? -22.666 14.261  -5.555  1.00 33.26 ? 18  ASP B OD2 1 
ATOM   849  N N   . THR B 1 19  ? -26.251 10.349  -4.087  1.00 25.50 ? 19  THR B N   1 
ATOM   850  C CA  . THR B 1 19  ? -27.607 9.807   -4.136  1.00 25.35 ? 19  THR B CA  1 
ATOM   851  C C   . THR B 1 19  ? -27.817 8.526   -3.333  1.00 26.17 ? 19  THR B C   1 
ATOM   852  O O   . THR B 1 19  ? -28.956 8.126   -3.079  1.00 25.56 ? 19  THR B O   1 
ATOM   853  C CB  . THR B 1 19  ? -28.059 9.557   -5.597  1.00 27.30 ? 19  THR B CB  1 
ATOM   854  O OG1 . THR B 1 19  ? -27.335 8.453   -6.151  1.00 23.50 ? 19  THR B OG1 1 
ATOM   855  C CG2 . THR B 1 19  ? -27.813 10.799  -6.447  1.00 27.21 ? 19  THR B CG2 1 
ATOM   856  N N   . GLY B 1 20  ? -26.728 7.882   -2.926  1.00 22.79 ? 20  GLY B N   1 
ATOM   857  C CA  . GLY B 1 20  ? -26.858 6.657   -2.158  1.00 18.79 ? 20  GLY B CA  1 
ATOM   858  C C   . GLY B 1 20  ? -26.312 6.813   -0.756  1.00 21.12 ? 20  GLY B C   1 
ATOM   859  O O   . GLY B 1 20  ? -26.572 7.809   -0.083  1.00 22.35 ? 20  GLY B O   1 
ATOM   860  N N   . LYS B 1 21  ? -25.563 5.813   -0.305  1.00 21.08 ? 21  LYS B N   1 
ATOM   861  C CA  . LYS B 1 21  ? -24.949 5.842   1.014   1.00 21.48 ? 21  LYS B CA  1 
ATOM   862  C C   . LYS B 1 21  ? -23.561 5.231   0.878   1.00 20.21 ? 21  LYS B C   1 
ATOM   863  O O   . LYS B 1 21  ? -23.423 4.046   0.578   1.00 18.91 ? 21  LYS B O   1 
ATOM   864  C CB  . LYS B 1 21  ? -25.774 5.037   2.021   1.00 24.60 ? 21  LYS B CB  1 
ATOM   865  C CG  . LYS B 1 21  ? -25.111 4.875   3.387   1.00 24.83 ? 21  LYS B CG  1 
ATOM   866  C CD  . LYS B 1 21  ? -24.698 6.216   3.990   1.00 29.81 ? 21  LYS B CD  1 
ATOM   867  C CE  . LYS B 1 21  ? -25.890 7.120   4.268   1.00 33.46 ? 21  LYS B CE  1 
ATOM   868  N NZ  . LYS B 1 21  ? -26.775 6.599   5.351   1.00 35.29 ? 21  LYS B NZ  1 
ATOM   869  N N   . VAL B 1 22  ? -22.541 6.056   1.091   1.00 20.40 ? 22  VAL B N   1 
ATOM   870  C CA  . VAL B 1 22  ? -21.157 5.608   0.984   1.00 17.39 ? 22  VAL B CA  1 
ATOM   871  C C   . VAL B 1 22  ? -20.370 5.940   2.243   1.00 17.95 ? 22  VAL B C   1 
ATOM   872  O O   . VAL B 1 22  ? -20.377 7.080   2.709   1.00 21.85 ? 22  VAL B O   1 
ATOM   873  C CB  . VAL B 1 22  ? -20.463 6.273   -0.228  1.00 18.34 ? 22  VAL B CB  1 
ATOM   874  C CG1 . VAL B 1 22  ? -18.984 5.900   -0.262  1.00 14.58 ? 22  VAL B CG1 1 
ATOM   875  C CG2 . VAL B 1 22  ? -21.162 5.842   -1.516  1.00 16.01 ? 22  VAL B CG2 1 
ATOM   876  N N   . ILE B 1 23  ? -19.705 4.929   2.790   1.00 16.80 ? 23  ILE B N   1 
ATOM   877  C CA  . ILE B 1 23  ? -18.881 5.081   3.983   1.00 17.69 ? 23  ILE B CA  1 
ATOM   878  C C   . ILE B 1 23  ? -17.481 5.461   3.502   1.00 19.41 ? 23  ILE B C   1 
ATOM   879  O O   . ILE B 1 23  ? -16.902 4.770   2.662   1.00 15.96 ? 23  ILE B O   1 
ATOM   880  C CB  . ILE B 1 23  ? -18.810 3.758   4.777   1.00 19.65 ? 23  ILE B CB  1 
ATOM   881  C CG1 . ILE B 1 23  ? -20.207 3.393   5.294   1.00 19.10 ? 23  ILE B CG1 1 
ATOM   882  C CG2 . ILE B 1 23  ? -17.810 3.880   5.929   1.00 16.43 ? 23  ILE B CG2 1 
ATOM   883  C CD1 . ILE B 1 23  ? -20.812 4.434   6.229   1.00 21.13 ? 23  ILE B CD1 1 
ATOM   884  N N   . LEU B 1 24  ? -16.943 6.554   4.031   1.00 18.68 ? 24  LEU B N   1 
ATOM   885  C CA  . LEU B 1 24  ? -15.623 7.021   3.617   1.00 22.00 ? 24  LEU B CA  1 
ATOM   886  C C   . LEU B 1 24  ? -14.540 6.763   4.658   1.00 22.77 ? 24  LEU B C   1 
ATOM   887  O O   . LEU B 1 24  ? -14.752 6.975   5.853   1.00 26.55 ? 24  LEU B O   1 
ATOM   888  C CB  . LEU B 1 24  ? -15.679 8.522   3.314   1.00 21.01 ? 24  LEU B CB  1 
ATOM   889  C CG  . LEU B 1 24  ? -16.774 9.013   2.364   1.00 20.80 ? 24  LEU B CG  1 
ATOM   890  C CD1 . LEU B 1 24  ? -16.692 10.531  2.234   1.00 20.49 ? 24  LEU B CD1 1 
ATOM   891  C CD2 . LEU B 1 24  ? -16.620 8.352   1.008   1.00 19.01 ? 24  LEU B CD2 1 
ATOM   892  N N   . GLY B 1 25  ? -13.379 6.306   4.197   1.00 20.16 ? 25  GLY B N   1 
ATOM   893  C CA  . GLY B 1 25  ? -12.275 6.050   5.107   1.00 20.86 ? 25  GLY B CA  1 
ATOM   894  C C   . GLY B 1 25  ? -11.890 4.592   5.190   1.00 20.27 ? 25  GLY B C   1 
ATOM   895  O O   . GLY B 1 25  ? -12.751 3.712   5.151   1.00 20.07 ? 25  GLY B O   1 
ATOM   896  N N   . SER B 1 26  ? -10.592 4.332   5.311   1.00 19.38 ? 26  SER B N   1 
ATOM   897  C CA  . SER B 1 26  ? -10.095 2.965   5.394   1.00 19.36 ? 26  SER B CA  1 
ATOM   898  C C   . SER B 1 26  ? -10.520 2.279   6.690   1.00 22.20 ? 26  SER B C   1 
ATOM   899  O O   . SER B 1 26  ? -10.955 1.128   6.671   1.00 20.06 ? 26  SER B O   1 
ATOM   900  C CB  . SER B 1 26  ? -8.566  2.953   5.268   1.00 19.28 ? 26  SER B CB  1 
ATOM   901  O OG  . SER B 1 26  ? -7.972  3.709   6.306   1.00 24.46 ? 26  SER B OG  1 
ATOM   902  N N   . LYS B 1 27  ? -10.402 2.983   7.813   1.00 22.37 ? 27  LYS B N   1 
ATOM   903  C CA  . LYS B 1 27  ? -10.780 2.408   9.105   1.00 22.43 ? 27  LYS B CA  1 
ATOM   904  C C   . LYS B 1 27  ? -12.264 2.049   9.134   1.00 21.33 ? 27  LYS B C   1 
ATOM   905  O O   . LYS B 1 27  ? -12.634 0.948   9.536   1.00 19.25 ? 27  LYS B O   1 
ATOM   906  C CB  . LYS B 1 27  ? -10.475 3.390   10.239  1.00 29.87 ? 27  LYS B CB  1 
ATOM   907  C CG  . LYS B 1 27  ? -9.004  3.750   10.368  1.00 34.10 ? 27  LYS B CG  1 
ATOM   908  C CD  . LYS B 1 27  ? -8.156  2.526   10.672  1.00 32.53 ? 27  LYS B CD  1 
ATOM   909  C CE  . LYS B 1 27  ? -6.691  2.910   10.800  1.00 37.37 ? 27  LYS B CE  1 
ATOM   910  N NZ  . LYS B 1 27  ? -6.507  4.005   11.791  1.00 33.51 ? 27  LYS B NZ  1 
ATOM   911  N N   . ARG B 1 28  ? -13.108 2.983   8.706   1.00 19.90 ? 28  ARG B N   1 
ATOM   912  C CA  . ARG B 1 28  ? -14.549 2.756   8.682   1.00 22.43 ? 28  ARG B CA  1 
ATOM   913  C C   . ARG B 1 28  ? -14.904 1.636   7.709   1.00 20.89 ? 28  ARG B C   1 
ATOM   914  O O   . ARG B 1 28  ? -15.706 0.759   8.033   1.00 21.90 ? 28  ARG B O   1 
ATOM   915  C CB  . ARG B 1 28  ? -15.284 4.038   8.276   1.00 25.61 ? 28  ARG B CB  1 
ATOM   916  C CG  . ARG B 1 28  ? -15.209 5.153   9.311   1.00 34.49 ? 28  ARG B CG  1 
ATOM   917  C CD  . ARG B 1 28  ? -16.133 4.885   10.487  1.00 44.53 ? 28  ARG B CD  1 
ATOM   918  N NE  . ARG B 1 28  ? -17.527 5.208   10.190  1.00 49.88 ? 28  ARG B NE  1 
ATOM   919  C CZ  . ARG B 1 28  ? -18.540 4.985   11.025  1.00 50.37 ? 28  ARG B CZ  1 
ATOM   920  N NH1 . ARG B 1 28  ? -19.778 5.313   10.677  1.00 53.34 ? 28  ARG B NH1 1 
ATOM   921  N NH2 . ARG B 1 28  ? -18.317 4.425   12.206  1.00 48.68 ? 28  ARG B NH2 1 
ATOM   922  N N   . THR B 1 29  ? -14.310 1.667   6.518   1.00 17.60 ? 29  THR B N   1 
ATOM   923  C CA  . THR B 1 29  ? -14.582 0.636   5.522   1.00 14.14 ? 29  THR B CA  1 
ATOM   924  C C   . THR B 1 29  ? -14.302 -0.751  6.087   1.00 16.22 ? 29  THR B C   1 
ATOM   925  O O   . THR B 1 29  ? -15.139 -1.649  5.992   1.00 16.83 ? 29  THR B O   1 
ATOM   926  C CB  . THR B 1 29  ? -13.741 0.860   4.247   1.00 17.03 ? 29  THR B CB  1 
ATOM   927  O OG1 . THR B 1 29  ? -14.192 2.052   3.592   1.00 13.94 ? 29  THR B OG1 1 
ATOM   928  C CG2 . THR B 1 29  ? -13.871 -0.333  3.291   1.00 13.71 ? 29  THR B CG2 1 
ATOM   929  N N   . ILE B 1 30  ? -13.129 -0.927  6.687   1.00 14.61 ? 30  ILE B N   1 
ATOM   930  C CA  . ILE B 1 30  ? -12.770 -2.216  7.266   1.00 16.14 ? 30  ILE B CA  1 
ATOM   931  C C   . ILE B 1 30  ? -13.763 -2.630  8.349   1.00 17.38 ? 30  ILE B C   1 
ATOM   932  O O   . ILE B 1 30  ? -14.166 -3.794  8.425   1.00 17.38 ? 30  ILE B O   1 
ATOM   933  C CB  . ILE B 1 30  ? -11.340 -2.171  7.876   1.00 19.53 ? 30  ILE B CB  1 
ATOM   934  C CG1 . ILE B 1 30  ? -10.309 -2.009  6.758   1.00 21.69 ? 30  ILE B CG1 1 
ATOM   935  C CG2 . ILE B 1 30  ? -11.066 -3.438  8.671   1.00 23.52 ? 30  ILE B CG2 1 
ATOM   936  C CD1 . ILE B 1 30  ? -8.875  -1.831  7.253   1.00 24.69 ? 30  ILE B CD1 1 
ATOM   937  N N   . LYS B 1 31  ? -14.158 -1.676  9.186   1.00 17.74 ? 31  LYS B N   1 
ATOM   938  C CA  . LYS B 1 31  ? -15.100 -1.960  10.260  1.00 18.98 ? 31  LYS B CA  1 
ATOM   939  C C   . LYS B 1 31  ? -16.417 -2.483  9.704   1.00 21.29 ? 31  LYS B C   1 
ATOM   940  O O   . LYS B 1 31  ? -16.931 -3.500  10.166  1.00 21.70 ? 31  LYS B O   1 
ATOM   941  C CB  . LYS B 1 31  ? -15.363 -0.706  11.089  1.00 22.93 ? 31  LYS B CB  1 
ATOM   942  C CG  . LYS B 1 31  ? -16.278 -0.943  12.282  1.00 27.54 ? 31  LYS B CG  1 
ATOM   943  C CD  . LYS B 1 31  ? -16.645 0.363   12.971  1.00 33.99 ? 31  LYS B CD  1 
ATOM   944  C CE  . LYS B 1 31  ? -17.537 0.114   14.177  1.00 37.33 ? 31  LYS B CE  1 
ATOM   945  N NZ  . LYS B 1 31  ? -16.869 -0.743  15.198  1.00 35.57 ? 31  LYS B NZ  1 
ATOM   946  N N   . PHE B 1 32  ? -16.971 -1.785  8.718   1.00 15.87 ? 32  PHE B N   1 
ATOM   947  C CA  . PHE B 1 32  ? -18.227 -2.225  8.128   1.00 18.80 ? 32  PHE B CA  1 
ATOM   948  C C   . PHE B 1 32  ? -18.098 -3.581  7.446   1.00 16.60 ? 32  PHE B C   1 
ATOM   949  O O   . PHE B 1 32  ? -18.940 -4.450  7.639   1.00 17.29 ? 32  PHE B O   1 
ATOM   950  C CB  . PHE B 1 32  ? -18.759 -1.192  7.130   1.00 16.44 ? 32  PHE B CB  1 
ATOM   951  C CG  . PHE B 1 32  ? -19.545 -0.086  7.771   1.00 16.08 ? 32  PHE B CG  1 
ATOM   952  C CD1 . PHE B 1 32  ? -18.905 0.921   8.482   1.00 17.00 ? 32  PHE B CD1 1 
ATOM   953  C CD2 . PHE B 1 32  ? -20.936 -0.086  7.715   1.00 16.52 ? 32  PHE B CD2 1 
ATOM   954  C CE1 . PHE B 1 32  ? -19.637 1.917   9.131   1.00 21.61 ? 32  PHE B CE1 1 
ATOM   955  C CE2 . PHE B 1 32  ? -21.680 0.903   8.358   1.00 17.51 ? 32  PHE B CE2 1 
ATOM   956  C CZ  . PHE B 1 32  ? -21.027 1.908   9.071   1.00 19.24 ? 32  PHE B CZ  1 
ATOM   957  N N   . VAL B 1 33  ? -17.045 -3.767  6.654   1.00 15.03 ? 33  VAL B N   1 
ATOM   958  C CA  . VAL B 1 33  ? -16.853 -5.037  5.966   1.00 16.59 ? 33  VAL B CA  1 
ATOM   959  C C   . VAL B 1 33  ? -16.651 -6.180  6.960   1.00 21.47 ? 33  VAL B C   1 
ATOM   960  O O   . VAL B 1 33  ? -17.134 -7.293  6.743   1.00 19.46 ? 33  VAL B O   1 
ATOM   961  C CB  . VAL B 1 33  ? -15.662 -4.962  4.987   1.00 20.53 ? 33  VAL B CB  1 
ATOM   962  C CG1 . VAL B 1 33  ? -15.343 -6.340  4.437   1.00 24.39 ? 33  VAL B CG1 1 
ATOM   963  C CG2 . VAL B 1 33  ? -16.015 -4.017  3.841   1.00 19.06 ? 33  VAL B CG2 1 
ATOM   964  N N   . LYS B 1 34  ? -15.948 -5.905  8.056   1.00 21.70 ? 34  LYS B N   1 
ATOM   965  C CA  . LYS B 1 34  ? -15.730 -6.928  9.076   1.00 23.07 ? 34  LYS B CA  1 
ATOM   966  C C   . LYS B 1 34  ? -17.069 -7.408  9.626   1.00 21.53 ? 34  LYS B C   1 
ATOM   967  O O   . LYS B 1 34  ? -17.218 -8.578  9.988   1.00 20.41 ? 34  LYS B O   1 
ATOM   968  C CB  . LYS B 1 34  ? -14.887 -6.383  10.231  1.00 27.44 ? 34  LYS B CB  1 
ATOM   969  C CG  . LYS B 1 34  ? -13.393 -6.364  9.972   1.00 33.82 ? 34  LYS B CG  1 
ATOM   970  C CD  . LYS B 1 34  ? -12.616 -6.026  11.245  1.00 44.21 ? 34  LYS B CD  1 
ATOM   971  C CE  . LYS B 1 34  ? -12.882 -7.044  12.355  1.00 46.42 ? 34  LYS B CE  1 
ATOM   972  N NZ  . LYS B 1 34  ? -12.083 -6.777  13.588  1.00 53.45 ? 34  LYS B NZ  1 
ATOM   973  N N   . HIS B 1 35  ? -18.036 -6.497  9.700   1.00 19.83 ? 35  HIS B N   1 
ATOM   974  C CA  . HIS B 1 35  ? -19.364 -6.833  10.204  1.00 19.44 ? 35  HIS B CA  1 
ATOM   975  C C   . HIS B 1 35  ? -20.262 -7.373  9.095   1.00 20.59 ? 35  HIS B C   1 
ATOM   976  O O   . HIS B 1 35  ? -21.459 -7.560  9.302   1.00 20.86 ? 35  HIS B O   1 
ATOM   977  C CB  . HIS B 1 35  ? -20.037 -5.614  10.846  1.00 21.28 ? 35  HIS B CB  1 
ATOM   978  C CG  . HIS B 1 35  ? -19.435 -5.205  12.158  1.00 24.26 ? 35  HIS B CG  1 
ATOM   979  N ND1 . HIS B 1 35  ? -18.249 -4.513  12.254  1.00 22.74 ? 35  HIS B ND1 1 
ATOM   980  C CD2 . HIS B 1 35  ? -19.867 -5.389  13.430  1.00 23.76 ? 35  HIS B CD2 1 
ATOM   981  C CE1 . HIS B 1 35  ? -17.975 -4.282  13.525  1.00 24.41 ? 35  HIS B CE1 1 
ATOM   982  N NE2 . HIS B 1 35  ? -18.941 -4.804  14.260  1.00 20.54 ? 35  HIS B NE2 1 
ATOM   983  N N   . GLY B 1 36  ? -19.681 -7.606  7.921   1.00 17.82 ? 36  GLY B N   1 
ATOM   984  C CA  . GLY B 1 36  ? -20.437 -8.142  6.799   1.00 20.74 ? 36  GLY B CA  1 
ATOM   985  C C   . GLY B 1 36  ? -21.338 -7.180  6.043   1.00 21.55 ? 36  GLY B C   1 
ATOM   986  O O   . GLY B 1 36  ? -22.168 -7.615  5.240   1.00 20.77 ? 36  GLY B O   1 
ATOM   987  N N   . GLU B 1 37  ? -21.192 -5.878  6.280   1.00 19.03 ? 37  GLU B N   1 
ATOM   988  C CA  . GLU B 1 37  ? -22.031 -4.902  5.588   1.00 15.63 ? 37  GLU B CA  1 
ATOM   989  C C   . GLU B 1 37  ? -21.323 -4.339  4.361   1.00 18.55 ? 37  GLU B C   1 
ATOM   990  O O   . GLU B 1 37  ? -20.092 -4.292  4.316   1.00 16.56 ? 37  GLU B O   1 
ATOM   991  C CB  . GLU B 1 37  ? -22.416 -3.753  6.532   1.00 17.86 ? 37  GLU B CB  1 
ATOM   992  C CG  . GLU B 1 37  ? -23.260 -4.179  7.742   1.00 21.32 ? 37  GLU B CG  1 
ATOM   993  C CD  . GLU B 1 37  ? -23.894 -2.997  8.469   1.00 26.47 ? 37  GLU B CD  1 
ATOM   994  O OE1 . GLU B 1 37  ? -23.578 -1.839  8.119   1.00 18.09 ? 37  GLU B OE1 1 
ATOM   995  O OE2 . GLU B 1 37  ? -24.705 -3.230  9.397   1.00 25.10 ? 37  GLU B OE2 1 
ATOM   996  N N   . GLY B 1 38  ? -22.099 -3.924  3.361   1.00 16.57 ? 38  GLY B N   1 
ATOM   997  C CA  . GLY B 1 38  ? -21.501 -3.348  2.165   1.00 16.50 ? 38  GLY B CA  1 
ATOM   998  C C   . GLY B 1 38  ? -21.741 -4.085  0.862   1.00 18.24 ? 38  GLY B C   1 
ATOM   999  O O   . GLY B 1 38  ? -21.912 -5.303  0.840   1.00 17.25 ? 38  GLY B O   1 
ATOM   1000 N N   . LYS B 1 39  ? -21.729 -3.333  -0.235  1.00 18.05 ? 39  LYS B N   1 
ATOM   1001 C CA  . LYS B 1 39  ? -21.951 -3.894  -1.561  1.00 19.54 ? 39  LYS B CA  1 
ATOM   1002 C C   . LYS B 1 39  ? -20.709 -3.841  -2.438  1.00 20.16 ? 39  LYS B C   1 
ATOM   1003 O O   . LYS B 1 39  ? -20.522 -4.687  -3.314  1.00 18.19 ? 39  LYS B O   1 
ATOM   1004 C CB  . LYS B 1 39  ? -23.068 -3.126  -2.270  1.00 22.39 ? 39  LYS B CB  1 
ATOM   1005 C CG  . LYS B 1 39  ? -24.419 -3.181  -1.582  1.00 25.50 ? 39  LYS B CG  1 
ATOM   1006 C CD  . LYS B 1 39  ? -25.469 -2.518  -2.451  1.00 29.56 ? 39  LYS B CD  1 
ATOM   1007 C CE  . LYS B 1 39  ? -26.872 -2.843  -1.981  1.00 34.23 ? 39  LYS B CE  1 
ATOM   1008 N NZ  . LYS B 1 39  ? -27.881 -2.384  -2.974  1.00 35.23 ? 39  LYS B NZ  1 
ATOM   1009 N N   . LEU B 1 40  ? -19.865 -2.840  -2.212  1.00 18.23 ? 40  LEU B N   1 
ATOM   1010 C CA  . LEU B 1 40  ? -18.664 -2.678  -3.024  1.00 16.07 ? 40  LEU B CA  1 
ATOM   1011 C C   . LEU B 1 40  ? -17.603 -1.822  -2.360  1.00 16.47 ? 40  LEU B C   1 
ATOM   1012 O O   . LEU B 1 40  ? -17.897 -0.760  -1.812  1.00 16.81 ? 40  LEU B O   1 
ATOM   1013 C CB  . LEU B 1 40  ? -19.025 -2.033  -4.368  1.00 17.83 ? 40  LEU B CB  1 
ATOM   1014 C CG  . LEU B 1 40  ? -17.828 -1.572  -5.215  1.00 18.44 ? 40  LEU B CG  1 
ATOM   1015 C CD1 . LEU B 1 40  ? -17.122 -2.776  -5.816  1.00 16.55 ? 40  LEU B CD1 1 
ATOM   1016 C CD2 . LEU B 1 40  ? -18.295 -0.629  -6.302  1.00 16.92 ? 40  LEU B CD2 1 
ATOM   1017 N N   . VAL B 1 41  ? -16.362 -2.288  -2.424  1.00 15.57 ? 41  VAL B N   1 
ATOM   1018 C CA  . VAL B 1 41  ? -15.240 -1.549  -1.865  1.00 14.18 ? 41  VAL B CA  1 
ATOM   1019 C C   . VAL B 1 41  ? -14.431 -0.933  -2.995  1.00 14.05 ? 41  VAL B C   1 
ATOM   1020 O O   . VAL B 1 41  ? -14.195 -1.580  -4.012  1.00 14.25 ? 41  VAL B O   1 
ATOM   1021 C CB  . VAL B 1 41  ? -14.275 -2.469  -1.082  1.00 17.05 ? 41  VAL B CB  1 
ATOM   1022 C CG1 . VAL B 1 41  ? -13.003 -1.688  -0.715  1.00 12.99 ? 41  VAL B CG1 1 
ATOM   1023 C CG2 . VAL B 1 41  ? -14.957 -3.012  0.173   1.00 15.14 ? 41  VAL B CG2 1 
ATOM   1024 N N   . VAL B 1 42  ? -14.026 0.324   -2.823  1.00 14.67 ? 42  VAL B N   1 
ATOM   1025 C CA  . VAL B 1 42  ? -13.170 0.997   -3.801  1.00 13.39 ? 42  VAL B CA  1 
ATOM   1026 C C   . VAL B 1 42  ? -11.932 1.453   -3.029  1.00 13.95 ? 42  VAL B C   1 
ATOM   1027 O O   . VAL B 1 42  ? -12.043 2.100   -1.985  1.00 12.73 ? 42  VAL B O   1 
ATOM   1028 C CB  . VAL B 1 42  ? -13.844 2.229   -4.435  1.00 17.14 ? 42  VAL B CB  1 
ATOM   1029 C CG1 . VAL B 1 42  ? -12.831 2.989   -5.289  1.00 21.25 ? 42  VAL B CG1 1 
ATOM   1030 C CG2 . VAL B 1 42  ? -15.015 1.791   -5.310  1.00 16.85 ? 42  VAL B CG2 1 
ATOM   1031 N N   . LEU B 1 43  ? -10.757 1.101   -3.536  1.00 14.25 ? 43  LEU B N   1 
ATOM   1032 C CA  . LEU B 1 43  ? -9.499  1.465   -2.885  1.00 13.76 ? 43  LEU B CA  1 
ATOM   1033 C C   . LEU B 1 43  ? -8.708  2.479   -3.705  1.00 14.39 ? 43  LEU B C   1 
ATOM   1034 O O   . LEU B 1 43  ? -8.697  2.412   -4.932  1.00 16.42 ? 43  LEU B O   1 
ATOM   1035 C CB  . LEU B 1 43  ? -8.631  0.219   -2.690  1.00 15.73 ? 43  LEU B CB  1 
ATOM   1036 C CG  . LEU B 1 43  ? -9.228  -0.942  -1.890  1.00 16.78 ? 43  LEU B CG  1 
ATOM   1037 C CD1 . LEU B 1 43  ? -8.246  -2.104  -1.872  1.00 20.20 ? 43  LEU B CD1 1 
ATOM   1038 C CD2 . LEU B 1 43  ? -9.531  -0.481  -0.476  1.00 19.41 ? 43  LEU B CD2 1 
ATOM   1039 N N   . ALA B 1 44  ? -8.050  3.413   -3.024  1.00 13.64 ? 44  ALA B N   1 
ATOM   1040 C CA  . ALA B 1 44  ? -7.224  4.409   -3.701  1.00 13.59 ? 44  ALA B CA  1 
ATOM   1041 C C   . ALA B 1 44  ? -5.912  3.709   -4.090  1.00 16.23 ? 44  ALA B C   1 
ATOM   1042 O O   . ALA B 1 44  ? -5.564  2.674   -3.523  1.00 16.56 ? 44  ALA B O   1 
ATOM   1043 C CB  . ALA B 1 44  ? -6.938  5.582   -2.764  1.00 14.61 ? 44  ALA B CB  1 
ATOM   1044 N N   . GLY B 1 45  ? -5.192  4.279   -5.050  1.00 14.13 ? 45  GLY B N   1 
ATOM   1045 C CA  . GLY B 1 45  ? -3.944  3.682   -5.496  1.00 17.24 ? 45  GLY B CA  1 
ATOM   1046 C C   . GLY B 1 45  ? -2.782  3.757   -4.519  1.00 19.73 ? 45  GLY B C   1 
ATOM   1047 O O   . GLY B 1 45  ? -1.822  3.001   -4.651  1.00 21.10 ? 45  GLY B O   1 
ATOM   1048 N N   . ASN B 1 46  ? -2.852  4.659   -3.542  1.00 19.23 ? 46  ASN B N   1 
ATOM   1049 C CA  . ASN B 1 46  ? -1.770  4.796   -2.571  1.00 18.29 ? 46  ASN B CA  1 
ATOM   1050 C C   . ASN B 1 46  ? -2.181  4.343   -1.180  1.00 18.94 ? 46  ASN B C   1 
ATOM   1051 O O   . ASN B 1 46  ? -1.633  4.797   -0.183  1.00 19.82 ? 46  ASN B O   1 
ATOM   1052 C CB  . ASN B 1 46  ? -1.253  6.247   -2.538  1.00 18.85 ? 46  ASN B CB  1 
ATOM   1053 C CG  . ASN B 1 46  ? -2.322  7.250   -2.150  1.00 23.56 ? 46  ASN B CG  1 
ATOM   1054 O OD1 . ASN B 1 46  ? -3.515  6.946   -2.159  1.00 21.21 ? 46  ASN B OD1 1 
ATOM   1055 N ND2 . ASN B 1 46  ? -1.895  8.466   -1.819  1.00 25.60 ? 46  ASN B ND2 1 
ATOM   1056 N N   . ILE B 1 47  ? -3.151  3.437   -1.115  1.00 17.83 ? 47  ILE B N   1 
ATOM   1057 C CA  . ILE B 1 47  ? -3.601  2.921   0.164   1.00 18.77 ? 47  ILE B CA  1 
ATOM   1058 C C   . ILE B 1 47  ? -2.481  2.068   0.768   1.00 21.27 ? 47  ILE B C   1 
ATOM   1059 O O   . ILE B 1 47  ? -1.812  1.311   0.054   1.00 16.73 ? 47  ILE B O   1 
ATOM   1060 C CB  . ILE B 1 47  ? -4.870  2.054   -0.002  1.00 19.11 ? 47  ILE B CB  1 
ATOM   1061 C CG1 . ILE B 1 47  ? -5.335  1.547   1.367   1.00 22.40 ? 47  ILE B CG1 1 
ATOM   1062 C CG2 . ILE B 1 47  ? -4.588  0.889   -0.945  1.00 16.07 ? 47  ILE B CG2 1 
ATOM   1063 C CD1 . ILE B 1 47  ? -6.633  0.766   1.325   1.00 22.52 ? 47  ILE B CD1 1 
ATOM   1064 N N   . PRO B 1 48  ? -2.237  2.207   2.083   1.00 20.61 ? 48  PRO B N   1 
ATOM   1065 C CA  . PRO B 1 48  ? -1.182  1.411   2.723   1.00 19.00 ? 48  PRO B CA  1 
ATOM   1066 C C   . PRO B 1 48  ? -1.445  -0.066  2.460   1.00 19.18 ? 48  PRO B C   1 
ATOM   1067 O O   . PRO B 1 48  ? -2.580  -0.537  2.572   1.00 19.06 ? 48  PRO B O   1 
ATOM   1068 C CB  . PRO B 1 48  ? -1.323  1.775   4.192   1.00 18.32 ? 48  PRO B CB  1 
ATOM   1069 C CG  . PRO B 1 48  ? -1.740  3.219   4.122   1.00 21.68 ? 48  PRO B CG  1 
ATOM   1070 C CD  . PRO B 1 48  ? -2.777  3.212   3.016   1.00 22.89 ? 48  PRO B CD  1 
ATOM   1071 N N   . LYS B 1 49  ? -0.390  -0.790  2.108   1.00 15.89 ? 49  LYS B N   1 
ATOM   1072 C CA  . LYS B 1 49  ? -0.482  -2.207  1.787   1.00 18.28 ? 49  LYS B CA  1 
ATOM   1073 C C   . LYS B 1 49  ? -1.176  -3.061  2.843   1.00 22.20 ? 49  LYS B C   1 
ATOM   1074 O O   . LYS B 1 49  ? -1.944  -3.966  2.507   1.00 18.81 ? 49  LYS B O   1 
ATOM   1075 C CB  . LYS B 1 49  ? 0.921   -2.761  1.527   1.00 20.20 ? 49  LYS B CB  1 
ATOM   1076 C CG  . LYS B 1 49  ? 0.962   -4.234  1.165   1.00 24.54 ? 49  LYS B CG  1 
ATOM   1077 C CD  . LYS B 1 49  ? 2.403   -4.738  1.147   1.00 28.64 ? 49  LYS B CD  1 
ATOM   1078 C CE  . LYS B 1 49  ? 2.468   -6.221  0.837   1.00 29.36 ? 49  LYS B CE  1 
ATOM   1079 N NZ  . LYS B 1 49  ? 1.846   -6.516  -0.489  1.00 39.89 ? 49  LYS B NZ  1 
ATOM   1080 N N   . ASP B 1 50  ? -0.901  -2.791  4.115   1.00 20.99 ? 50  ASP B N   1 
ATOM   1081 C CA  . ASP B 1 50  ? -1.511  -3.575  5.178   1.00 21.15 ? 50  ASP B CA  1 
ATOM   1082 C C   . ASP B 1 50  ? -3.023  -3.369  5.217   1.00 21.21 ? 50  ASP B C   1 
ATOM   1083 O O   . ASP B 1 50  ? -3.784  -4.331  5.354   1.00 18.85 ? 50  ASP B O   1 
ATOM   1084 C CB  . ASP B 1 50  ? -0.849  -3.249  6.530   1.00 20.37 ? 50  ASP B CB  1 
ATOM   1085 C CG  . ASP B 1 50  ? -1.010  -1.795  6.942   1.00 22.46 ? 50  ASP B CG  1 
ATOM   1086 O OD1 . ASP B 1 50  ? -1.067  -0.911  6.064   1.00 18.67 ? 50  ASP B OD1 1 
ATOM   1087 O OD2 . ASP B 1 50  ? -1.058  -1.537  8.162   1.00 26.20 ? 50  ASP B OD2 1 
ATOM   1088 N N   . LEU B 1 51  ? -3.464  -2.123  5.071   1.00 19.24 ? 51  LEU B N   1 
ATOM   1089 C CA  . LEU B 1 51  ? -4.893  -1.829  5.067   1.00 16.09 ? 51  LEU B CA  1 
ATOM   1090 C C   . LEU B 1 51  ? -5.535  -2.487  3.846   1.00 17.84 ? 51  LEU B C   1 
ATOM   1091 O O   . LEU B 1 51  ? -6.634  -3.035  3.928   1.00 17.37 ? 51  LEU B O   1 
ATOM   1092 C CB  . LEU B 1 51  ? -5.125  -0.313  5.044   1.00 19.10 ? 51  LEU B CB  1 
ATOM   1093 C CG  . LEU B 1 51  ? -4.712  0.433   6.315   1.00 21.21 ? 51  LEU B CG  1 
ATOM   1094 C CD1 . LEU B 1 51  ? -4.861  1.938   6.118   1.00 23.74 ? 51  LEU B CD1 1 
ATOM   1095 C CD2 . LEU B 1 51  ? -5.570  -0.038  7.475   1.00 27.08 ? 51  LEU B CD2 1 
ATOM   1096 N N   . GLU B 1 52  ? -4.835  -2.442  2.717   1.00 18.29 ? 52  GLU B N   1 
ATOM   1097 C CA  . GLU B 1 52  ? -5.326  -3.045  1.475   1.00 18.30 ? 52  GLU B CA  1 
ATOM   1098 C C   . GLU B 1 52  ? -5.594  -4.535  1.680   1.00 21.11 ? 52  GLU B C   1 
ATOM   1099 O O   . GLU B 1 52  ? -6.633  -5.065  1.273   1.00 19.19 ? 52  GLU B O   1 
ATOM   1100 C CB  . GLU B 1 52  ? -4.288  -2.885  0.360   1.00 22.21 ? 52  GLU B CB  1 
ATOM   1101 C CG  . GLU B 1 52  ? -4.734  -3.458  -0.980  1.00 22.23 ? 52  GLU B CG  1 
ATOM   1102 C CD  . GLU B 1 52  ? -3.570  -3.831  -1.880  1.00 30.77 ? 52  GLU B CD  1 
ATOM   1103 O OE1 . GLU B 1 52  ? -2.449  -3.326  -1.655  1.00 32.16 ? 52  GLU B OE1 1 
ATOM   1104 O OE2 . GLU B 1 52  ? -3.783  -4.624  -2.821  1.00 30.54 ? 52  GLU B OE2 1 
ATOM   1105 N N   . GLU B 1 53  ? -4.643  -5.213  2.315   1.00 21.16 ? 53  GLU B N   1 
ATOM   1106 C CA  . GLU B 1 53  ? -4.768  -6.640  2.562   1.00 20.97 ? 53  GLU B CA  1 
ATOM   1107 C C   . GLU B 1 53  ? -5.864  -6.930  3.572   1.00 18.30 ? 53  GLU B C   1 
ATOM   1108 O O   . GLU B 1 53  ? -6.603  -7.907  3.431   1.00 18.65 ? 53  GLU B O   1 
ATOM   1109 C CB  . GLU B 1 53  ? -3.427  -7.204  3.042   1.00 24.00 ? 53  GLU B CB  1 
ATOM   1110 C CG  . GLU B 1 53  ? -2.298  -6.940  2.057   1.00 30.32 ? 53  GLU B CG  1 
ATOM   1111 C CD  . GLU B 1 53  ? -0.951  -7.430  2.558   1.00 42.31 ? 53  GLU B CD  1 
ATOM   1112 O OE1 . GLU B 1 53  ? -0.592  -7.121  3.718   1.00 41.68 ? 53  GLU B OE1 1 
ATOM   1113 O OE2 . GLU B 1 53  ? -0.249  -8.115  1.785   1.00 43.12 ? 53  GLU B OE2 1 
ATOM   1114 N N   . ASP B 1 54  ? -5.985  -6.085  4.592   1.00 18.50 ? 54  ASP B N   1 
ATOM   1115 C CA  . ASP B 1 54  ? -7.030  -6.290  5.584   1.00 21.69 ? 54  ASP B CA  1 
ATOM   1116 C C   . ASP B 1 54  ? -8.403  -6.205  4.931   1.00 25.06 ? 54  ASP B C   1 
ATOM   1117 O O   . ASP B 1 54  ? -9.228  -7.113  5.078   1.00 24.11 ? 54  ASP B O   1 
ATOM   1118 C CB  . ASP B 1 54  ? -6.952  -5.246  6.703   1.00 21.94 ? 54  ASP B CB  1 
ATOM   1119 C CG  . ASP B 1 54  ? -5.801  -5.496  7.662   1.00 31.22 ? 54  ASP B CG  1 
ATOM   1120 O OD1 . ASP B 1 54  ? -5.222  -6.603  7.631   1.00 27.97 ? 54  ASP B OD1 1 
ATOM   1121 O OD2 . ASP B 1 54  ? -5.485  -4.584  8.457   1.00 34.03 ? 54  ASP B OD2 1 
ATOM   1122 N N   . VAL B 1 55  ? -8.650  -5.122  4.202   1.00 19.95 ? 55  VAL B N   1 
ATOM   1123 C CA  . VAL B 1 55  ? -9.950  -4.945  3.568   1.00 23.43 ? 55  VAL B CA  1 
ATOM   1124 C C   . VAL B 1 55  ? -10.278 -6.047  2.567   1.00 22.79 ? 55  VAL B C   1 
ATOM   1125 O O   . VAL B 1 55  ? -11.423 -6.488  2.487   1.00 21.06 ? 55  VAL B O   1 
ATOM   1126 C CB  . VAL B 1 55  ? -10.072 -3.563  2.870   1.00 24.81 ? 55  VAL B CB  1 
ATOM   1127 C CG1 . VAL B 1 55  ? -9.134  -3.478  1.690   1.00 28.15 ? 55  VAL B CG1 1 
ATOM   1128 C CG2 . VAL B 1 55  ? -11.513 -3.338  2.416   1.00 29.42 ? 55  VAL B CG2 1 
ATOM   1129 N N   . LYS B 1 56  ? -9.285  -6.497  1.808   1.00 22.86 ? 56  LYS B N   1 
ATOM   1130 C CA  . LYS B 1 56  ? -9.522  -7.548  0.826   1.00 25.26 ? 56  LYS B CA  1 
ATOM   1131 C C   . LYS B 1 56  ? -9.853  -8.868  1.510   1.00 25.35 ? 56  LYS B C   1 
ATOM   1132 O O   . LYS B 1 56  ? -10.661 -9.651  1.012   1.00 25.85 ? 56  LYS B O   1 
ATOM   1133 C CB  . LYS B 1 56  ? -8.302  -7.708  -0.087  1.00 26.89 ? 56  LYS B CB  1 
ATOM   1134 C CG  . LYS B 1 56  ? -8.041  -6.474  -0.934  1.00 30.92 ? 56  LYS B CG  1 
ATOM   1135 C CD  . LYS B 1 56  ? -6.785  -6.593  -1.786  1.00 36.01 ? 56  LYS B CD  1 
ATOM   1136 C CE  . LYS B 1 56  ? -6.977  -7.542  -2.951  1.00 44.12 ? 56  LYS B CE  1 
ATOM   1137 N NZ  . LYS B 1 56  ? -5.825  -7.470  -3.899  1.00 51.28 ? 56  LYS B NZ  1 
ATOM   1138 N N   . TYR B 1 57  ? -9.229  -9.107  2.658   1.00 25.13 ? 57  TYR B N   1 
ATOM   1139 C CA  . TYR B 1 57  ? -9.470  -10.326 3.420   1.00 23.99 ? 57  TYR B CA  1 
ATOM   1140 C C   . TYR B 1 57  ? -10.914 -10.364 3.924   1.00 24.29 ? 57  TYR B C   1 
ATOM   1141 O O   . TYR B 1 57  ? -11.642 -11.330 3.687   1.00 20.83 ? 57  TYR B O   1 
ATOM   1142 C CB  . TYR B 1 57  ? -8.511  -10.403 4.608   1.00 28.28 ? 57  TYR B CB  1 
ATOM   1143 C CG  . TYR B 1 57  ? -8.831  -11.529 5.561   1.00 29.80 ? 57  TYR B CG  1 
ATOM   1144 C CD1 . TYR B 1 57  ? -8.559  -12.854 5.219   1.00 31.90 ? 57  TYR B CD1 1 
ATOM   1145 C CD2 . TYR B 1 57  ? -9.438  -11.274 6.790   1.00 31.69 ? 57  TYR B CD2 1 
ATOM   1146 C CE1 . TYR B 1 57  ? -8.888  -13.899 6.077   1.00 36.22 ? 57  TYR B CE1 1 
ATOM   1147 C CE2 . TYR B 1 57  ? -9.772  -12.312 7.656   1.00 36.31 ? 57  TYR B CE2 1 
ATOM   1148 C CZ  . TYR B 1 57  ? -9.494  -13.621 7.293   1.00 35.73 ? 57  TYR B CZ  1 
ATOM   1149 O OH  . TYR B 1 57  ? -9.826  -14.652 8.141   1.00 39.72 ? 57  TYR B OH  1 
ATOM   1150 N N   . TYR B 1 58  ? -11.328 -9.310  4.620   1.00 19.28 ? 58  TYR B N   1 
ATOM   1151 C CA  . TYR B 1 58  ? -12.689 -9.245  5.140   1.00 21.79 ? 58  TYR B CA  1 
ATOM   1152 C C   . TYR B 1 58  ? -13.749 -9.164  4.037   1.00 23.56 ? 58  TYR B C   1 
ATOM   1153 O O   . TYR B 1 58  ? -14.826 -9.753  4.160   1.00 22.77 ? 58  TYR B O   1 
ATOM   1154 C CB  . TYR B 1 58  ? -12.828 -8.060  6.096   1.00 26.89 ? 58  TYR B CB  1 
ATOM   1155 C CG  . TYR B 1 58  ? -12.071 -8.258  7.388   1.00 28.66 ? 58  TYR B CG  1 
ATOM   1156 C CD1 . TYR B 1 58  ? -12.399 -9.302  8.253   1.00 35.72 ? 58  TYR B CD1 1 
ATOM   1157 C CD2 . TYR B 1 58  ? -11.014 -7.420  7.737   1.00 33.91 ? 58  TYR B CD2 1 
ATOM   1158 C CE1 . TYR B 1 58  ? -11.691 -9.508  9.435   1.00 40.29 ? 58  TYR B CE1 1 
ATOM   1159 C CE2 . TYR B 1 58  ? -10.298 -7.616  8.920   1.00 38.71 ? 58  TYR B CE2 1 
ATOM   1160 C CZ  . TYR B 1 58  ? -10.643 -8.662  9.762   1.00 40.16 ? 58  TYR B CZ  1 
ATOM   1161 O OH  . TYR B 1 58  ? -9.943  -8.862  10.932  1.00 44.98 ? 58  TYR B OH  1 
ATOM   1162 N N   . ALA B 1 59  ? -13.455 -8.438  2.962   1.00 20.01 ? 59  ALA B N   1 
ATOM   1163 C CA  . ALA B 1 59  ? -14.410 -8.327  1.861   1.00 20.74 ? 59  ALA B CA  1 
ATOM   1164 C C   . ALA B 1 59  ? -14.651 -9.730  1.309   1.00 21.87 ? 59  ALA B C   1 
ATOM   1165 O O   . ALA B 1 59  ? -15.792 -10.153 1.107   1.00 25.49 ? 59  ALA B O   1 
ATOM   1166 C CB  . ALA B 1 59  ? -13.858 -7.407  0.763   1.00 20.90 ? 59  ALA B CB  1 
ATOM   1167 N N   . LYS B 1 60  ? -13.559 -10.450 1.080   1.00 25.92 ? 60  LYS B N   1 
ATOM   1168 C CA  . LYS B 1 60  ? -13.612 -11.812 0.564   1.00 28.60 ? 60  LYS B CA  1 
ATOM   1169 C C   . LYS B 1 60  ? -14.488 -12.709 1.444   1.00 25.71 ? 60  LYS B C   1 
ATOM   1170 O O   . LYS B 1 60  ? -15.264 -13.512 0.934   1.00 26.45 ? 60  LYS B O   1 
ATOM   1171 C CB  . LYS B 1 60  ? -12.186 -12.376 0.477   1.00 33.07 ? 60  LYS B CB  1 
ATOM   1172 C CG  . LYS B 1 60  ? -12.080 -13.831 0.052   1.00 43.45 ? 60  LYS B CG  1 
ATOM   1173 C CD  . LYS B 1 60  ? -12.671 -14.073 -1.328  1.00 52.54 ? 60  LYS B CD  1 
ATOM   1174 C CE  . LYS B 1 60  ? -12.613 -15.552 -1.696  1.00 58.64 ? 60  LYS B CE  1 
ATOM   1175 N NZ  . LYS B 1 60  ? -13.487 -15.874 -2.863  1.00 64.35 ? 60  LYS B NZ  1 
ATOM   1176 N N   . LEU B 1 61  ? -14.370 -12.562 2.760   1.00 26.34 ? 61  LEU B N   1 
ATOM   1177 C CA  . LEU B 1 61  ? -15.152 -13.373 3.691   1.00 28.01 ? 61  LEU B CA  1 
ATOM   1178 C C   . LEU B 1 61  ? -16.659 -13.179 3.559   1.00 32.63 ? 61  LEU B C   1 
ATOM   1179 O O   . LEU B 1 61  ? -17.429 -14.113 3.787   1.00 33.93 ? 61  LEU B O   1 
ATOM   1180 C CB  . LEU B 1 61  ? -14.730 -13.087 5.135   1.00 29.91 ? 61  LEU B CB  1 
ATOM   1181 C CG  . LEU B 1 61  ? -13.318 -13.512 5.544   1.00 29.25 ? 61  LEU B CG  1 
ATOM   1182 C CD1 . LEU B 1 61  ? -13.042 -13.041 6.963   1.00 31.21 ? 61  LEU B CD1 1 
ATOM   1183 C CD2 . LEU B 1 61  ? -13.180 -15.030 5.444   1.00 32.49 ? 61  LEU B CD2 1 
ATOM   1184 N N   . SER B 1 62  ? -17.084 -11.972 3.198   1.00 29.97 ? 62  SER B N   1 
ATOM   1185 C CA  . SER B 1 62  ? -18.508 -11.688 3.040   1.00 27.17 ? 62  SER B CA  1 
ATOM   1186 C C   . SER B 1 62  ? -18.886 -11.570 1.569   1.00 25.60 ? 62  SER B C   1 
ATOM   1187 O O   . SER B 1 62  ? -19.972 -11.094 1.234   1.00 22.69 ? 62  SER B O   1 
ATOM   1188 C CB  . SER B 1 62  ? -18.881 -10.396 3.775   1.00 28.60 ? 62  SER B CB  1 
ATOM   1189 O OG  . SER B 1 62  ? -18.624 -10.505 5.165   1.00 31.81 ? 62  SER B OG  1 
ATOM   1190 N N   . ASN B 1 63  ? -17.981 -12.002 0.696   1.00 23.78 ? 63  ASN B N   1 
ATOM   1191 C CA  . ASN B 1 63  ? -18.200 -11.957 -0.744  1.00 26.44 ? 63  ASN B CA  1 
ATOM   1192 C C   . ASN B 1 63  ? -18.565 -10.566 -1.250  1.00 28.46 ? 63  ASN B C   1 
ATOM   1193 O O   . ASN B 1 63  ? -19.510 -10.402 -2.016  1.00 24.74 ? 63  ASN B O   1 
ATOM   1194 C CB  . ASN B 1 63  ? -19.287 -12.957 -1.146  1.00 34.79 ? 63  ASN B CB  1 
ATOM   1195 C CG  . ASN B 1 63  ? -18.840 -14.398 -0.991  1.00 42.34 ? 63  ASN B CG  1 
ATOM   1196 O OD1 . ASN B 1 63  ? -17.854 -14.819 -1.595  1.00 47.82 ? 63  ASN B OD1 1 
ATOM   1197 N ND2 . ASN B 1 63  ? -19.562 -15.163 -0.181  1.00 47.69 ? 63  ASN B ND2 1 
ATOM   1198 N N   . ILE B 1 64  ? -17.810 -9.566  -0.807  1.00 24.23 ? 64  ILE B N   1 
ATOM   1199 C CA  . ILE B 1 64  ? -18.035 -8.191  -1.230  1.00 20.66 ? 64  ILE B CA  1 
ATOM   1200 C C   . ILE B 1 64  ? -16.939 -7.870  -2.237  1.00 18.85 ? 64  ILE B C   1 
ATOM   1201 O O   . ILE B 1 64  ? -15.756 -8.002  -1.929  1.00 16.89 ? 64  ILE B O   1 
ATOM   1202 C CB  . ILE B 1 64  ? -17.936 -7.219  -0.027  1.00 19.81 ? 64  ILE B CB  1 
ATOM   1203 C CG1 . ILE B 1 64  ? -19.062 -7.522  0.969   1.00 20.11 ? 64  ILE B CG1 1 
ATOM   1204 C CG2 . ILE B 1 64  ? -17.998 -5.768  -0.511  1.00 22.10 ? 64  ILE B CG2 1 
ATOM   1205 C CD1 . ILE B 1 64  ? -18.933 -6.806  2.313   1.00 16.26 ? 64  ILE B CD1 1 
ATOM   1206 N N   . PRO B 1 65  ? -17.313 -7.460  -3.459  1.00 20.14 ? 65  PRO B N   1 
ATOM   1207 C CA  . PRO B 1 65  ? -16.292 -7.138  -4.461  1.00 21.00 ? 65  PRO B CA  1 
ATOM   1208 C C   . PRO B 1 65  ? -15.446 -5.930  -4.067  1.00 20.90 ? 65  PRO B C   1 
ATOM   1209 O O   . PRO B 1 65  ? -15.901 -5.041  -3.337  1.00 17.30 ? 65  PRO B O   1 
ATOM   1210 C CB  . PRO B 1 65  ? -17.112 -6.891  -5.730  1.00 22.45 ? 65  PRO B CB  1 
ATOM   1211 C CG  . PRO B 1 65  ? -18.408 -6.361  -5.191  1.00 24.72 ? 65  PRO B CG  1 
ATOM   1212 C CD  . PRO B 1 65  ? -18.668 -7.272  -4.011  1.00 20.72 ? 65  PRO B CD  1 
ATOM   1213 N N   . VAL B 1 66  ? -14.207 -5.922  -4.549  1.00 17.57 ? 66  VAL B N   1 
ATOM   1214 C CA  . VAL B 1 66  ? -13.273 -4.838  -4.275  1.00 17.04 ? 66  VAL B CA  1 
ATOM   1215 C C   . VAL B 1 66  ? -12.727 -4.301  -5.590  1.00 18.97 ? 66  VAL B C   1 
ATOM   1216 O O   . VAL B 1 66  ? -12.195 -5.052  -6.402  1.00 18.68 ? 66  VAL B O   1 
ATOM   1217 C CB  . VAL B 1 66  ? -12.074 -5.315  -3.421  1.00 18.92 ? 66  VAL B CB  1 
ATOM   1218 C CG1 . VAL B 1 66  ? -11.100 -4.159  -3.198  1.00 20.95 ? 66  VAL B CG1 1 
ATOM   1219 C CG2 . VAL B 1 66  ? -12.560 -5.863  -2.083  1.00 17.13 ? 66  VAL B CG2 1 
ATOM   1220 N N   . TYR B 1 67  ? -12.868 -2.999  -5.804  1.00 16.03 ? 67  TYR B N   1 
ATOM   1221 C CA  . TYR B 1 67  ? -12.350 -2.382  -7.016  1.00 15.24 ? 67  TYR B CA  1 
ATOM   1222 C C   . TYR B 1 67  ? -11.106 -1.589  -6.631  1.00 16.45 ? 67  TYR B C   1 
ATOM   1223 O O   . TYR B 1 67  ? -11.164 -0.712  -5.772  1.00 14.29 ? 67  TYR B O   1 
ATOM   1224 C CB  . TYR B 1 67  ? -13.384 -1.436  -7.628  1.00 15.49 ? 67  TYR B CB  1 
ATOM   1225 C CG  . TYR B 1 67  ? -12.883 -0.719  -8.871  1.00 21.74 ? 67  TYR B CG  1 
ATOM   1226 C CD1 . TYR B 1 67  ? -12.788 -1.384  -10.093 1.00 24.53 ? 67  TYR B CD1 1 
ATOM   1227 C CD2 . TYR B 1 67  ? -12.467 0.611   -8.814  1.00 23.03 ? 67  TYR B CD2 1 
ATOM   1228 C CE1 . TYR B 1 67  ? -12.290 -0.744  -11.230 1.00 24.63 ? 67  TYR B CE1 1 
ATOM   1229 C CE2 . TYR B 1 67  ? -11.965 1.264   -9.948  1.00 25.13 ? 67  TYR B CE2 1 
ATOM   1230 C CZ  . TYR B 1 67  ? -11.878 0.578   -11.149 1.00 28.11 ? 67  TYR B CZ  1 
ATOM   1231 O OH  . TYR B 1 67  ? -11.361 1.206   -12.263 1.00 28.41 ? 67  TYR B OH  1 
ATOM   1232 N N   . GLN B 1 68  ? -9.981  -1.904  -7.258  1.00 15.73 ? 68  GLN B N   1 
ATOM   1233 C CA  . GLN B 1 68  ? -8.741  -1.191  -6.977  1.00 18.04 ? 68  GLN B CA  1 
ATOM   1234 C C   . GLN B 1 68  ? -8.650  -0.040  -7.964  1.00 20.01 ? 68  GLN B C   1 
ATOM   1235 O O   . GLN B 1 68  ? -8.544  -0.265  -9.170  1.00 18.87 ? 68  GLN B O   1 
ATOM   1236 C CB  . GLN B 1 68  ? -7.528  -2.112  -7.145  1.00 20.63 ? 68  GLN B CB  1 
ATOM   1237 C CG  . GLN B 1 68  ? -6.186  -1.423  -6.885  1.00 23.31 ? 68  GLN B CG  1 
ATOM   1238 C CD  . GLN B 1 68  ? -6.028  -0.956  -5.447  1.00 24.26 ? 68  GLN B CD  1 
ATOM   1239 O OE1 . GLN B 1 68  ? -5.998  -1.767  -4.525  1.00 24.02 ? 68  GLN B OE1 1 
ATOM   1240 N NE2 . GLN B 1 68  ? -5.924  0.356   -5.252  1.00 20.22 ? 68  GLN B NE2 1 
ATOM   1241 N N   . HIS B 1 69  ? -8.706  1.187   -7.459  1.00 18.31 ? 69  HIS B N   1 
ATOM   1242 C CA  . HIS B 1 69  ? -8.623  2.352   -8.325  1.00 19.20 ? 69  HIS B CA  1 
ATOM   1243 C C   . HIS B 1 69  ? -7.150  2.717   -8.476  1.00 21.40 ? 69  HIS B C   1 
ATOM   1244 O O   . HIS B 1 69  ? -6.298  2.190   -7.752  1.00 19.21 ? 69  HIS B O   1 
ATOM   1245 C CB  . HIS B 1 69  ? -9.398  3.526   -7.713  1.00 18.49 ? 69  HIS B CB  1 
ATOM   1246 C CG  . HIS B 1 69  ? -9.931  4.499   -8.723  1.00 21.99 ? 69  HIS B CG  1 
ATOM   1247 N ND1 . HIS B 1 69  ? -9.274  4.793   -9.898  1.00 20.91 ? 69  HIS B ND1 1 
ATOM   1248 C CD2 . HIS B 1 69  ? -11.046 5.267   -8.714  1.00 19.36 ? 69  HIS B CD2 1 
ATOM   1249 C CE1 . HIS B 1 69  ? -9.964  5.699   -10.571 1.00 23.69 ? 69  HIS B CE1 1 
ATOM   1250 N NE2 . HIS B 1 69  ? -11.043 6.003   -9.874  1.00 22.09 ? 69  HIS B NE2 1 
ATOM   1251 N N   . LYS B 1 70  ? -6.851  3.610   -9.414  1.00 20.17 ? 70  LYS B N   1 
ATOM   1252 C CA  . LYS B 1 70  ? -5.479  4.039   -9.642  1.00 21.16 ? 70  LYS B CA  1 
ATOM   1253 C C   . LYS B 1 70  ? -5.231  5.438   -9.093  1.00 21.08 ? 70  LYS B C   1 
ATOM   1254 O O   . LYS B 1 70  ? -4.086  5.823   -8.862  1.00 23.03 ? 70  LYS B O   1 
ATOM   1255 C CB  . LYS B 1 70  ? -5.153  4.032   -11.138 1.00 26.16 ? 70  LYS B CB  1 
ATOM   1256 C CG  . LYS B 1 70  ? -6.155  4.817   -11.968 1.00 33.11 ? 70  LYS B CG  1 
ATOM   1257 C CD  . LYS B 1 70  ? -5.683  5.063   -13.392 1.00 40.85 ? 70  LYS B CD  1 
ATOM   1258 C CE  . LYS B 1 70  ? -6.802  5.705   -14.193 1.00 46.37 ? 70  LYS B CE  1 
ATOM   1259 N NZ  . LYS B 1 70  ? -7.223  6.986   -13.556 1.00 46.30 ? 70  LYS B NZ  1 
ATOM   1260 N N   . ILE B 1 71  ? -6.294  6.205   -8.876  1.00 17.18 ? 71  ILE B N   1 
ATOM   1261 C CA  . ILE B 1 71  ? -6.108  7.565   -8.370  1.00 16.19 ? 71  ILE B CA  1 
ATOM   1262 C C   . ILE B 1 71  ? -5.703  7.580   -6.895  1.00 15.65 ? 71  ILE B C   1 
ATOM   1263 O O   . ILE B 1 71  ? -5.961  6.627   -6.165  1.00 18.82 ? 71  ILE B O   1 
ATOM   1264 C CB  . ILE B 1 71  ? -7.377  8.421   -8.590  1.00 16.93 ? 71  ILE B CB  1 
ATOM   1265 C CG1 . ILE B 1 71  ? -8.550  7.876   -7.772  1.00 13.49 ? 71  ILE B CG1 1 
ATOM   1266 C CG2 . ILE B 1 71  ? -7.721  8.436   -10.078 1.00 20.50 ? 71  ILE B CG2 1 
ATOM   1267 C CD1 . ILE B 1 71  ? -9.813  8.727   -7.884  1.00 15.08 ? 71  ILE B CD1 1 
ATOM   1268 N N   . THR B 1 72  ? -5.058  8.664   -6.464  1.00 18.59 ? 72  THR B N   1 
ATOM   1269 C CA  . THR B 1 72  ? -4.597  8.778   -5.080  1.00 12.98 ? 72  THR B CA  1 
ATOM   1270 C C   . THR B 1 72  ? -5.731  9.003   -4.085  1.00 16.84 ? 72  THR B C   1 
ATOM   1271 O O   . THR B 1 72  ? -6.851  9.335   -4.465  1.00 14.73 ? 72  THR B O   1 
ATOM   1272 C CB  . THR B 1 72  ? -3.587  9.942   -4.907  1.00 21.00 ? 72  THR B CB  1 
ATOM   1273 O OG1 . THR B 1 72  ? -4.281  11.190  -4.980  1.00 17.36 ? 72  THR B OG1 1 
ATOM   1274 C CG2 . THR B 1 72  ? -2.518  9.896   -5.987  1.00 20.41 ? 72  THR B CG2 1 
ATOM   1275 N N   . SER B 1 73  ? -5.431  8.829   -2.803  1.00 15.21 ? 73  SER B N   1 
ATOM   1276 C CA  . SER B 1 73  ? -6.445  9.027   -1.772  1.00 14.29 ? 73  SER B CA  1 
ATOM   1277 C C   . SER B 1 73  ? -6.966  10.470  -1.759  1.00 17.38 ? 73  SER B C   1 
ATOM   1278 O O   . SER B 1 73  ? -8.151  10.696  -1.503  1.00 14.16 ? 73  SER B O   1 
ATOM   1279 C CB  . SER B 1 73  ? -5.888  8.636   -0.399  1.00 18.83 ? 73  SER B CB  1 
ATOM   1280 O OG  . SER B 1 73  ? -4.725  9.371   -0.089  1.00 29.13 ? 73  SER B OG  1 
ATOM   1281 N N   . LEU B 1 74  ? -6.112  11.454  -2.048  1.00 15.35 ? 74  LEU B N   1 
ATOM   1282 C CA  . LEU B 1 74  ? -6.605  12.833  -2.062  1.00 17.67 ? 74  LEU B CA  1 
ATOM   1283 C C   . LEU B 1 74  ? -7.489  13.017  -3.293  1.00 16.57 ? 74  LEU B C   1 
ATOM   1284 O O   . LEU B 1 74  ? -8.505  13.712  -3.238  1.00 20.69 ? 74  LEU B O   1 
ATOM   1285 C CB  . LEU B 1 74  ? -5.452  13.848  -2.065  1.00 15.89 ? 74  LEU B CB  1 
ATOM   1286 C CG  . LEU B 1 74  ? -5.833  15.281  -1.662  1.00 19.83 ? 74  LEU B CG  1 
ATOM   1287 C CD1 . LEU B 1 74  ? -6.474  15.291  -0.285  1.00 18.20 ? 74  LEU B CD1 1 
ATOM   1288 C CD2 . LEU B 1 74  ? -4.586  16.164  -1.660  1.00 19.50 ? 74  LEU B CD2 1 
ATOM   1289 N N   . GLU B 1 75  ? -7.113  12.383  -4.402  1.00 14.75 ? 75  GLU B N   1 
ATOM   1290 C CA  . GLU B 1 75  ? -7.910  12.461  -5.624  1.00 13.80 ? 75  GLU B CA  1 
ATOM   1291 C C   . GLU B 1 75  ? -9.274  11.797  -5.408  1.00 18.19 ? 75  GLU B C   1 
ATOM   1292 O O   . GLU B 1 75  ? -10.299 12.308  -5.858  1.00 15.65 ? 75  GLU B O   1 
ATOM   1293 C CB  . GLU B 1 75  ? -7.210  11.748  -6.778  1.00 14.95 ? 75  GLU B CB  1 
ATOM   1294 C CG  . GLU B 1 75  ? -6.132  12.548  -7.503  1.00 18.06 ? 75  GLU B CG  1 
ATOM   1295 C CD  . GLU B 1 75  ? -5.581  11.792  -8.700  1.00 19.08 ? 75  GLU B CD  1 
ATOM   1296 O OE1 . GLU B 1 75  ? -4.899  10.762  -8.505  1.00 17.68 ? 75  GLU B OE1 1 
ATOM   1297 O OE2 . GLU B 1 75  ? -5.841  12.221  -9.840  1.00 20.32 ? 75  GLU B OE2 1 
ATOM   1298 N N   . LEU B 1 76  ? -9.283  10.651  -4.728  1.00 13.46 ? 76  LEU B N   1 
ATOM   1299 C CA  . LEU B 1 76  ? -10.537 9.935   -4.491  1.00 15.70 ? 76  LEU B CA  1 
ATOM   1300 C C   . LEU B 1 76  ? -11.431 10.775  -3.588  1.00 16.97 ? 76  LEU B C   1 
ATOM   1301 O O   . LEU B 1 76  ? -12.645 10.836  -3.778  1.00 17.81 ? 76  LEU B O   1 
ATOM   1302 C CB  . LEU B 1 76  ? -10.268 8.561   -3.860  1.00 13.44 ? 76  LEU B CB  1 
ATOM   1303 C CG  . LEU B 1 76  ? -11.507 7.687   -3.616  1.00 15.74 ? 76  LEU B CG  1 
ATOM   1304 C CD1 . LEU B 1 76  ? -12.310 7.535   -4.913  1.00 12.62 ? 76  LEU B CD1 1 
ATOM   1305 C CD2 . LEU B 1 76  ? -11.070 6.315   -3.090  1.00 14.96 ? 76  LEU B CD2 1 
ATOM   1306 N N   . GLY B 1 77  ? -10.820 11.432  -2.609  1.00 17.92 ? 77  GLY B N   1 
ATOM   1307 C CA  . GLY B 1 77  ? -11.585 12.290  -1.729  1.00 18.64 ? 77  GLY B CA  1 
ATOM   1308 C C   . GLY B 1 77  ? -12.273 13.349  -2.573  1.00 18.14 ? 77  GLY B C   1 
ATOM   1309 O O   . GLY B 1 77  ? -13.466 13.595  -2.415  1.00 20.41 ? 77  GLY B O   1 
ATOM   1310 N N   . ALA B 1 78  ? -11.527 13.972  -3.481  1.00 19.06 ? 78  ALA B N   1 
ATOM   1311 C CA  . ALA B 1 78  ? -12.095 15.007  -4.349  1.00 19.41 ? 78  ALA B CA  1 
ATOM   1312 C C   . ALA B 1 78  ? -13.234 14.451  -5.207  1.00 21.69 ? 78  ALA B C   1 
ATOM   1313 O O   . ALA B 1 78  ? -14.245 15.121  -5.413  1.00 22.21 ? 78  ALA B O   1 
ATOM   1314 C CB  . ALA B 1 78  ? -11.009 15.604  -5.239  1.00 21.32 ? 78  ALA B CB  1 
ATOM   1315 N N   . VAL B 1 79  ? -13.069 13.233  -5.717  1.00 21.33 ? 79  VAL B N   1 
ATOM   1316 C CA  . VAL B 1 79  ? -14.112 12.612  -6.528  1.00 18.94 ? 79  VAL B CA  1 
ATOM   1317 C C   . VAL B 1 79  ? -15.398 12.515  -5.708  1.00 22.37 ? 79  VAL B C   1 
ATOM   1318 O O   . VAL B 1 79  ? -16.501 12.687  -6.234  1.00 19.81 ? 79  VAL B O   1 
ATOM   1319 C CB  . VAL B 1 79  ? -13.710 11.183  -6.988  1.00 23.37 ? 79  VAL B CB  1 
ATOM   1320 C CG1 . VAL B 1 79  ? -14.944 10.418  -7.478  1.00 19.50 ? 79  VAL B CG1 1 
ATOM   1321 C CG2 . VAL B 1 79  ? -12.680 11.267  -8.106  1.00 19.96 ? 79  VAL B CG2 1 
ATOM   1322 N N   . CYS B 1 80  ? -15.245 12.239  -4.417  1.00 19.95 ? 80  CYS B N   1 
ATOM   1323 C CA  . CYS B 1 80  ? -16.390 12.113  -3.515  1.00 21.54 ? 80  CYS B CA  1 
ATOM   1324 C C   . CYS B 1 80  ? -16.907 13.479  -3.090  1.00 22.83 ? 80  CYS B C   1 
ATOM   1325 O O   . CYS B 1 80  ? -17.885 13.578  -2.348  1.00 24.55 ? 80  CYS B O   1 
ATOM   1326 C CB  . CYS B 1 80  ? -15.996 11.304  -2.276  1.00 20.71 ? 80  CYS B CB  1 
ATOM   1327 S SG  . CYS B 1 80  ? -15.607 9.574   -2.632  1.00 21.01 ? 80  CYS B SG  1 
ATOM   1328 N N   . GLY B 1 81  ? -16.241 14.527  -3.567  1.00 24.62 ? 81  GLY B N   1 
ATOM   1329 C CA  . GLY B 1 81  ? -16.629 15.888  -3.237  1.00 27.77 ? 81  GLY B CA  1 
ATOM   1330 C C   . GLY B 1 81  ? -16.094 16.349  -1.894  1.00 27.26 ? 81  GLY B C   1 
ATOM   1331 O O   . GLY B 1 81  ? -16.630 17.277  -1.294  1.00 29.53 ? 81  GLY B O   1 
ATOM   1332 N N   . LYS B 1 82  ? -15.020 15.718  -1.430  1.00 25.46 ? 82  LYS B N   1 
ATOM   1333 C CA  . LYS B 1 82  ? -14.439 16.060  -0.137  1.00 25.46 ? 82  LYS B CA  1 
ATOM   1334 C C   . LYS B 1 82  ? -13.046 16.671  -0.253  1.00 25.07 ? 82  LYS B C   1 
ATOM   1335 O O   . LYS B 1 82  ? -12.301 16.363  -1.179  1.00 26.48 ? 82  LYS B O   1 
ATOM   1336 C CB  . LYS B 1 82  ? -14.366 14.808  0.740   1.00 23.47 ? 82  LYS B CB  1 
ATOM   1337 C CG  . LYS B 1 82  ? -15.691 14.068  0.892   1.00 25.62 ? 82  LYS B CG  1 
ATOM   1338 C CD  . LYS B 1 82  ? -16.741 14.942  1.562   1.00 31.67 ? 82  LYS B CD  1 
ATOM   1339 C CE  . LYS B 1 82  ? -18.053 14.195  1.742   1.00 34.22 ? 82  LYS B CE  1 
ATOM   1340 N NZ  . LYS B 1 82  ? -18.610 13.746  0.437   1.00 42.15 ? 82  LYS B NZ  1 
ATOM   1341 N N   . PRO B 1 83  ? -12.684 17.559  0.689   1.00 27.09 ? 83  PRO B N   1 
ATOM   1342 C CA  . PRO B 1 83  ? -11.364 18.197  0.671   1.00 27.76 ? 83  PRO B CA  1 
ATOM   1343 C C   . PRO B 1 83  ? -10.313 17.366  1.409   1.00 26.94 ? 83  PRO B C   1 
ATOM   1344 O O   . PRO B 1 83  ? -9.143  17.750  1.489   1.00 27.08 ? 83  PRO B O   1 
ATOM   1345 C CB  . PRO B 1 83  ? -11.630 19.532  1.356   1.00 29.35 ? 83  PRO B CB  1 
ATOM   1346 C CG  . PRO B 1 83  ? -12.633 19.150  2.403   1.00 27.69 ? 83  PRO B CG  1 
ATOM   1347 C CD  . PRO B 1 83  ? -13.586 18.251  1.630   1.00 29.11 ? 83  PRO B CD  1 
ATOM   1348 N N   . PHE B 1 84  ? -10.736 16.224  1.951   1.00 25.76 ? 84  PHE B N   1 
ATOM   1349 C CA  . PHE B 1 84  ? -9.827  15.344  2.681   1.00 24.31 ? 84  PHE B CA  1 
ATOM   1350 C C   . PHE B 1 84  ? -9.585  14.033  1.930   1.00 21.73 ? 84  PHE B C   1 
ATOM   1351 O O   . PHE B 1 84  ? -10.375 13.645  1.074   1.00 24.07 ? 84  PHE B O   1 
ATOM   1352 C CB  . PHE B 1 84  ? -10.373 15.059  4.092   1.00 23.21 ? 84  PHE B CB  1 
ATOM   1353 C CG  . PHE B 1 84  ? -11.770 14.496  4.112   1.00 23.34 ? 84  PHE B CG  1 
ATOM   1354 C CD1 . PHE B 1 84  ? -12.014 13.174  3.742   1.00 25.83 ? 84  PHE B CD1 1 
ATOM   1355 C CD2 . PHE B 1 84  ? -12.845 15.288  4.503   1.00 25.65 ? 84  PHE B CD2 1 
ATOM   1356 C CE1 . PHE B 1 84  ? -13.307 12.652  3.762   1.00 26.34 ? 84  PHE B CE1 1 
ATOM   1357 C CE2 . PHE B 1 84  ? -14.143 14.777  4.525   1.00 25.10 ? 84  PHE B CE2 1 
ATOM   1358 C CZ  . PHE B 1 84  ? -14.374 13.455  4.155   1.00 26.02 ? 84  PHE B CZ  1 
ATOM   1359 N N   . PRO B 1 85  ? -8.476  13.344  2.240   1.00 17.82 ? 85  PRO B N   1 
ATOM   1360 C CA  . PRO B 1 85  ? -8.114  12.072  1.602   1.00 20.26 ? 85  PRO B CA  1 
ATOM   1361 C C   . PRO B 1 85  ? -9.054  10.934  1.988   1.00 19.57 ? 85  PRO B C   1 
ATOM   1362 O O   . PRO B 1 85  ? -9.546  10.883  3.113   1.00 20.11 ? 85  PRO B O   1 
ATOM   1363 C CB  . PRO B 1 85  ? -6.700  11.808  2.117   1.00 21.91 ? 85  PRO B CB  1 
ATOM   1364 C CG  . PRO B 1 85  ? -6.197  13.173  2.522   1.00 25.58 ? 85  PRO B CG  1 
ATOM   1365 C CD  . PRO B 1 85  ? -7.412  13.786  3.155   1.00 20.50 ? 85  PRO B CD  1 
ATOM   1366 N N   . VAL B 1 86  ? -9.284  10.024  1.047   1.00 18.14 ? 86  VAL B N   1 
ATOM   1367 C CA  . VAL B 1 86  ? -10.129 8.853   1.260   1.00 14.01 ? 86  VAL B CA  1 
ATOM   1368 C C   . VAL B 1 86  ? -9.354  7.699   0.628   1.00 15.12 ? 86  VAL B C   1 
ATOM   1369 O O   . VAL B 1 86  ? -9.301  7.581   -0.594  1.00 15.03 ? 86  VAL B O   1 
ATOM   1370 C CB  . VAL B 1 86  ? -11.502 9.006   0.555   1.00 19.04 ? 86  VAL B CB  1 
ATOM   1371 C CG1 . VAL B 1 86  ? -12.302 7.711   0.680   1.00 16.13 ? 86  VAL B CG1 1 
ATOM   1372 C CG2 . VAL B 1 86  ? -12.281 10.174  1.176   1.00 18.81 ? 86  VAL B CG2 1 
ATOM   1373 N N   . ALA B 1 87  ? -8.731  6.869   1.463   1.00 13.08 ? 87  ALA B N   1 
ATOM   1374 C CA  . ALA B 1 87  ? -7.929  5.749   0.974   1.00 14.48 ? 87  ALA B CA  1 
ATOM   1375 C C   . ALA B 1 87  ? -8.789  4.553   0.585   1.00 16.41 ? 87  ALA B C   1 
ATOM   1376 O O   . ALA B 1 87  ? -8.359  3.693   -0.178  1.00 13.02 ? 87  ALA B O   1 
ATOM   1377 C CB  . ALA B 1 87  ? -6.904  5.342   2.032   1.00 16.95 ? 87  ALA B CB  1 
ATOM   1378 N N   . ALA B 1 88  ? -9.999  4.509   1.128   1.00 14.50 ? 88  ALA B N   1 
ATOM   1379 C CA  . ALA B 1 88  ? -10.947 3.439   0.831   1.00 12.64 ? 88  ALA B CA  1 
ATOM   1380 C C   . ALA B 1 88  ? -12.346 3.937   1.148   1.00 17.14 ? 88  ALA B C   1 
ATOM   1381 O O   . ALA B 1 88  ? -12.525 4.803   2.011   1.00 14.11 ? 88  ALA B O   1 
ATOM   1382 C CB  . ALA B 1 88  ? -10.644 2.207   1.672   1.00 12.65 ? 88  ALA B CB  1 
ATOM   1383 N N   . LEU B 1 89  ? -13.327 3.390   0.438   1.00 13.23 ? 89  LEU B N   1 
ATOM   1384 C CA  . LEU B 1 89  ? -14.720 3.743   0.655   1.00 16.01 ? 89  LEU B CA  1 
ATOM   1385 C C   . LEU B 1 89  ? -15.551 2.485   0.466   1.00 15.32 ? 89  LEU B C   1 
ATOM   1386 O O   . LEU B 1 89  ? -15.118 1.524   -0.179  1.00 14.96 ? 89  LEU B O   1 
ATOM   1387 C CB  . LEU B 1 89  ? -15.170 4.850   -0.312  1.00 14.15 ? 89  LEU B CB  1 
ATOM   1388 C CG  . LEU B 1 89  ? -15.112 4.614   -1.824  1.00 17.15 ? 89  LEU B CG  1 
ATOM   1389 C CD1 . LEU B 1 89  ? -16.312 3.792   -2.285  1.00 18.02 ? 89  LEU B CD1 1 
ATOM   1390 C CD2 . LEU B 1 89  ? -15.097 5.959   -2.534  1.00 16.48 ? 89  LEU B CD2 1 
ATOM   1391 N N   . LEU B 1 90  ? -16.740 2.486   1.050   1.00 15.70 ? 90  LEU B N   1 
ATOM   1392 C CA  . LEU B 1 90  ? -17.626 1.340   0.952   1.00 14.41 ? 90  LEU B CA  1 
ATOM   1393 C C   . LEU B 1 90  ? -19.026 1.785   0.547   1.00 15.70 ? 90  LEU B C   1 
ATOM   1394 O O   . LEU B 1 90  ? -19.640 2.619   1.213   1.00 16.07 ? 90  LEU B O   1 
ATOM   1395 C CB  . LEU B 1 90  ? -17.702 0.619   2.302   1.00 13.75 ? 90  LEU B CB  1 
ATOM   1396 C CG  . LEU B 1 90  ? -18.683 -0.557  2.383   1.00 14.32 ? 90  LEU B CG  1 
ATOM   1397 C CD1 . LEU B 1 90  ? -18.186 -1.709  1.529   1.00 15.12 ? 90  LEU B CD1 1 
ATOM   1398 C CD2 . LEU B 1 90  ? -18.827 -0.996  3.834   1.00 13.25 ? 90  LEU B CD2 1 
ATOM   1399 N N   . VAL B 1 91  ? -19.518 1.238   -0.554  1.00 15.54 ? 91  VAL B N   1 
ATOM   1400 C CA  . VAL B 1 91  ? -20.860 1.561   -1.013  1.00 17.83 ? 91  VAL B CA  1 
ATOM   1401 C C   . VAL B 1 91  ? -21.851 0.690   -0.241  1.00 17.81 ? 91  VAL B C   1 
ATOM   1402 O O   . VAL B 1 91  ? -21.834 -0.537  -0.360  1.00 18.56 ? 91  VAL B O   1 
ATOM   1403 C CB  . VAL B 1 91  ? -21.035 1.269   -2.524  1.00 16.40 ? 91  VAL B CB  1 
ATOM   1404 C CG1 . VAL B 1 91  ? -22.497 1.454   -2.922  1.00 20.76 ? 91  VAL B CG1 1 
ATOM   1405 C CG2 . VAL B 1 91  ? -20.142 2.197   -3.347  1.00 19.44 ? 91  VAL B CG2 1 
ATOM   1406 N N   . LEU B 1 92  ? -22.690 1.323   0.570   1.00 17.66 ? 92  LEU B N   1 
ATOM   1407 C CA  . LEU B 1 92  ? -23.702 0.594   1.319   1.00 21.42 ? 92  LEU B CA  1 
ATOM   1408 C C   . LEU B 1 92  ? -24.941 0.550   0.428   1.00 21.49 ? 92  LEU B C   1 
ATOM   1409 O O   . LEU B 1 92  ? -25.654 -0.453  0.374   1.00 22.02 ? 92  LEU B O   1 
ATOM   1410 C CB  . LEU B 1 92  ? -24.016 1.307   2.637   1.00 21.46 ? 92  LEU B CB  1 
ATOM   1411 C CG  . LEU B 1 92  ? -22.920 1.219   3.703   1.00 18.09 ? 92  LEU B CG  1 
ATOM   1412 C CD1 . LEU B 1 92  ? -23.352 1.970   4.957   1.00 18.60 ? 92  LEU B CD1 1 
ATOM   1413 C CD2 . LEU B 1 92  ? -22.655 -0.251  4.021   1.00 17.89 ? 92  LEU B CD2 1 
ATOM   1414 N N   . ASP B 1 93  ? -25.172 1.654   -0.275  1.00 19.32 ? 93  ASP B N   1 
ATOM   1415 C CA  . ASP B 1 93  ? -26.296 1.783   -1.198  1.00 21.97 ? 93  ASP B CA  1 
ATOM   1416 C C   . ASP B 1 93  ? -25.811 2.581   -2.408  1.00 17.04 ? 93  ASP B C   1 
ATOM   1417 O O   . ASP B 1 93  ? -25.365 3.718   -2.266  1.00 19.25 ? 93  ASP B O   1 
ATOM   1418 C CB  . ASP B 1 93  ? -27.464 2.505   -0.519  1.00 22.75 ? 93  ASP B CB  1 
ATOM   1419 C CG  . ASP B 1 93  ? -28.535 2.941   -1.510  1.00 34.40 ? 93  ASP B CG  1 
ATOM   1420 O OD1 . ASP B 1 93  ? -28.947 2.113   -2.347  1.00 34.69 ? 93  ASP B OD1 1 
ATOM   1421 O OD2 . ASP B 1 93  ? -28.964 4.111   -1.446  1.00 39.08 ? 93  ASP B OD2 1 
ATOM   1422 N N   . GLU B 1 94  ? -25.892 1.978   -3.590  1.00 19.18 ? 94  GLU B N   1 
ATOM   1423 C CA  . GLU B 1 94  ? -25.438 2.627   -4.817  1.00 23.50 ? 94  GLU B CA  1 
ATOM   1424 C C   . GLU B 1 94  ? -26.318 3.796   -5.262  1.00 23.56 ? 94  GLU B C   1 
ATOM   1425 O O   . GLU B 1 94  ? -25.937 4.563   -6.143  1.00 24.45 ? 94  GLU B O   1 
ATOM   1426 C CB  . GLU B 1 94  ? -25.350 1.605   -5.954  1.00 27.62 ? 94  GLU B CB  1 
ATOM   1427 C CG  . GLU B 1 94  ? -26.697 1.082   -6.425  1.00 36.72 ? 94  GLU B CG  1 
ATOM   1428 C CD  . GLU B 1 94  ? -27.218 -0.078  -5.587  1.00 43.61 ? 94  GLU B CD  1 
ATOM   1429 O OE1 . GLU B 1 94  ? -27.217 0.018   -4.339  1.00 39.63 ? 94  GLU B OE1 1 
ATOM   1430 O OE2 . GLU B 1 94  ? -27.640 -1.089  -6.186  1.00 48.21 ? 94  GLU B OE2 1 
ATOM   1431 N N   . GLY B 1 95  ? -27.488 3.938   -4.655  1.00 23.63 ? 95  GLY B N   1 
ATOM   1432 C CA  . GLY B 1 95  ? -28.373 5.025   -5.040  1.00 22.74 ? 95  GLY B CA  1 
ATOM   1433 C C   . GLY B 1 95  ? -28.729 4.935   -6.514  1.00 22.83 ? 95  GLY B C   1 
ATOM   1434 O O   . GLY B 1 95  ? -29.163 3.882   -6.985  1.00 25.46 ? 95  GLY B O   1 
ATOM   1435 N N   . LEU B 1 96  ? -28.538 6.032   -7.244  1.00 24.21 ? 96  LEU B N   1 
ATOM   1436 C CA  . LEU B 1 96  ? -28.840 6.074   -8.675  1.00 25.21 ? 96  LEU B CA  1 
ATOM   1437 C C   . LEU B 1 96  ? -27.600 5.781   -9.522  1.00 27.02 ? 96  LEU B C   1 
ATOM   1438 O O   . LEU B 1 96  ? -27.622 5.929   -10.745 1.00 25.89 ? 96  LEU B O   1 
ATOM   1439 C CB  . LEU B 1 96  ? -29.387 7.456   -9.048  1.00 28.54 ? 96  LEU B CB  1 
ATOM   1440 C CG  . LEU B 1 96  ? -30.614 7.951   -8.278  1.00 29.72 ? 96  LEU B CG  1 
ATOM   1441 C CD1 . LEU B 1 96  ? -30.866 9.417   -8.610  1.00 32.73 ? 96  LEU B CD1 1 
ATOM   1442 C CD2 . LEU B 1 96  ? -31.820 7.103   -8.630  1.00 29.44 ? 96  LEU B CD2 1 
ATOM   1443 N N   . SER B 1 97  ? -26.521 5.364   -8.867  1.00 26.46 ? 97  SER B N   1 
ATOM   1444 C CA  . SER B 1 97  ? -25.273 5.072   -9.564  1.00 24.68 ? 97  SER B CA  1 
ATOM   1445 C C   . SER B 1 97  ? -25.254 3.713   -10.252 1.00 26.74 ? 97  SER B C   1 
ATOM   1446 O O   . SER B 1 97  ? -25.958 2.790   -9.855  1.00 26.79 ? 97  SER B O   1 
ATOM   1447 C CB  . SER B 1 97  ? -24.105 5.143   -8.578  1.00 22.04 ? 97  SER B CB  1 
ATOM   1448 O OG  . SER B 1 97  ? -22.896 4.770   -9.208  1.00 27.70 ? 97  SER B OG  1 
ATOM   1449 N N   . ASN B 1 98  ? -24.431 3.593   -11.289 1.00 27.05 ? 98  ASN B N   1 
ATOM   1450 C CA  . ASN B 1 98  ? -24.298 2.334   -12.006 1.00 29.28 ? 98  ASN B CA  1 
ATOM   1451 C C   . ASN B 1 98  ? -22.917 1.768   -11.689 1.00 27.88 ? 98  ASN B C   1 
ATOM   1452 O O   . ASN B 1 98  ? -22.384 0.933   -12.420 1.00 30.14 ? 98  ASN B O   1 
ATOM   1453 C CB  . ASN B 1 98  ? -24.460 2.559   -13.515 1.00 30.59 ? 98  ASN B CB  1 
ATOM   1454 C CG  . ASN B 1 98  ? -23.345 3.402   -14.109 1.00 34.84 ? 98  ASN B CG  1 
ATOM   1455 O OD1 . ASN B 1 98  ? -22.749 4.241   -13.430 1.00 32.99 ? 98  ASN B OD1 1 
ATOM   1456 N ND2 . ASN B 1 98  ? -23.071 3.196   -15.393 1.00 36.91 ? 98  ASN B ND2 1 
ATOM   1457 N N   . ILE B 1 99  ? -22.349 2.226   -10.576 1.00 29.53 ? 99  ILE B N   1 
ATOM   1458 C CA  . ILE B 1 99  ? -21.021 1.794   -10.149 1.00 25.05 ? 99  ILE B CA  1 
ATOM   1459 C C   . ILE B 1 99  ? -20.891 0.276   -10.077 1.00 26.57 ? 99  ILE B C   1 
ATOM   1460 O O   . ILE B 1 99  ? -19.867 -0.280  -10.473 1.00 27.92 ? 99  ILE B O   1 
ATOM   1461 C CB  . ILE B 1 99  ? -20.646 2.418   -8.772  1.00 25.55 ? 99  ILE B CB  1 
ATOM   1462 C CG1 . ILE B 1 99  ? -19.187 2.103   -8.429  1.00 18.92 ? 99  ILE B CG1 1 
ATOM   1463 C CG2 . ILE B 1 99  ? -21.570 1.891   -7.685  1.00 23.54 ? 99  ILE B CG2 1 
ATOM   1464 C CD1 . ILE B 1 99  ? -18.178 2.688   -9.402  1.00 26.19 ? 99  ILE B CD1 1 
ATOM   1465 N N   . MET B 1 100 ? -21.925 -0.398  -9.584  1.00 28.04 ? 100 MET B N   1 
ATOM   1466 C CA  . MET B 1 100 ? -21.894 -1.853  -9.474  1.00 31.59 ? 100 MET B CA  1 
ATOM   1467 C C   . MET B 1 100 ? -21.668 -2.494  -10.839 1.00 32.10 ? 100 MET B C   1 
ATOM   1468 O O   . MET B 1 100 ? -20.844 -3.398  -10.988 1.00 32.89 ? 100 MET B O   1 
ATOM   1469 C CB  . MET B 1 100 ? -23.208 -2.381  -8.883  1.00 34.46 ? 100 MET B CB  1 
ATOM   1470 C CG  . MET B 1 100 ? -23.516 -1.884  -7.480  1.00 41.11 ? 100 MET B CG  1 
ATOM   1471 S SD  . MET B 1 100 ? -22.147 -2.176  -6.350  1.00 46.71 ? 100 MET B SD  1 
ATOM   1472 C CE  . MET B 1 100 ? -22.205 -3.967  -6.179  1.00 43.56 ? 100 MET B CE  1 
ATOM   1473 N N   . GLU B 1 101 ? -22.406 -2.016  -11.834 1.00 34.28 ? 101 GLU B N   1 
ATOM   1474 C CA  . GLU B 1 101 ? -22.297 -2.550  -13.185 1.00 37.05 ? 101 GLU B CA  1 
ATOM   1475 C C   . GLU B 1 101 ? -20.970 -2.192  -13.847 1.00 32.18 ? 101 GLU B C   1 
ATOM   1476 O O   . GLU B 1 101 ? -20.388 -3.013  -14.557 1.00 30.15 ? 101 GLU B O   1 
ATOM   1477 C CB  . GLU B 1 101 ? -23.460 -2.048  -14.047 1.00 41.58 ? 101 GLU B CB  1 
ATOM   1478 C CG  . GLU B 1 101 ? -24.837 -2.410  -13.501 1.00 52.35 ? 101 GLU B CG  1 
ATOM   1479 C CD  . GLU B 1 101 ? -25.301 -1.473  -12.400 1.00 58.98 ? 101 GLU B CD  1 
ATOM   1480 O OE1 . GLU B 1 101 ? -25.568 -0.290  -12.703 1.00 64.08 ? 101 GLU B OE1 1 
ATOM   1481 O OE2 . GLU B 1 101 ? -25.399 -1.914  -11.234 1.00 63.38 ? 101 GLU B OE2 1 
ATOM   1482 N N   . LEU B 1 102 ? -20.495 -0.970  -13.620 1.00 30.14 ? 102 LEU B N   1 
ATOM   1483 C CA  . LEU B 1 102 ? -19.227 -0.540  -14.202 1.00 29.31 ? 102 LEU B CA  1 
ATOM   1484 C C   . LEU B 1 102 ? -18.107 -1.438  -13.707 1.00 31.13 ? 102 LEU B C   1 
ATOM   1485 O O   . LEU B 1 102 ? -17.297 -1.924  -14.493 1.00 33.27 ? 102 LEU B O   1 
ATOM   1486 C CB  . LEU B 1 102 ? -18.912 0.911   -13.819 1.00 28.30 ? 102 LEU B CB  1 
ATOM   1487 C CG  . LEU B 1 102 ? -19.732 2.031   -14.455 1.00 29.48 ? 102 LEU B CG  1 
ATOM   1488 C CD1 . LEU B 1 102 ? -19.268 3.360   -13.889 1.00 30.54 ? 102 LEU B CD1 1 
ATOM   1489 C CD2 . LEU B 1 102 ? -19.555 2.012   -15.968 1.00 32.83 ? 102 LEU B CD2 1 
ATOM   1490 N N   . VAL B 1 103 ? -18.066 -1.643  -12.393 1.00 26.73 ? 103 VAL B N   1 
ATOM   1491 C CA  . VAL B 1 103 ? -17.055 -2.490  -11.775 1.00 30.14 ? 103 VAL B CA  1 
ATOM   1492 C C   . VAL B 1 103 ? -17.109 -3.939  -12.274 1.00 31.16 ? 103 VAL B C   1 
ATOM   1493 O O   . VAL B 1 103 ? -16.066 -4.568  -12.472 1.00 33.85 ? 103 VAL B O   1 
ATOM   1494 C CB  . VAL B 1 103 ? -17.204 -2.487  -10.235 1.00 29.87 ? 103 VAL B CB  1 
ATOM   1495 C CG1 . VAL B 1 103 ? -16.352 -3.592  -9.619  1.00 32.90 ? 103 VAL B CG1 1 
ATOM   1496 C CG2 . VAL B 1 103 ? -16.782 -1.135  -9.687  1.00 24.36 ? 103 VAL B CG2 1 
ATOM   1497 N N   . GLU B 1 104 ? -18.317 -4.464  -12.476 1.00 31.58 ? 104 GLU B N   1 
ATOM   1498 C CA  . GLU B 1 104 ? -18.482 -5.845  -12.936 1.00 37.68 ? 104 GLU B CA  1 
ATOM   1499 C C   . GLU B 1 104 ? -17.648 -6.155  -14.174 1.00 41.18 ? 104 GLU B C   1 
ATOM   1500 O O   . GLU B 1 104 ? -17.053 -7.233  -14.278 1.00 40.23 ? 104 GLU B O   1 
ATOM   1501 C CB  . GLU B 1 104 ? -19.950 -6.148  -13.228 1.00 37.43 ? 104 GLU B CB  1 
ATOM   1502 C CG  . GLU B 1 104 ? -20.180 -7.584  -13.674 1.00 38.22 ? 104 GLU B CG  1 
ATOM   1503 C CD  . GLU B 1 104 ? -21.643 -7.951  -13.718 1.00 39.21 ? 104 GLU B CD  1 
ATOM   1504 O OE1 . GLU B 1 104 ? -22.314 -7.797  -12.678 1.00 38.61 ? 104 GLU B OE1 1 
ATOM   1505 O OE2 . GLU B 1 104 ? -22.120 -8.392  -14.784 1.00 34.87 ? 104 GLU B OE2 1 
ATOM   1506 N N   . LYS B 1 105 ? -17.621 -5.227  -15.121 1.00 48.21 ? 105 LYS B N   1 
ATOM   1507 C CA  . LYS B 1 105 ? -16.833 -5.413  -16.322 1.00 57.15 ? 105 LYS B CA  1 
ATOM   1508 C C   . LYS B 1 105 ? -15.607 -4.512  -16.310 1.00 60.76 ? 105 LYS B C   1 
ATOM   1509 O O   . LYS B 1 105 ? -15.243 -3.933  -17.325 1.00 61.68 ? 105 LYS B O   1 
ATOM   1510 C CB  . LYS B 1 105 ? -17.651 -5.112  -17.589 1.00 60.49 ? 105 LYS B CB  1 
ATOM   1511 C CG  . LYS B 1 105 ? -16.916 -5.520  -18.866 1.00 67.77 ? 105 LYS B CG  1 
ATOM   1512 C CD  . LYS B 1 105 ? -17.815 -6.301  -19.817 1.00 71.45 ? 105 LYS B CD  1 
ATOM   1513 C CE  . LYS B 1 105 ? -17.003 -7.276  -20.677 1.00 73.09 ? 105 LYS B CE  1 
ATOM   1514 N NZ  . LYS B 1 105 ? -17.835 -8.055  -21.650 1.00 74.68 ? 105 LYS B NZ  1 
ATOM   1515 N N   . LYS B 1 106 ? -14.980 -4.393  -15.145 1.00 64.22 ? 106 LYS B N   1 
ATOM   1516 C CA  . LYS B 1 106 ? -13.786 -3.577  -14.997 1.00 69.89 ? 106 LYS B CA  1 
ATOM   1517 C C   . LYS B 1 106 ? -12.601 -4.128  -15.810 1.00 74.79 ? 106 LYS B C   1 
ATOM   1518 O O   . LYS B 1 106 ? -12.112 -5.251  -15.588 1.00 75.92 ? 106 LYS B O   1 
ATOM   1519 C CB  . LYS B 1 106 ? -13.416 -3.429  -13.504 1.00 67.45 ? 106 LYS B CB  1 
ATOM   1520 C CG  . LYS B 1 106 ? -13.004 -4.724  -12.792 1.00 63.25 ? 106 LYS B CG  1 
ATOM   1521 C CD  . LYS B 1 106 ? -12.769 -4.469  -11.289 1.00 61.57 ? 106 LYS B CD  1 
ATOM   1522 C CE  . LYS B 1 106 ? -12.361 -5.715  -10.482 1.00 61.21 ? 106 LYS B CE  1 
ATOM   1523 N NZ  . LYS B 1 106 ? -11.011 -6.273  -10.785 1.00 61.89 ? 106 LYS B NZ  1 
ATOM   1524 N N   . GLU B 1 107 ? -12.155 -3.322  -16.774 1.00 79.47 ? 107 GLU B N   1 
ATOM   1525 C CA  . GLU B 1 107 ? -11.035 -3.648  -17.662 1.00 83.23 ? 107 GLU B CA  1 
ATOM   1526 C C   . GLU B 1 107 ? -10.494 -2.319  -18.209 1.00 83.25 ? 107 GLU B C   1 
ATOM   1527 O O   . GLU B 1 107 ? -11.190 -1.652  -19.013 1.00 84.32 ? 107 GLU B O   1 
ATOM   1528 C CB  . GLU B 1 107 ? -11.503 -4.549  -18.816 1.00 86.40 ? 107 GLU B CB  1 
ATOM   1529 C CG  . GLU B 1 107 ? -12.107 -5.889  -18.392 1.00 88.44 ? 107 GLU B CG  1 
ATOM   1530 C CD  . GLU B 1 107 ? -12.859 -6.580  -19.496 1.00 90.36 ? 107 GLU B CD  1 
ATOM   1531 O OE1 . GLU B 1 107 ? -12.276 -6.892  -20.563 1.00 93.10 ? 107 GLU B OE1 1 
ATOM   1532 O OE2 . GLU B 1 107 ? -14.056 -6.843  -19.295 1.00 92.34 ? 107 GLU B OE2 1 
HETATM 1533 O O   . HOH C 2 .   ? 9.812   6.417   3.774   1.00 12.49 ? 201 HOH A O   1 
HETATM 1534 O O   . HOH C 2 .   ? 22.200  6.449   4.139   1.00 36.48 ? 202 HOH A O   1 
HETATM 1535 O O   . HOH C 2 .   ? 12.583  9.313   1.051   1.00 29.39 ? 204 HOH A O   1 
HETATM 1536 O O   . HOH C 2 .   ? 2.519   7.487   -2.244  1.00 39.62 ? 205 HOH A O   1 
HETATM 1537 O O   . HOH C 2 .   ? 21.508  6.602   8.130   1.00 49.31 ? 206 HOH A O   1 
HETATM 1538 O O   . HOH C 2 .   ? 9.130   -10.987 0.470   1.00 22.74 ? 210 HOH A O   1 
HETATM 1539 O O   . HOH C 2 .   ? 28.416  -9.946  5.231   1.00 40.23 ? 212 HOH A O   1 
HETATM 1540 O O   . HOH C 2 .   ? 8.239   -11.776 2.817   1.00 32.39 ? 213 HOH A O   1 
HETATM 1541 O O   . HOH C 2 .   ? 18.427  1.624   18.692  1.00 42.65 ? 217 HOH A O   1 
HETATM 1542 O O   . HOH C 2 .   ? 11.924  8.626   -6.047  1.00 26.36 ? 219 HOH A O   1 
HETATM 1543 O O   . HOH C 2 .   ? 23.973  2.885   6.422   1.00 23.56 ? 221 HOH A O   1 
HETATM 1544 O O   . HOH C 2 .   ? 13.080  -7.861  -7.808  1.00 26.15 ? 222 HOH A O   1 
HETATM 1545 O O   . HOH C 2 .   ? 16.737  -6.815  -17.488 1.00 54.09 ? 223 HOH A O   1 
HETATM 1546 O O   . HOH C 2 .   ? 10.514  -12.645 -12.628 1.00 57.23 ? 224 HOH A O   1 
HETATM 1547 O O   . HOH C 2 .   ? 12.585  -10.041 -5.412  1.00 30.88 ? 225 HOH A O   1 
HETATM 1548 O O   . HOH C 2 .   ? 14.330  4.546   17.904  1.00 46.38 ? 226 HOH A O   1 
HETATM 1549 O O   . HOH C 2 .   ? 21.236  3.815   6.882   1.00 29.26 ? 227 HOH A O   1 
HETATM 1550 O O   . HOH C 2 .   ? 12.085  7.435   5.662   1.00 28.41 ? 231 HOH A O   1 
HETATM 1551 O O   . HOH C 2 .   ? 24.659  -10.215 3.472   1.00 34.84 ? 234 HOH A O   1 
HETATM 1552 O O   . HOH C 2 .   ? 10.627  -6.911  -7.775  1.00 28.13 ? 235 HOH A O   1 
HETATM 1553 O O   . HOH C 2 .   ? 24.914  -0.537  -6.257  1.00 23.74 ? 236 HOH A O   1 
HETATM 1554 O O   . HOH C 2 .   ? 20.131  9.571   11.274  1.00 47.21 ? 238 HOH A O   1 
HETATM 1555 O O   . HOH C 2 .   ? 21.360  12.139  1.907   1.00 54.29 ? 239 HOH A O   1 
HETATM 1556 O O   . HOH C 2 .   ? 13.057  -17.827 -0.581  1.00 43.89 ? 241 HOH A O   1 
HETATM 1557 O O   . HOH C 2 .   ? 16.015  -0.413  -12.351 1.00 26.94 ? 244 HOH A O   1 
HETATM 1558 O O   . HOH C 2 .   ? 10.550  -14.251 6.523   1.00 52.29 ? 248 HOH A O   1 
HETATM 1559 O O   . HOH C 2 .   ? 22.208  -3.155  -8.603  1.00 22.74 ? 249 HOH A O   1 
HETATM 1560 O O   . HOH C 2 .   ? 5.104   12.059  -2.783  1.00 19.74 ? 250 HOH A O   1 
HETATM 1561 O O   . HOH C 2 .   ? 10.248  -9.707  12.772  1.00 42.11 ? 251 HOH A O   1 
HETATM 1562 O O   . HOH C 2 .   ? 9.298   -7.479  15.194  1.00 44.82 ? 252 HOH A O   1 
HETATM 1563 O O   . HOH C 2 .   ? 2.217   2.620   -9.239  1.00 35.97 ? 254 HOH A O   1 
HETATM 1564 O O   . HOH C 2 .   ? 11.074  4.789   14.823  1.00 22.54 ? 256 HOH A O   1 
HETATM 1565 O O   . HOH C 2 .   ? -3.114  -4.740  -7.433  1.00 51.07 ? 257 HOH A O   1 
HETATM 1566 O O   . HOH C 2 .   ? 22.723  5.519   -12.754 1.00 40.52 ? 259 HOH A O   1 
HETATM 1567 O O   . HOH C 2 .   ? 13.788  -16.067 6.488   1.00 57.02 ? 262 HOH A O   1 
HETATM 1568 O O   . HOH C 2 .   ? 15.366  1.538   -14.475 1.00 39.41 ? 263 HOH A O   1 
HETATM 1569 O O   . HOH C 2 .   ? 22.928  9.495   -0.841  1.00 36.70 ? 264 HOH A O   1 
HETATM 1570 O O   . HOH C 2 .   ? 12.332  -10.469 -13.245 1.00 62.38 ? 267 HOH A O   1 
HETATM 1571 O O   . HOH C 2 .   ? 5.491   -7.324  -1.263  1.00 53.09 ? 268 HOH A O   1 
HETATM 1572 O O   . HOH C 2 .   ? 21.490  -8.218  -5.376  1.00 35.05 ? 272 HOH A O   1 
HETATM 1573 O O   . HOH C 2 .   ? 6.487   6.477   1.701   1.00 34.58 ? 273 HOH A O   1 
HETATM 1574 O O   . HOH C 2 .   ? 19.757  -10.716 -8.129  1.00 42.80 ? 275 HOH A O   1 
HETATM 1575 O O   . HOH C 2 .   ? 5.159   -3.516  -9.792  1.00 34.51 ? 276 HOH A O   1 
HETATM 1576 O O   . HOH C 2 .   ? 26.252  -0.746  -4.070  1.00 30.26 ? 277 HOH A O   1 
HETATM 1577 O O   . HOH C 2 .   ? 22.388  -2.764  -11.974 1.00 35.68 ? 278 HOH A O   1 
HETATM 1578 O O   . HOH C 2 .   ? 17.247  11.617  2.721   1.00 57.67 ? 279 HOH A O   1 
HETATM 1579 O O   . HOH C 2 .   ? 13.290  -11.714 -1.469  1.00 45.54 ? 280 HOH A O   1 
HETATM 1580 O O   . HOH C 2 .   ? 24.698  -3.068  14.891  1.00 49.98 ? 284 HOH A O   1 
HETATM 1581 O O   . HOH C 2 .   ? 21.310  -11.365 11.454  1.00 47.21 ? 285 HOH A O   1 
HETATM 1582 O O   . HOH C 2 .   ? 3.585   -7.225  4.347   1.00 28.95 ? 286 HOH A O   1 
HETATM 1583 O O   . HOH C 2 .   ? 1.979   -6.050  7.990   1.00 30.83 ? 289 HOH A O   1 
HETATM 1584 O O   . HOH C 2 .   ? 9.362   -2.543  -19.048 1.00 55.05 ? 290 HOH A O   1 
HETATM 1585 O O   . HOH C 2 .   ? 21.002  6.230   14.407  1.00 52.90 ? 291 HOH A O   1 
HETATM 1586 O O   . HOH C 2 .   ? -0.125  -4.346  -2.559  1.00 39.88 ? 293 HOH A O   1 
HETATM 1587 O O   . HOH C 2 .   ? 28.233  3.087   12.340  1.00 56.62 ? 294 HOH A O   1 
HETATM 1588 O O   . HOH C 2 .   ? 19.790  7.200   3.981   1.00 26.24 ? 299 HOH A O   1 
HETATM 1589 O O   . HOH C 2 .   ? 22.802  8.632   2.561   1.00 51.00 ? 300 HOH A O   1 
HETATM 1590 O O   . HOH C 2 .   ? 22.933  5.440   10.139  1.00 49.14 ? 301 HOH A O   1 
HETATM 1591 O O   . HOH C 2 .   ? 23.124  -10.220 15.797  1.00 51.81 ? 305 HOH A O   1 
HETATM 1592 O O   . HOH C 2 .   ? 29.725  3.652   1.864   1.00 32.00 ? 322 HOH A O   1 
HETATM 1593 O O   . HOH C 2 .   ? 19.596  1.654   -15.467 1.00 51.85 ? 323 HOH A O   1 
HETATM 1594 O O   . HOH C 2 .   ? 3.850   -14.104 12.762  1.00 44.99 ? 324 HOH A O   1 
HETATM 1595 O O   . HOH C 2 .   ? 3.977   -5.277  13.101  1.00 27.95 ? 325 HOH A O   1 
HETATM 1596 O O   . HOH C 2 .   ? 2.717   -7.452  12.631  1.00 42.35 ? 326 HOH A O   1 
HETATM 1597 O O   . HOH C 2 .   ? 20.948  -15.337 12.744  1.00 57.75 ? 327 HOH A O   1 
HETATM 1598 O O   . HOH D 2 .   ? -8.800  6.943   4.669   1.00 12.14 ? 203 HOH B O   1 
HETATM 1599 O O   . HOH D 2 .   ? -0.272  3.720   8.583   1.00 36.87 ? 207 HOH B O   1 
HETATM 1600 O O   . HOH D 2 .   ? -11.271 6.091   8.670   1.00 27.98 ? 208 HOH B O   1 
HETATM 1601 O O   . HOH D 2 .   ? -31.166 1.678   -3.920  1.00 50.79 ? 209 HOH B O   1 
HETATM 1602 O O   . HOH D 2 .   ? -28.780 2.440   -9.484  1.00 37.41 ? 211 HOH B O   1 
HETATM 1603 O O   . HOH D 2 .   ? -16.961 18.508  -6.433  1.00 38.24 ? 214 HOH B O   1 
HETATM 1604 O O   . HOH D 2 .   ? -9.771  -3.952  -9.236  1.00 25.08 ? 215 HOH B O   1 
HETATM 1605 O O   . HOH D 2 .   ? -11.317 -0.527  11.388  1.00 23.30 ? 216 HOH B O   1 
HETATM 1606 O O   . HOH D 2 .   ? -8.557  -2.426  -10.977 1.00 41.00 ? 218 HOH B O   1 
HETATM 1607 O O   . HOH D 2 .   ? -23.019 8.863   1.032   1.00 23.10 ? 220 HOH B O   1 
HETATM 1608 O O   . HOH D 2 .   ? -8.767  11.584  5.820   1.00 35.93 ? 228 HOH B O   1 
HETATM 1609 O O   . HOH D 2 .   ? -13.866 -9.600  -2.571  1.00 28.62 ? 229 HOH B O   1 
HETATM 1610 O O   . HOH D 2 .   ? -20.172 9.595   1.756   1.00 38.76 ? 230 HOH B O   1 
HETATM 1611 O O   . HOH D 2 .   ? -11.220 -9.312  -1.686  1.00 26.54 ? 232 HOH B O   1 
HETATM 1612 O O   . HOH D 2 .   ? -10.950 9.214   4.833   1.00 31.29 ? 233 HOH B O   1 
HETATM 1613 O O   . HOH D 2 .   ? -9.663  7.587   -13.725 1.00 35.36 ? 237 HOH B O   1 
HETATM 1614 O O   . HOH D 2 .   ? -5.951  -4.560  -4.648  1.00 37.25 ? 240 HOH B O   1 
HETATM 1615 O O   . HOH D 2 .   ? -13.454 -8.459  -5.739  1.00 34.43 ? 242 HOH B O   1 
HETATM 1616 O O   . HOH D 2 .   ? -9.613  16.082  -1.822  1.00 21.47 ? 243 HOH B O   1 
HETATM 1617 O O   . HOH D 2 .   ? -2.407  -6.882  6.798   1.00 32.61 ? 245 HOH B O   1 
HETATM 1618 O O   . HOH D 2 .   ? -12.977 12.498  -13.739 1.00 44.18 ? 246 HOH B O   1 
HETATM 1619 O O   . HOH D 2 .   ? -25.743 -5.759  1.002   1.00 38.38 ? 247 HOH B O   1 
HETATM 1620 O O   . HOH D 2 .   ? -5.756  -10.079 1.738   1.00 30.78 ? 253 HOH B O   1 
HETATM 1621 O O   . HOH D 2 .   ? -17.440 -10.670 11.932  1.00 58.87 ? 255 HOH B O   1 
HETATM 1622 O O   . HOH D 2 .   ? -16.430 -9.897  6.262   1.00 29.37 ? 258 HOH B O   1 
HETATM 1623 O O   . HOH D 2 .   ? -25.011 0.287   -9.176  1.00 35.31 ? 260 HOH B O   1 
HETATM 1624 O O   . HOH D 2 .   ? -24.899 1.385   -16.353 1.00 60.31 ? 261 HOH B O   1 
HETATM 1625 O O   . HOH D 2 .   ? -15.706 -10.842 9.232   1.00 38.30 ? 265 HOH B O   1 
HETATM 1626 O O   . HOH D 2 .   ? -3.100  11.254  0.922   1.00 40.21 ? 266 HOH B O   1 
HETATM 1627 O O   . HOH D 2 .   ? -19.051 2.500   13.923  1.00 35.60 ? 269 HOH B O   1 
HETATM 1628 O O   . HOH D 2 .   ? -13.662 5.844   -18.306 1.00 51.19 ? 270 HOH B O   1 
HETATM 1629 O O   . HOH D 2 .   ? -2.121  6.366   -6.264  1.00 24.82 ? 271 HOH B O   1 
HETATM 1630 O O   . HOH D 2 .   ? -11.706 -0.482  -15.367 1.00 56.96 ? 274 HOH B O   1 
HETATM 1631 O O   . HOH D 2 .   ? -22.161 -6.792  -3.580  1.00 37.34 ? 281 HOH B O   1 
HETATM 1632 O O   . HOH D 2 .   ? 2.511   -9.156  -0.557  1.00 47.89 ? 282 HOH B O   1 
HETATM 1633 O O   . HOH D 2 .   ? -23.644 7.924   -12.781 1.00 53.62 ? 283 HOH B O   1 
HETATM 1634 O O   . HOH D 2 .   ? -26.181 -1.913  2.700   1.00 30.20 ? 287 HOH B O   1 
HETATM 1635 O O   . HOH D 2 .   ? -21.623 6.693   -14.009 1.00 41.05 ? 288 HOH B O   1 
HETATM 1636 O O   . HOH D 2 .   ? -15.487 -14.354 -1.663  1.00 35.82 ? 292 HOH B O   1 
HETATM 1637 O O   . HOH D 2 .   ? -22.205 -4.816  -16.178 1.00 43.11 ? 295 HOH B O   1 
HETATM 1638 O O   . HOH D 2 .   ? -22.633 -7.086  12.007  1.00 37.38 ? 296 HOH B O   1 
HETATM 1639 O O   . HOH D 2 .   ? 1.254   9.128   -0.511  1.00 37.45 ? 297 HOH B O   1 
HETATM 1640 O O   . HOH D 2 .   ? -28.937 0.087   -8.318  1.00 70.27 ? 298 HOH B O   1 
HETATM 1641 O O   . HOH D 2 .   ? -31.523 3.635   -2.459  1.00 45.06 ? 302 HOH B O   1 
HETATM 1642 O O   . HOH D 2 .   ? -30.765 1.065   -6.275  1.00 55.09 ? 303 HOH B O   1 
HETATM 1643 O O   . HOH D 2 .   ? -0.423  1.005   9.321   1.00 34.98 ? 304 HOH B O   1 
HETATM 1644 O O   . HOH D 2 .   ? -8.975  10.467  -13.042 1.00 43.29 ? 306 HOH B O   1 
HETATM 1645 O O   . HOH D 2 .   ? -26.157 13.366  -12.296 1.00 48.63 ? 307 HOH B O   1 
HETATM 1646 O O   . HOH D 2 .   ? -28.938 5.726   4.020   1.00 37.16 ? 308 HOH B O   1 
HETATM 1647 O O   . HOH D 2 .   ? -21.125 8.318   5.284   1.00 39.81 ? 309 HOH B O   1 
HETATM 1648 O O   . HOH D 2 .   ? -18.487 8.089   6.161   1.00 26.30 ? 310 HOH B O   1 
HETATM 1649 O O   . HOH D 2 .   ? -24.890 -3.887  3.745   1.00 25.98 ? 311 HOH B O   1 
HETATM 1650 O O   . HOH D 2 .   ? -20.000 -11.507 9.405   1.00 47.96 ? 312 HOH B O   1 
HETATM 1651 O O   . HOH D 2 .   ? -14.601 -12.633 10.684  1.00 56.38 ? 313 HOH B O   1 
HETATM 1652 O O   . HOH D 2 .   ? -15.116 -10.327 -7.016  1.00 56.86 ? 314 HOH B O   1 
HETATM 1653 O O   . HOH D 2 .   ? -3.395  9.371   -10.232 1.00 27.02 ? 315 HOH B O   1 
HETATM 1654 O O   . HOH D 2 .   ? -2.378  7.907   -12.065 1.00 38.21 ? 316 HOH B O   1 
HETATM 1655 O O   . HOH D 2 .   ? -10.382 13.835  -9.162  1.00 45.48 ? 317 HOH B O   1 
HETATM 1656 O O   . HOH D 2 .   ? -11.941 13.020  8.135   1.00 45.50 ? 318 HOH B O   1 
HETATM 1657 O O   . HOH D 2 .   ? -32.265 9.748   -5.560  1.00 51.56 ? 319 HOH B O   1 
HETATM 1658 O O   . HOH D 2 .   ? -8.463  -8.326  -10.431 1.00 63.76 ? 320 HOH B O   1 
HETATM 1659 O O   . HOH D 2 .   ? -24.487 10.245  3.111   1.00 45.44 ? 321 HOH B O   1 
# 
loop_
_pdbx_poly_seq_scheme.asym_id 
_pdbx_poly_seq_scheme.entity_id 
_pdbx_poly_seq_scheme.seq_id 
_pdbx_poly_seq_scheme.mon_id 
_pdbx_poly_seq_scheme.ndb_seq_num 
_pdbx_poly_seq_scheme.pdb_seq_num 
_pdbx_poly_seq_scheme.auth_seq_num 
_pdbx_poly_seq_scheme.pdb_mon_id 
_pdbx_poly_seq_scheme.auth_mon_id 
_pdbx_poly_seq_scheme.pdb_strand_id 
_pdbx_poly_seq_scheme.pdb_ins_code 
_pdbx_poly_seq_scheme.hetero 
A 1 1   MET 1   1   ?   ?   ?   A . n 
A 1 2   ARG 2   2   ?   ?   ?   A . n 
A 1 3   ARG 3   3   ?   ?   ?   A . n 
A 1 4   ARG 4   4   ?   ?   ?   A . n 
A 1 5   GLU 5   5   ?   ?   ?   A . n 
A 1 6   ASN 6   6   ?   ?   ?   A . n 
A 1 7   MET 7   7   7   MET MET A . n 
A 1 8   ASP 8   8   8   ASP ASP A . n 
A 1 9   VAL 9   9   9   VAL VAL A . n 
A 1 10  ASN 10  10  10  ASN ASN A . n 
A 1 11  LYS 11  11  11  LYS LYS A . n 
A 1 12  ALA 12  12  12  ALA ALA A . n 
A 1 13  ILE 13  13  13  ILE ILE A . n 
A 1 14  ARG 14  14  14  ARG ARG A . n 
A 1 15  THR 15  15  15  THR THR A . n 
A 1 16  ALA 16  16  16  ALA ALA A . n 
A 1 17  VAL 17  17  17  VAL VAL A . n 
A 1 18  ASP 18  18  18  ASP ASP A . n 
A 1 19  THR 19  19  19  THR THR A . n 
A 1 20  GLY 20  20  20  GLY GLY A . n 
A 1 21  LYS 21  21  21  LYS LYS A . n 
A 1 22  VAL 22  22  22  VAL VAL A . n 
A 1 23  ILE 23  23  23  ILE ILE A . n 
A 1 24  LEU 24  24  24  LEU LEU A . n 
A 1 25  GLY 25  25  25  GLY GLY A . n 
A 1 26  SER 26  26  26  SER SER A . n 
A 1 27  LYS 27  27  27  LYS LYS A . n 
A 1 28  ARG 28  28  28  ARG ARG A . n 
A 1 29  THR 29  29  29  THR THR A . n 
A 1 30  ILE 30  30  30  ILE ILE A . n 
A 1 31  LYS 31  31  31  LYS LYS A . n 
A 1 32  PHE 32  32  32  PHE PHE A . n 
A 1 33  VAL 33  33  33  VAL VAL A . n 
A 1 34  LYS 34  34  34  LYS LYS A . n 
A 1 35  HIS 35  35  35  HIS HIS A . n 
A 1 36  GLY 36  36  36  GLY GLY A . n 
A 1 37  GLU 37  37  37  GLU GLU A . n 
A 1 38  GLY 38  38  38  GLY GLY A . n 
A 1 39  LYS 39  39  39  LYS LYS A . n 
A 1 40  LEU 40  40  40  LEU LEU A . n 
A 1 41  VAL 41  41  41  VAL VAL A . n 
A 1 42  VAL 42  42  42  VAL VAL A . n 
A 1 43  LEU 43  43  43  LEU LEU A . n 
A 1 44  ALA 44  44  44  ALA ALA A . n 
A 1 45  GLY 45  45  45  GLY GLY A . n 
A 1 46  ASN 46  46  46  ASN ASN A . n 
A 1 47  ILE 47  47  47  ILE ILE A . n 
A 1 48  PRO 48  48  48  PRO PRO A . n 
A 1 49  LYS 49  49  49  LYS LYS A . n 
A 1 50  ASP 50  50  50  ASP ASP A . n 
A 1 51  LEU 51  51  51  LEU LEU A . n 
A 1 52  GLU 52  52  52  GLU GLU A . n 
A 1 53  GLU 53  53  53  GLU GLU A . n 
A 1 54  ASP 54  54  54  ASP ASP A . n 
A 1 55  VAL 55  55  55  VAL VAL A . n 
A 1 56  LYS 56  56  56  LYS LYS A . n 
A 1 57  TYR 57  57  57  TYR TYR A . n 
A 1 58  TYR 58  58  58  TYR TYR A . n 
A 1 59  ALA 59  59  59  ALA ALA A . n 
A 1 60  LYS 60  60  60  LYS LYS A . n 
A 1 61  LEU 61  61  61  LEU LEU A . n 
A 1 62  SER 62  62  62  SER SER A . n 
A 1 63  ASN 63  63  63  ASN ASN A . n 
A 1 64  ILE 64  64  64  ILE ILE A . n 
A 1 65  PRO 65  65  65  PRO PRO A . n 
A 1 66  VAL 66  66  66  VAL VAL A . n 
A 1 67  TYR 67  67  67  TYR TYR A . n 
A 1 68  GLN 68  68  68  GLN GLN A . n 
A 1 69  HIS 69  69  69  HIS HIS A . n 
A 1 70  LYS 70  70  70  LYS LYS A . n 
A 1 71  ILE 71  71  71  ILE ILE A . n 
A 1 72  THR 72  72  72  THR THR A . n 
A 1 73  SER 73  73  73  SER SER A . n 
A 1 74  LEU 74  74  74  LEU LEU A . n 
A 1 75  GLU 75  75  75  GLU GLU A . n 
A 1 76  LEU 76  76  76  LEU LEU A . n 
A 1 77  GLY 77  77  77  GLY GLY A . n 
A 1 78  ALA 78  78  78  ALA ALA A . n 
A 1 79  VAL 79  79  79  VAL VAL A . n 
A 1 80  CYS 80  80  80  CYS CYS A . n 
A 1 81  GLY 81  81  81  GLY GLY A . n 
A 1 82  LYS 82  82  82  LYS LYS A . n 
A 1 83  PRO 83  83  83  PRO PRO A . n 
A 1 84  PHE 84  84  84  PHE PHE A . n 
A 1 85  PRO 85  85  85  PRO PRO A . n 
A 1 86  VAL 86  86  86  VAL VAL A . n 
A 1 87  ALA 87  87  87  ALA ALA A . n 
A 1 88  ALA 88  88  88  ALA ALA A . n 
A 1 89  LEU 89  89  89  LEU LEU A . n 
A 1 90  LEU 90  90  90  LEU LEU A . n 
A 1 91  VAL 91  91  91  VAL VAL A . n 
A 1 92  LEU 92  92  92  LEU LEU A . n 
A 1 93  ASP 93  93  93  ASP ASP A . n 
A 1 94  GLU 94  94  94  GLU GLU A . n 
A 1 95  GLY 95  95  95  GLY GLY A . n 
A 1 96  LEU 96  96  96  LEU LEU A . n 
A 1 97  SER 97  97  97  SER SER A . n 
A 1 98  ASN 98  98  98  ASN ASN A . n 
A 1 99  ILE 99  99  99  ILE ILE A . n 
A 1 100 MET 100 100 100 MET MET A . n 
A 1 101 GLU 101 101 101 GLU GLU A . n 
A 1 102 LEU 102 102 102 LEU LEU A . n 
A 1 103 VAL 103 103 103 VAL VAL A . n 
A 1 104 GLU 104 104 104 GLU GLU A . n 
A 1 105 LYS 105 105 105 LYS LYS A . n 
A 1 106 LYS 106 106 ?   ?   ?   A . n 
A 1 107 GLU 107 107 ?   ?   ?   A . n 
A 1 108 GLY 108 108 ?   ?   ?   A . n 
A 1 109 GLY 109 109 ?   ?   ?   A . n 
A 1 110 GLU 110 110 ?   ?   ?   A . n 
B 1 1   MET 1   1   ?   ?   ?   B . n 
B 1 2   ARG 2   2   ?   ?   ?   B . n 
B 1 3   ARG 3   3   ?   ?   ?   B . n 
B 1 4   ARG 4   4   ?   ?   ?   B . n 
B 1 5   GLU 5   5   ?   ?   ?   B . n 
B 1 6   ASN 6   6   ?   ?   ?   B . n 
B 1 7   MET 7   7   7   MET MET B . n 
B 1 8   ASP 8   8   8   ASP ASP B . n 
B 1 9   VAL 9   9   9   VAL VAL B . n 
B 1 10  ASN 10  10  10  ASN ASN B . n 
B 1 11  LYS 11  11  11  LYS LYS B . n 
B 1 12  ALA 12  12  12  ALA ALA B . n 
B 1 13  ILE 13  13  13  ILE ILE B . n 
B 1 14  ARG 14  14  14  ARG ARG B . n 
B 1 15  THR 15  15  15  THR THR B . n 
B 1 16  ALA 16  16  16  ALA ALA B . n 
B 1 17  VAL 17  17  17  VAL VAL B . n 
B 1 18  ASP 18  18  18  ASP ASP B . n 
B 1 19  THR 19  19  19  THR THR B . n 
B 1 20  GLY 20  20  20  GLY GLY B . n 
B 1 21  LYS 21  21  21  LYS LYS B . n 
B 1 22  VAL 22  22  22  VAL VAL B . n 
B 1 23  ILE 23  23  23  ILE ILE B . n 
B 1 24  LEU 24  24  24  LEU LEU B . n 
B 1 25  GLY 25  25  25  GLY GLY B . n 
B 1 26  SER 26  26  26  SER SER B . n 
B 1 27  LYS 27  27  27  LYS LYS B . n 
B 1 28  ARG 28  28  28  ARG ARG B . n 
B 1 29  THR 29  29  29  THR THR B . n 
B 1 30  ILE 30  30  30  ILE ILE B . n 
B 1 31  LYS 31  31  31  LYS LYS B . n 
B 1 32  PHE 32  32  32  PHE PHE B . n 
B 1 33  VAL 33  33  33  VAL VAL B . n 
B 1 34  LYS 34  34  34  LYS LYS B . n 
B 1 35  HIS 35  35  35  HIS HIS B . n 
B 1 36  GLY 36  36  36  GLY GLY B . n 
B 1 37  GLU 37  37  37  GLU GLU B . n 
B 1 38  GLY 38  38  38  GLY GLY B . n 
B 1 39  LYS 39  39  39  LYS LYS B . n 
B 1 40  LEU 40  40  40  LEU LEU B . n 
B 1 41  VAL 41  41  41  VAL VAL B . n 
B 1 42  VAL 42  42  42  VAL VAL B . n 
B 1 43  LEU 43  43  43  LEU LEU B . n 
B 1 44  ALA 44  44  44  ALA ALA B . n 
B 1 45  GLY 45  45  45  GLY GLY B . n 
B 1 46  ASN 46  46  46  ASN ASN B . n 
B 1 47  ILE 47  47  47  ILE ILE B . n 
B 1 48  PRO 48  48  48  PRO PRO B . n 
B 1 49  LYS 49  49  49  LYS LYS B . n 
B 1 50  ASP 50  50  50  ASP ASP B . n 
B 1 51  LEU 51  51  51  LEU LEU B . n 
B 1 52  GLU 52  52  52  GLU GLU B . n 
B 1 53  GLU 53  53  53  GLU GLU B . n 
B 1 54  ASP 54  54  54  ASP ASP B . n 
B 1 55  VAL 55  55  55  VAL VAL B . n 
B 1 56  LYS 56  56  56  LYS LYS B . n 
B 1 57  TYR 57  57  57  TYR TYR B . n 
B 1 58  TYR 58  58  58  TYR TYR B . n 
B 1 59  ALA 59  59  59  ALA ALA B . n 
B 1 60  LYS 60  60  60  LYS LYS B . n 
B 1 61  LEU 61  61  61  LEU LEU B . n 
B 1 62  SER 62  62  62  SER SER B . n 
B 1 63  ASN 63  63  63  ASN ASN B . n 
B 1 64  ILE 64  64  64  ILE ILE B . n 
B 1 65  PRO 65  65  65  PRO PRO B . n 
B 1 66  VAL 66  66  66  VAL VAL B . n 
B 1 67  TYR 67  67  67  TYR TYR B . n 
B 1 68  GLN 68  68  68  GLN GLN B . n 
B 1 69  HIS 69  69  69  HIS HIS B . n 
B 1 70  LYS 70  70  70  LYS LYS B . n 
B 1 71  ILE 71  71  71  ILE ILE B . n 
B 1 72  THR 72  72  72  THR THR B . n 
B 1 73  SER 73  73  73  SER SER B . n 
B 1 74  LEU 74  74  74  LEU LEU B . n 
B 1 75  GLU 75  75  75  GLU GLU B . n 
B 1 76  LEU 76  76  76  LEU LEU B . n 
B 1 77  GLY 77  77  77  GLY GLY B . n 
B 1 78  ALA 78  78  78  ALA ALA B . n 
B 1 79  VAL 79  79  79  VAL VAL B . n 
B 1 80  CYS 80  80  80  CYS CYS B . n 
B 1 81  GLY 81  81  81  GLY GLY B . n 
B 1 82  LYS 82  82  82  LYS LYS B . n 
B 1 83  PRO 83  83  83  PRO PRO B . n 
B 1 84  PHE 84  84  84  PHE PHE B . n 
B 1 85  PRO 85  85  85  PRO PRO B . n 
B 1 86  VAL 86  86  86  VAL VAL B . n 
B 1 87  ALA 87  87  87  ALA ALA B . n 
B 1 88  ALA 88  88  88  ALA ALA B . n 
B 1 89  LEU 89  89  89  LEU LEU B . n 
B 1 90  LEU 90  90  90  LEU LEU B . n 
B 1 91  VAL 91  91  91  VAL VAL B . n 
B 1 92  LEU 92  92  92  LEU LEU B . n 
B 1 93  ASP 93  93  93  ASP ASP B . n 
B 1 94  GLU 94  94  94  GLU GLU B . n 
B 1 95  GLY 95  95  95  GLY GLY B . n 
B 1 96  LEU 96  96  96  LEU LEU B . n 
B 1 97  SER 97  97  97  SER SER B . n 
B 1 98  ASN 98  98  98  ASN ASN B . n 
B 1 99  ILE 99  99  99  ILE ILE B . n 
B 1 100 MET 100 100 100 MET MET B . n 
B 1 101 GLU 101 101 101 GLU GLU B . n 
B 1 102 LEU 102 102 102 LEU LEU B . n 
B 1 103 VAL 103 103 103 VAL VAL B . n 
B 1 104 GLU 104 104 104 GLU GLU B . n 
B 1 105 LYS 105 105 105 LYS LYS B . n 
B 1 106 LYS 106 106 106 LYS LYS B . n 
B 1 107 GLU 107 107 107 GLU GLU B . n 
B 1 108 GLY 108 108 ?   ?   ?   B . n 
B 1 109 GLY 109 109 ?   ?   ?   B . n 
B 1 110 GLU 110 110 ?   ?   ?   B . n 
# 
_pdbx_SG_project.id                    1 
_pdbx_SG_project.project_name          'NPPSFA, National Project on Protein Structural and Functional Analyses' 
_pdbx_SG_project.full_name_of_center   'RIKEN Structural Genomics/Proteomics Initiative' 
_pdbx_SG_project.initial_of_center     RSGI 
# 
loop_
_pdbx_nonpoly_scheme.asym_id 
_pdbx_nonpoly_scheme.entity_id 
_pdbx_nonpoly_scheme.mon_id 
_pdbx_nonpoly_scheme.ndb_seq_num 
_pdbx_nonpoly_scheme.pdb_seq_num 
_pdbx_nonpoly_scheme.auth_seq_num 
_pdbx_nonpoly_scheme.pdb_mon_id 
_pdbx_nonpoly_scheme.auth_mon_id 
_pdbx_nonpoly_scheme.pdb_strand_id 
_pdbx_nonpoly_scheme.pdb_ins_code 
C 2 HOH 1  201 201 HOH HOH A . 
C 2 HOH 2  202 202 HOH HOH A . 
C 2 HOH 3  204 204 HOH HOH A . 
C 2 HOH 4  205 205 HOH HOH A . 
C 2 HOH 5  206 206 HOH HOH A . 
C 2 HOH 6  210 210 HOH HOH A . 
C 2 HOH 7  212 212 HOH HOH A . 
C 2 HOH 8  213 213 HOH HOH A . 
C 2 HOH 9  217 217 HOH HOH A . 
C 2 HOH 10 219 219 HOH HOH A . 
C 2 HOH 11 221 221 HOH HOH A . 
C 2 HOH 12 222 222 HOH HOH A . 
C 2 HOH 13 223 223 HOH HOH A . 
C 2 HOH 14 224 224 HOH HOH A . 
C 2 HOH 15 225 225 HOH HOH A . 
C 2 HOH 16 226 226 HOH HOH A . 
C 2 HOH 17 227 227 HOH HOH A . 
C 2 HOH 18 231 231 HOH HOH A . 
C 2 HOH 19 234 234 HOH HOH A . 
C 2 HOH 20 235 235 HOH HOH A . 
C 2 HOH 21 236 236 HOH HOH A . 
C 2 HOH 22 238 238 HOH HOH A . 
C 2 HOH 23 239 239 HOH HOH A . 
C 2 HOH 24 241 241 HOH HOH A . 
C 2 HOH 25 244 244 HOH HOH A . 
C 2 HOH 26 248 248 HOH HOH A . 
C 2 HOH 27 249 249 HOH HOH A . 
C 2 HOH 28 250 250 HOH HOH A . 
C 2 HOH 29 251 251 HOH HOH A . 
C 2 HOH 30 252 252 HOH HOH A . 
C 2 HOH 31 254 254 HOH HOH A . 
C 2 HOH 32 256 256 HOH HOH A . 
C 2 HOH 33 257 257 HOH HOH A . 
C 2 HOH 34 259 259 HOH HOH A . 
C 2 HOH 35 262 262 HOH HOH A . 
C 2 HOH 36 263 263 HOH HOH A . 
C 2 HOH 37 264 264 HOH HOH A . 
C 2 HOH 38 267 267 HOH HOH A . 
C 2 HOH 39 268 268 HOH HOH A . 
C 2 HOH 40 272 272 HOH HOH A . 
C 2 HOH 41 273 273 HOH HOH A . 
C 2 HOH 42 275 275 HOH HOH A . 
C 2 HOH 43 276 276 HOH HOH A . 
C 2 HOH 44 277 277 HOH HOH A . 
C 2 HOH 45 278 278 HOH HOH A . 
C 2 HOH 46 279 279 HOH HOH A . 
C 2 HOH 47 280 280 HOH HOH A . 
C 2 HOH 48 284 284 HOH HOH A . 
C 2 HOH 49 285 285 HOH HOH A . 
C 2 HOH 50 286 286 HOH HOH A . 
C 2 HOH 51 289 289 HOH HOH A . 
C 2 HOH 52 290 290 HOH HOH A . 
C 2 HOH 53 291 291 HOH HOH A . 
C 2 HOH 54 293 293 HOH HOH A . 
C 2 HOH 55 294 294 HOH HOH A . 
C 2 HOH 56 299 299 HOH HOH A . 
C 2 HOH 57 300 300 HOH HOH A . 
C 2 HOH 58 301 301 HOH HOH A . 
C 2 HOH 59 305 305 HOH HOH A . 
C 2 HOH 60 322 322 HOH HOH A . 
C 2 HOH 61 323 323 HOH HOH A . 
C 2 HOH 62 324 324 HOH HOH A . 
C 2 HOH 63 325 325 HOH HOH A . 
C 2 HOH 64 326 326 HOH HOH A . 
C 2 HOH 65 327 327 HOH HOH A . 
D 2 HOH 1  203 203 HOH HOH B . 
D 2 HOH 2  207 207 HOH HOH B . 
D 2 HOH 3  208 208 HOH HOH B . 
D 2 HOH 4  209 209 HOH HOH B . 
D 2 HOH 5  211 211 HOH HOH B . 
D 2 HOH 6  214 214 HOH HOH B . 
D 2 HOH 7  215 215 HOH HOH B . 
D 2 HOH 8  216 216 HOH HOH B . 
D 2 HOH 9  218 218 HOH HOH B . 
D 2 HOH 10 220 220 HOH HOH B . 
D 2 HOH 11 228 228 HOH HOH B . 
D 2 HOH 12 229 229 HOH HOH B . 
D 2 HOH 13 230 230 HOH HOH B . 
D 2 HOH 14 232 232 HOH HOH B . 
D 2 HOH 15 233 233 HOH HOH B . 
D 2 HOH 16 237 237 HOH HOH B . 
D 2 HOH 17 240 240 HOH HOH B . 
D 2 HOH 18 242 242 HOH HOH B . 
D 2 HOH 19 243 243 HOH HOH B . 
D 2 HOH 20 245 245 HOH HOH B . 
D 2 HOH 21 246 246 HOH HOH B . 
D 2 HOH 22 247 247 HOH HOH B . 
D 2 HOH 23 253 253 HOH HOH B . 
D 2 HOH 24 255 255 HOH HOH B . 
D 2 HOH 25 258 258 HOH HOH B . 
D 2 HOH 26 260 260 HOH HOH B . 
D 2 HOH 27 261 261 HOH HOH B . 
D 2 HOH 28 265 265 HOH HOH B . 
D 2 HOH 29 266 266 HOH HOH B . 
D 2 HOH 30 269 269 HOH HOH B . 
D 2 HOH 31 270 270 HOH HOH B . 
D 2 HOH 32 271 271 HOH HOH B . 
D 2 HOH 33 274 274 HOH HOH B . 
D 2 HOH 34 281 281 HOH HOH B . 
D 2 HOH 35 282 282 HOH HOH B . 
D 2 HOH 36 283 283 HOH HOH B . 
D 2 HOH 37 287 287 HOH HOH B . 
D 2 HOH 38 288 288 HOH HOH B . 
D 2 HOH 39 292 292 HOH HOH B . 
D 2 HOH 40 295 295 HOH HOH B . 
D 2 HOH 41 296 296 HOH HOH B . 
D 2 HOH 42 297 297 HOH HOH B . 
D 2 HOH 43 298 298 HOH HOH B . 
D 2 HOH 44 302 302 HOH HOH B . 
D 2 HOH 45 303 303 HOH HOH B . 
D 2 HOH 46 304 304 HOH HOH B . 
D 2 HOH 47 306 306 HOH HOH B . 
D 2 HOH 48 307 307 HOH HOH B . 
D 2 HOH 49 308 308 HOH HOH B . 
D 2 HOH 50 309 309 HOH HOH B . 
D 2 HOH 51 310 310 HOH HOH B . 
D 2 HOH 52 311 311 HOH HOH B . 
D 2 HOH 53 312 312 HOH HOH B . 
D 2 HOH 54 313 313 HOH HOH B . 
D 2 HOH 55 314 314 HOH HOH B . 
D 2 HOH 56 315 315 HOH HOH B . 
D 2 HOH 57 316 316 HOH HOH B . 
D 2 HOH 58 317 317 HOH HOH B . 
D 2 HOH 59 318 318 HOH HOH B . 
D 2 HOH 60 319 319 HOH HOH B . 
D 2 HOH 61 320 320 HOH HOH B . 
D 2 HOH 62 321 321 HOH HOH B . 
# 
loop_
_pdbx_struct_assembly.id 
_pdbx_struct_assembly.details 
_pdbx_struct_assembly.method_details 
_pdbx_struct_assembly.oligomeric_details 
_pdbx_struct_assembly.oligomeric_count 
1 author_defined_assembly   ?    dimeric   2 
2 software_defined_assembly PISA monomeric 1 
3 software_defined_assembly PISA monomeric 1 
# 
loop_
_pdbx_struct_assembly_gen.assembly_id 
_pdbx_struct_assembly_gen.oper_expression 
_pdbx_struct_assembly_gen.asym_id_list 
1 1 A,B,C,D 
2 1 A,C     
3 1 B,D     
# 
_pdbx_struct_oper_list.id                   1 
_pdbx_struct_oper_list.type                 'identity operation' 
_pdbx_struct_oper_list.name                 1_555 
_pdbx_struct_oper_list.symmetry_operation   x,y,z 
_pdbx_struct_oper_list.matrix[1][1]         1.0000000000 
_pdbx_struct_oper_list.matrix[1][2]         0.0000000000 
_pdbx_struct_oper_list.matrix[1][3]         0.0000000000 
_pdbx_struct_oper_list.vector[1]            0.0000000000 
_pdbx_struct_oper_list.matrix[2][1]         0.0000000000 
_pdbx_struct_oper_list.matrix[2][2]         1.0000000000 
_pdbx_struct_oper_list.matrix[2][3]         0.0000000000 
_pdbx_struct_oper_list.vector[2]            0.0000000000 
_pdbx_struct_oper_list.matrix[3][1]         0.0000000000 
_pdbx_struct_oper_list.matrix[3][2]         0.0000000000 
_pdbx_struct_oper_list.matrix[3][3]         1.0000000000 
_pdbx_struct_oper_list.vector[3]            0.0000000000 
# 
loop_
_pdbx_audit_revision_history.ordinal 
_pdbx_audit_revision_history.data_content_type 
_pdbx_audit_revision_history.major_revision 
_pdbx_audit_revision_history.minor_revision 
_pdbx_audit_revision_history.revision_date 
1 'Structure model' 1 0 2009-04-07 
2 'Structure model' 1 1 2011-07-13 
3 'Structure model' 1 2 2023-11-01 
# 
_pdbx_audit_revision_details.ordinal             1 
_pdbx_audit_revision_details.revision_ordinal    1 
_pdbx_audit_revision_details.data_content_type   'Structure model' 
_pdbx_audit_revision_details.provider            repository 
_pdbx_audit_revision_details.type                'Initial release' 
_pdbx_audit_revision_details.description         ? 
_pdbx_audit_revision_details.details             ? 
# 
loop_
_pdbx_audit_revision_group.ordinal 
_pdbx_audit_revision_group.revision_ordinal 
_pdbx_audit_revision_group.data_content_type 
_pdbx_audit_revision_group.group 
1 2 'Structure model' 'Version format compliance' 
2 3 'Structure model' 'Data collection'           
3 3 'Structure model' 'Database references'       
4 3 'Structure model' 'Refinement description'    
# 
loop_
_pdbx_audit_revision_category.ordinal 
_pdbx_audit_revision_category.revision_ordinal 
_pdbx_audit_revision_category.data_content_type 
_pdbx_audit_revision_category.category 
1 3 'Structure model' chem_comp_atom                
2 3 'Structure model' chem_comp_bond                
3 3 'Structure model' database_2                    
4 3 'Structure model' pdbx_initial_refinement_model 
# 
loop_
_pdbx_audit_revision_item.ordinal 
_pdbx_audit_revision_item.revision_ordinal 
_pdbx_audit_revision_item.data_content_type 
_pdbx_audit_revision_item.item 
1 3 'Structure model' '_database_2.pdbx_DOI'                
2 3 'Structure model' '_database_2.pdbx_database_accession' 
# 
loop_
_software.name 
_software.classification 
_software.version 
_software.citation_id 
_software.pdbx_ordinal 
CNS       refinement        1.1 ? 1 
HKL-2000  'data collection' .   ? 2 
HKL-2000  'data reduction'  .   ? 3 
SCALEPACK 'data scaling'    .   ? 4 
CNS       phasing           .   ? 5 
# 
_pdbx_validate_torsion.id              1 
_pdbx_validate_torsion.PDB_model_num   1 
_pdbx_validate_torsion.auth_comp_id    LYS 
_pdbx_validate_torsion.auth_asym_id    B 
_pdbx_validate_torsion.auth_seq_id     105 
_pdbx_validate_torsion.PDB_ins_code    ? 
_pdbx_validate_torsion.label_alt_id    ? 
_pdbx_validate_torsion.phi             -107.64 
_pdbx_validate_torsion.psi             40.44 
# 
loop_
_pdbx_unobs_or_zero_occ_residues.id 
_pdbx_unobs_or_zero_occ_residues.PDB_model_num 
_pdbx_unobs_or_zero_occ_residues.polymer_flag 
_pdbx_unobs_or_zero_occ_residues.occupancy_flag 
_pdbx_unobs_or_zero_occ_residues.auth_asym_id 
_pdbx_unobs_or_zero_occ_residues.auth_comp_id 
_pdbx_unobs_or_zero_occ_residues.auth_seq_id 
_pdbx_unobs_or_zero_occ_residues.PDB_ins_code 
_pdbx_unobs_or_zero_occ_residues.label_asym_id 
_pdbx_unobs_or_zero_occ_residues.label_comp_id 
_pdbx_unobs_or_zero_occ_residues.label_seq_id 
1  1 Y 1 A MET 1   ? A MET 1   
2  1 Y 1 A ARG 2   ? A ARG 2   
3  1 Y 1 A ARG 3   ? A ARG 3   
4  1 Y 1 A ARG 4   ? A ARG 4   
5  1 Y 1 A GLU 5   ? A GLU 5   
6  1 Y 1 A ASN 6   ? A ASN 6   
7  1 Y 1 A LYS 106 ? A LYS 106 
8  1 Y 1 A GLU 107 ? A GLU 107 
9  1 Y 1 A GLY 108 ? A GLY 108 
10 1 Y 1 A GLY 109 ? A GLY 109 
11 1 Y 1 A GLU 110 ? A GLU 110 
12 1 Y 1 B MET 1   ? B MET 1   
13 1 Y 1 B ARG 2   ? B ARG 2   
14 1 Y 1 B ARG 3   ? B ARG 3   
15 1 Y 1 B ARG 4   ? B ARG 4   
16 1 Y 1 B GLU 5   ? B GLU 5   
17 1 Y 1 B ASN 6   ? B ASN 6   
18 1 Y 1 B GLY 108 ? B GLY 108 
19 1 Y 1 B GLY 109 ? B GLY 109 
20 1 Y 1 B GLU 110 ? B GLU 110 
# 
loop_
_chem_comp_atom.comp_id 
_chem_comp_atom.atom_id 
_chem_comp_atom.type_symbol 
_chem_comp_atom.pdbx_aromatic_flag 
_chem_comp_atom.pdbx_stereo_config 
_chem_comp_atom.pdbx_ordinal 
ALA N    N N N 1   
ALA CA   C N S 2   
ALA C    C N N 3   
ALA O    O N N 4   
ALA CB   C N N 5   
ALA OXT  O N N 6   
ALA H    H N N 7   
ALA H2   H N N 8   
ALA HA   H N N 9   
ALA HB1  H N N 10  
ALA HB2  H N N 11  
ALA HB3  H N N 12  
ALA HXT  H N N 13  
ARG N    N N N 14  
ARG CA   C N S 15  
ARG C    C N N 16  
ARG O    O N N 17  
ARG CB   C N N 18  
ARG CG   C N N 19  
ARG CD   C N N 20  
ARG NE   N N N 21  
ARG CZ   C N N 22  
ARG NH1  N N N 23  
ARG NH2  N N N 24  
ARG OXT  O N N 25  
ARG H    H N N 26  
ARG H2   H N N 27  
ARG HA   H N N 28  
ARG HB2  H N N 29  
ARG HB3  H N N 30  
ARG HG2  H N N 31  
ARG HG3  H N N 32  
ARG HD2  H N N 33  
ARG HD3  H N N 34  
ARG HE   H N N 35  
ARG HH11 H N N 36  
ARG HH12 H N N 37  
ARG HH21 H N N 38  
ARG HH22 H N N 39  
ARG HXT  H N N 40  
ASN N    N N N 41  
ASN CA   C N S 42  
ASN C    C N N 43  
ASN O    O N N 44  
ASN CB   C N N 45  
ASN CG   C N N 46  
ASN OD1  O N N 47  
ASN ND2  N N N 48  
ASN OXT  O N N 49  
ASN H    H N N 50  
ASN H2   H N N 51  
ASN HA   H N N 52  
ASN HB2  H N N 53  
ASN HB3  H N N 54  
ASN HD21 H N N 55  
ASN HD22 H N N 56  
ASN HXT  H N N 57  
ASP N    N N N 58  
ASP CA   C N S 59  
ASP C    C N N 60  
ASP O    O N N 61  
ASP CB   C N N 62  
ASP CG   C N N 63  
ASP OD1  O N N 64  
ASP OD2  O N N 65  
ASP OXT  O N N 66  
ASP H    H N N 67  
ASP H2   H N N 68  
ASP HA   H N N 69  
ASP HB2  H N N 70  
ASP HB3  H N N 71  
ASP HD2  H N N 72  
ASP HXT  H N N 73  
CYS N    N N N 74  
CYS CA   C N R 75  
CYS C    C N N 76  
CYS O    O N N 77  
CYS CB   C N N 78  
CYS SG   S N N 79  
CYS OXT  O N N 80  
CYS H    H N N 81  
CYS H2   H N N 82  
CYS HA   H N N 83  
CYS HB2  H N N 84  
CYS HB3  H N N 85  
CYS HG   H N N 86  
CYS HXT  H N N 87  
GLN N    N N N 88  
GLN CA   C N S 89  
GLN C    C N N 90  
GLN O    O N N 91  
GLN CB   C N N 92  
GLN CG   C N N 93  
GLN CD   C N N 94  
GLN OE1  O N N 95  
GLN NE2  N N N 96  
GLN OXT  O N N 97  
GLN H    H N N 98  
GLN H2   H N N 99  
GLN HA   H N N 100 
GLN HB2  H N N 101 
GLN HB3  H N N 102 
GLN HG2  H N N 103 
GLN HG3  H N N 104 
GLN HE21 H N N 105 
GLN HE22 H N N 106 
GLN HXT  H N N 107 
GLU N    N N N 108 
GLU CA   C N S 109 
GLU C    C N N 110 
GLU O    O N N 111 
GLU CB   C N N 112 
GLU CG   C N N 113 
GLU CD   C N N 114 
GLU OE1  O N N 115 
GLU OE2  O N N 116 
GLU OXT  O N N 117 
GLU H    H N N 118 
GLU H2   H N N 119 
GLU HA   H N N 120 
GLU HB2  H N N 121 
GLU HB3  H N N 122 
GLU HG2  H N N 123 
GLU HG3  H N N 124 
GLU HE2  H N N 125 
GLU HXT  H N N 126 
GLY N    N N N 127 
GLY CA   C N N 128 
GLY C    C N N 129 
GLY O    O N N 130 
GLY OXT  O N N 131 
GLY H    H N N 132 
GLY H2   H N N 133 
GLY HA2  H N N 134 
GLY HA3  H N N 135 
GLY HXT  H N N 136 
HIS N    N N N 137 
HIS CA   C N S 138 
HIS C    C N N 139 
HIS O    O N N 140 
HIS CB   C N N 141 
HIS CG   C Y N 142 
HIS ND1  N Y N 143 
HIS CD2  C Y N 144 
HIS CE1  C Y N 145 
HIS NE2  N Y N 146 
HIS OXT  O N N 147 
HIS H    H N N 148 
HIS H2   H N N 149 
HIS HA   H N N 150 
HIS HB2  H N N 151 
HIS HB3  H N N 152 
HIS HD1  H N N 153 
HIS HD2  H N N 154 
HIS HE1  H N N 155 
HIS HE2  H N N 156 
HIS HXT  H N N 157 
HOH O    O N N 158 
HOH H1   H N N 159 
HOH H2   H N N 160 
ILE N    N N N 161 
ILE CA   C N S 162 
ILE C    C N N 163 
ILE O    O N N 164 
ILE CB   C N S 165 
ILE CG1  C N N 166 
ILE CG2  C N N 167 
ILE CD1  C N N 168 
ILE OXT  O N N 169 
ILE H    H N N 170 
ILE H2   H N N 171 
ILE HA   H N N 172 
ILE HB   H N N 173 
ILE HG12 H N N 174 
ILE HG13 H N N 175 
ILE HG21 H N N 176 
ILE HG22 H N N 177 
ILE HG23 H N N 178 
ILE HD11 H N N 179 
ILE HD12 H N N 180 
ILE HD13 H N N 181 
ILE HXT  H N N 182 
LEU N    N N N 183 
LEU CA   C N S 184 
LEU C    C N N 185 
LEU O    O N N 186 
LEU CB   C N N 187 
LEU CG   C N N 188 
LEU CD1  C N N 189 
LEU CD2  C N N 190 
LEU OXT  O N N 191 
LEU H    H N N 192 
LEU H2   H N N 193 
LEU HA   H N N 194 
LEU HB2  H N N 195 
LEU HB3  H N N 196 
LEU HG   H N N 197 
LEU HD11 H N N 198 
LEU HD12 H N N 199 
LEU HD13 H N N 200 
LEU HD21 H N N 201 
LEU HD22 H N N 202 
LEU HD23 H N N 203 
LEU HXT  H N N 204 
LYS N    N N N 205 
LYS CA   C N S 206 
LYS C    C N N 207 
LYS O    O N N 208 
LYS CB   C N N 209 
LYS CG   C N N 210 
LYS CD   C N N 211 
LYS CE   C N N 212 
LYS NZ   N N N 213 
LYS OXT  O N N 214 
LYS H    H N N 215 
LYS H2   H N N 216 
LYS HA   H N N 217 
LYS HB2  H N N 218 
LYS HB3  H N N 219 
LYS HG2  H N N 220 
LYS HG3  H N N 221 
LYS HD2  H N N 222 
LYS HD3  H N N 223 
LYS HE2  H N N 224 
LYS HE3  H N N 225 
LYS HZ1  H N N 226 
LYS HZ2  H N N 227 
LYS HZ3  H N N 228 
LYS HXT  H N N 229 
MET N    N N N 230 
MET CA   C N S 231 
MET C    C N N 232 
MET O    O N N 233 
MET CB   C N N 234 
MET CG   C N N 235 
MET SD   S N N 236 
MET CE   C N N 237 
MET OXT  O N N 238 
MET H    H N N 239 
MET H2   H N N 240 
MET HA   H N N 241 
MET HB2  H N N 242 
MET HB3  H N N 243 
MET HG2  H N N 244 
MET HG3  H N N 245 
MET HE1  H N N 246 
MET HE2  H N N 247 
MET HE3  H N N 248 
MET HXT  H N N 249 
PHE N    N N N 250 
PHE CA   C N S 251 
PHE C    C N N 252 
PHE O    O N N 253 
PHE CB   C N N 254 
PHE CG   C Y N 255 
PHE CD1  C Y N 256 
PHE CD2  C Y N 257 
PHE CE1  C Y N 258 
PHE CE2  C Y N 259 
PHE CZ   C Y N 260 
PHE OXT  O N N 261 
PHE H    H N N 262 
PHE H2   H N N 263 
PHE HA   H N N 264 
PHE HB2  H N N 265 
PHE HB3  H N N 266 
PHE HD1  H N N 267 
PHE HD2  H N N 268 
PHE HE1  H N N 269 
PHE HE2  H N N 270 
PHE HZ   H N N 271 
PHE HXT  H N N 272 
PRO N    N N N 273 
PRO CA   C N S 274 
PRO C    C N N 275 
PRO O    O N N 276 
PRO CB   C N N 277 
PRO CG   C N N 278 
PRO CD   C N N 279 
PRO OXT  O N N 280 
PRO H    H N N 281 
PRO HA   H N N 282 
PRO HB2  H N N 283 
PRO HB3  H N N 284 
PRO HG2  H N N 285 
PRO HG3  H N N 286 
PRO HD2  H N N 287 
PRO HD3  H N N 288 
PRO HXT  H N N 289 
SER N    N N N 290 
SER CA   C N S 291 
SER C    C N N 292 
SER O    O N N 293 
SER CB   C N N 294 
SER OG   O N N 295 
SER OXT  O N N 296 
SER H    H N N 297 
SER H2   H N N 298 
SER HA   H N N 299 
SER HB2  H N N 300 
SER HB3  H N N 301 
SER HG   H N N 302 
SER HXT  H N N 303 
THR N    N N N 304 
THR CA   C N S 305 
THR C    C N N 306 
THR O    O N N 307 
THR CB   C N R 308 
THR OG1  O N N 309 
THR CG2  C N N 310 
THR OXT  O N N 311 
THR H    H N N 312 
THR H2   H N N 313 
THR HA   H N N 314 
THR HB   H N N 315 
THR HG1  H N N 316 
THR HG21 H N N 317 
THR HG22 H N N 318 
THR HG23 H N N 319 
THR HXT  H N N 320 
TYR N    N N N 321 
TYR CA   C N S 322 
TYR C    C N N 323 
TYR O    O N N 324 
TYR CB   C N N 325 
TYR CG   C Y N 326 
TYR CD1  C Y N 327 
TYR CD2  C Y N 328 
TYR CE1  C Y N 329 
TYR CE2  C Y N 330 
TYR CZ   C Y N 331 
TYR OH   O N N 332 
TYR OXT  O N N 333 
TYR H    H N N 334 
TYR H2   H N N 335 
TYR HA   H N N 336 
TYR HB2  H N N 337 
TYR HB3  H N N 338 
TYR HD1  H N N 339 
TYR HD2  H N N 340 
TYR HE1  H N N 341 
TYR HE2  H N N 342 
TYR HH   H N N 343 
TYR HXT  H N N 344 
VAL N    N N N 345 
VAL CA   C N S 346 
VAL C    C N N 347 
VAL O    O N N 348 
VAL CB   C N N 349 
VAL CG1  C N N 350 
VAL CG2  C N N 351 
VAL OXT  O N N 352 
VAL H    H N N 353 
VAL H2   H N N 354 
VAL HA   H N N 355 
VAL HB   H N N 356 
VAL HG11 H N N 357 
VAL HG12 H N N 358 
VAL HG13 H N N 359 
VAL HG21 H N N 360 
VAL HG22 H N N 361 
VAL HG23 H N N 362 
VAL HXT  H N N 363 
# 
loop_
_chem_comp_bond.comp_id 
_chem_comp_bond.atom_id_1 
_chem_comp_bond.atom_id_2 
_chem_comp_bond.value_order 
_chem_comp_bond.pdbx_aromatic_flag 
_chem_comp_bond.pdbx_stereo_config 
_chem_comp_bond.pdbx_ordinal 
ALA N   CA   sing N N 1   
ALA N   H    sing N N 2   
ALA N   H2   sing N N 3   
ALA CA  C    sing N N 4   
ALA CA  CB   sing N N 5   
ALA CA  HA   sing N N 6   
ALA C   O    doub N N 7   
ALA C   OXT  sing N N 8   
ALA CB  HB1  sing N N 9   
ALA CB  HB2  sing N N 10  
ALA CB  HB3  sing N N 11  
ALA OXT HXT  sing N N 12  
ARG N   CA   sing N N 13  
ARG N   H    sing N N 14  
ARG N   H2   sing N N 15  
ARG CA  C    sing N N 16  
ARG CA  CB   sing N N 17  
ARG CA  HA   sing N N 18  
ARG C   O    doub N N 19  
ARG C   OXT  sing N N 20  
ARG CB  CG   sing N N 21  
ARG CB  HB2  sing N N 22  
ARG CB  HB3  sing N N 23  
ARG CG  CD   sing N N 24  
ARG CG  HG2  sing N N 25  
ARG CG  HG3  sing N N 26  
ARG CD  NE   sing N N 27  
ARG CD  HD2  sing N N 28  
ARG CD  HD3  sing N N 29  
ARG NE  CZ   sing N N 30  
ARG NE  HE   sing N N 31  
ARG CZ  NH1  sing N N 32  
ARG CZ  NH2  doub N N 33  
ARG NH1 HH11 sing N N 34  
ARG NH1 HH12 sing N N 35  
ARG NH2 HH21 sing N N 36  
ARG NH2 HH22 sing N N 37  
ARG OXT HXT  sing N N 38  
ASN N   CA   sing N N 39  
ASN N   H    sing N N 40  
ASN N   H2   sing N N 41  
ASN CA  C    sing N N 42  
ASN CA  CB   sing N N 43  
ASN CA  HA   sing N N 44  
ASN C   O    doub N N 45  
ASN C   OXT  sing N N 46  
ASN CB  CG   sing N N 47  
ASN CB  HB2  sing N N 48  
ASN CB  HB3  sing N N 49  
ASN CG  OD1  doub N N 50  
ASN CG  ND2  sing N N 51  
ASN ND2 HD21 sing N N 52  
ASN ND2 HD22 sing N N 53  
ASN OXT HXT  sing N N 54  
ASP N   CA   sing N N 55  
ASP N   H    sing N N 56  
ASP N   H2   sing N N 57  
ASP CA  C    sing N N 58  
ASP CA  CB   sing N N 59  
ASP CA  HA   sing N N 60  
ASP C   O    doub N N 61  
ASP C   OXT  sing N N 62  
ASP CB  CG   sing N N 63  
ASP CB  HB2  sing N N 64  
ASP CB  HB3  sing N N 65  
ASP CG  OD1  doub N N 66  
ASP CG  OD2  sing N N 67  
ASP OD2 HD2  sing N N 68  
ASP OXT HXT  sing N N 69  
CYS N   CA   sing N N 70  
CYS N   H    sing N N 71  
CYS N   H2   sing N N 72  
CYS CA  C    sing N N 73  
CYS CA  CB   sing N N 74  
CYS CA  HA   sing N N 75  
CYS C   O    doub N N 76  
CYS C   OXT  sing N N 77  
CYS CB  SG   sing N N 78  
CYS CB  HB2  sing N N 79  
CYS CB  HB3  sing N N 80  
CYS SG  HG   sing N N 81  
CYS OXT HXT  sing N N 82  
GLN N   CA   sing N N 83  
GLN N   H    sing N N 84  
GLN N   H2   sing N N 85  
GLN CA  C    sing N N 86  
GLN CA  CB   sing N N 87  
GLN CA  HA   sing N N 88  
GLN C   O    doub N N 89  
GLN C   OXT  sing N N 90  
GLN CB  CG   sing N N 91  
GLN CB  HB2  sing N N 92  
GLN CB  HB3  sing N N 93  
GLN CG  CD   sing N N 94  
GLN CG  HG2  sing N N 95  
GLN CG  HG3  sing N N 96  
GLN CD  OE1  doub N N 97  
GLN CD  NE2  sing N N 98  
GLN NE2 HE21 sing N N 99  
GLN NE2 HE22 sing N N 100 
GLN OXT HXT  sing N N 101 
GLU N   CA   sing N N 102 
GLU N   H    sing N N 103 
GLU N   H2   sing N N 104 
GLU CA  C    sing N N 105 
GLU CA  CB   sing N N 106 
GLU CA  HA   sing N N 107 
GLU C   O    doub N N 108 
GLU C   OXT  sing N N 109 
GLU CB  CG   sing N N 110 
GLU CB  HB2  sing N N 111 
GLU CB  HB3  sing N N 112 
GLU CG  CD   sing N N 113 
GLU CG  HG2  sing N N 114 
GLU CG  HG3  sing N N 115 
GLU CD  OE1  doub N N 116 
GLU CD  OE2  sing N N 117 
GLU OE2 HE2  sing N N 118 
GLU OXT HXT  sing N N 119 
GLY N   CA   sing N N 120 
GLY N   H    sing N N 121 
GLY N   H2   sing N N 122 
GLY CA  C    sing N N 123 
GLY CA  HA2  sing N N 124 
GLY CA  HA3  sing N N 125 
GLY C   O    doub N N 126 
GLY C   OXT  sing N N 127 
GLY OXT HXT  sing N N 128 
HIS N   CA   sing N N 129 
HIS N   H    sing N N 130 
HIS N   H2   sing N N 131 
HIS CA  C    sing N N 132 
HIS CA  CB   sing N N 133 
HIS CA  HA   sing N N 134 
HIS C   O    doub N N 135 
HIS C   OXT  sing N N 136 
HIS CB  CG   sing N N 137 
HIS CB  HB2  sing N N 138 
HIS CB  HB3  sing N N 139 
HIS CG  ND1  sing Y N 140 
HIS CG  CD2  doub Y N 141 
HIS ND1 CE1  doub Y N 142 
HIS ND1 HD1  sing N N 143 
HIS CD2 NE2  sing Y N 144 
HIS CD2 HD2  sing N N 145 
HIS CE1 NE2  sing Y N 146 
HIS CE1 HE1  sing N N 147 
HIS NE2 HE2  sing N N 148 
HIS OXT HXT  sing N N 149 
HOH O   H1   sing N N 150 
HOH O   H2   sing N N 151 
ILE N   CA   sing N N 152 
ILE N   H    sing N N 153 
ILE N   H2   sing N N 154 
ILE CA  C    sing N N 155 
ILE CA  CB   sing N N 156 
ILE CA  HA   sing N N 157 
ILE C   O    doub N N 158 
ILE C   OXT  sing N N 159 
ILE CB  CG1  sing N N 160 
ILE CB  CG2  sing N N 161 
ILE CB  HB   sing N N 162 
ILE CG1 CD1  sing N N 163 
ILE CG1 HG12 sing N N 164 
ILE CG1 HG13 sing N N 165 
ILE CG2 HG21 sing N N 166 
ILE CG2 HG22 sing N N 167 
ILE CG2 HG23 sing N N 168 
ILE CD1 HD11 sing N N 169 
ILE CD1 HD12 sing N N 170 
ILE CD1 HD13 sing N N 171 
ILE OXT HXT  sing N N 172 
LEU N   CA   sing N N 173 
LEU N   H    sing N N 174 
LEU N   H2   sing N N 175 
LEU CA  C    sing N N 176 
LEU CA  CB   sing N N 177 
LEU CA  HA   sing N N 178 
LEU C   O    doub N N 179 
LEU C   OXT  sing N N 180 
LEU CB  CG   sing N N 181 
LEU CB  HB2  sing N N 182 
LEU CB  HB3  sing N N 183 
LEU CG  CD1  sing N N 184 
LEU CG  CD2  sing N N 185 
LEU CG  HG   sing N N 186 
LEU CD1 HD11 sing N N 187 
LEU CD1 HD12 sing N N 188 
LEU CD1 HD13 sing N N 189 
LEU CD2 HD21 sing N N 190 
LEU CD2 HD22 sing N N 191 
LEU CD2 HD23 sing N N 192 
LEU OXT HXT  sing N N 193 
LYS N   CA   sing N N 194 
LYS N   H    sing N N 195 
LYS N   H2   sing N N 196 
LYS CA  C    sing N N 197 
LYS CA  CB   sing N N 198 
LYS CA  HA   sing N N 199 
LYS C   O    doub N N 200 
LYS C   OXT  sing N N 201 
LYS CB  CG   sing N N 202 
LYS CB  HB2  sing N N 203 
LYS CB  HB3  sing N N 204 
LYS CG  CD   sing N N 205 
LYS CG  HG2  sing N N 206 
LYS CG  HG3  sing N N 207 
LYS CD  CE   sing N N 208 
LYS CD  HD2  sing N N 209 
LYS CD  HD3  sing N N 210 
LYS CE  NZ   sing N N 211 
LYS CE  HE2  sing N N 212 
LYS CE  HE3  sing N N 213 
LYS NZ  HZ1  sing N N 214 
LYS NZ  HZ2  sing N N 215 
LYS NZ  HZ3  sing N N 216 
LYS OXT HXT  sing N N 217 
MET N   CA   sing N N 218 
MET N   H    sing N N 219 
MET N   H2   sing N N 220 
MET CA  C    sing N N 221 
MET CA  CB   sing N N 222 
MET CA  HA   sing N N 223 
MET C   O    doub N N 224 
MET C   OXT  sing N N 225 
MET CB  CG   sing N N 226 
MET CB  HB2  sing N N 227 
MET CB  HB3  sing N N 228 
MET CG  SD   sing N N 229 
MET CG  HG2  sing N N 230 
MET CG  HG3  sing N N 231 
MET SD  CE   sing N N 232 
MET CE  HE1  sing N N 233 
MET CE  HE2  sing N N 234 
MET CE  HE3  sing N N 235 
MET OXT HXT  sing N N 236 
PHE N   CA   sing N N 237 
PHE N   H    sing N N 238 
PHE N   H2   sing N N 239 
PHE CA  C    sing N N 240 
PHE CA  CB   sing N N 241 
PHE CA  HA   sing N N 242 
PHE C   O    doub N N 243 
PHE C   OXT  sing N N 244 
PHE CB  CG   sing N N 245 
PHE CB  HB2  sing N N 246 
PHE CB  HB3  sing N N 247 
PHE CG  CD1  doub Y N 248 
PHE CG  CD2  sing Y N 249 
PHE CD1 CE1  sing Y N 250 
PHE CD1 HD1  sing N N 251 
PHE CD2 CE2  doub Y N 252 
PHE CD2 HD2  sing N N 253 
PHE CE1 CZ   doub Y N 254 
PHE CE1 HE1  sing N N 255 
PHE CE2 CZ   sing Y N 256 
PHE CE2 HE2  sing N N 257 
PHE CZ  HZ   sing N N 258 
PHE OXT HXT  sing N N 259 
PRO N   CA   sing N N 260 
PRO N   CD   sing N N 261 
PRO N   H    sing N N 262 
PRO CA  C    sing N N 263 
PRO CA  CB   sing N N 264 
PRO CA  HA   sing N N 265 
PRO C   O    doub N N 266 
PRO C   OXT  sing N N 267 
PRO CB  CG   sing N N 268 
PRO CB  HB2  sing N N 269 
PRO CB  HB3  sing N N 270 
PRO CG  CD   sing N N 271 
PRO CG  HG2  sing N N 272 
PRO CG  HG3  sing N N 273 
PRO CD  HD2  sing N N 274 
PRO CD  HD3  sing N N 275 
PRO OXT HXT  sing N N 276 
SER N   CA   sing N N 277 
SER N   H    sing N N 278 
SER N   H2   sing N N 279 
SER CA  C    sing N N 280 
SER CA  CB   sing N N 281 
SER CA  HA   sing N N 282 
SER C   O    doub N N 283 
SER C   OXT  sing N N 284 
SER CB  OG   sing N N 285 
SER CB  HB2  sing N N 286 
SER CB  HB3  sing N N 287 
SER OG  HG   sing N N 288 
SER OXT HXT  sing N N 289 
THR N   CA   sing N N 290 
THR N   H    sing N N 291 
THR N   H2   sing N N 292 
THR CA  C    sing N N 293 
THR CA  CB   sing N N 294 
THR CA  HA   sing N N 295 
THR C   O    doub N N 296 
THR C   OXT  sing N N 297 
THR CB  OG1  sing N N 298 
THR CB  CG2  sing N N 299 
THR CB  HB   sing N N 300 
THR OG1 HG1  sing N N 301 
THR CG2 HG21 sing N N 302 
THR CG2 HG22 sing N N 303 
THR CG2 HG23 sing N N 304 
THR OXT HXT  sing N N 305 
TYR N   CA   sing N N 306 
TYR N   H    sing N N 307 
TYR N   H2   sing N N 308 
TYR CA  C    sing N N 309 
TYR CA  CB   sing N N 310 
TYR CA  HA   sing N N 311 
TYR C   O    doub N N 312 
TYR C   OXT  sing N N 313 
TYR CB  CG   sing N N 314 
TYR CB  HB2  sing N N 315 
TYR CB  HB3  sing N N 316 
TYR CG  CD1  doub Y N 317 
TYR CG  CD2  sing Y N 318 
TYR CD1 CE1  sing Y N 319 
TYR CD1 HD1  sing N N 320 
TYR CD2 CE2  doub Y N 321 
TYR CD2 HD2  sing N N 322 
TYR CE1 CZ   doub Y N 323 
TYR CE1 HE1  sing N N 324 
TYR CE2 CZ   sing Y N 325 
TYR CE2 HE2  sing N N 326 
TYR CZ  OH   sing N N 327 
TYR OH  HH   sing N N 328 
TYR OXT HXT  sing N N 329 
VAL N   CA   sing N N 330 
VAL N   H    sing N N 331 
VAL N   H2   sing N N 332 
VAL CA  C    sing N N 333 
VAL CA  CB   sing N N 334 
VAL CA  HA   sing N N 335 
VAL C   O    doub N N 336 
VAL C   OXT  sing N N 337 
VAL CB  CG1  sing N N 338 
VAL CB  CG2  sing N N 339 
VAL CB  HB   sing N N 340 
VAL CG1 HG11 sing N N 341 
VAL CG1 HG12 sing N N 342 
VAL CG1 HG13 sing N N 343 
VAL CG2 HG21 sing N N 344 
VAL CG2 HG22 sing N N 345 
VAL CG2 HG23 sing N N 346 
VAL OXT HXT  sing N N 347 
# 
_pdbx_entity_nonpoly.entity_id   2 
_pdbx_entity_nonpoly.name        water 
_pdbx_entity_nonpoly.comp_id     HOH 
# 
_pdbx_initial_refinement_model.id               1 
_pdbx_initial_refinement_model.entity_id_list   ? 
_pdbx_initial_refinement_model.type             'experimental model' 
_pdbx_initial_refinement_model.source_name      PDB 
_pdbx_initial_refinement_model.accession_code   1W41 
_pdbx_initial_refinement_model.details          'PDB ENTRY 1W41' 
# 
